data_7CND
#
_entry.id   7CND
#
_cell.length_a   105.333
_cell.length_b   105.333
_cell.length_c   304.205
_cell.angle_alpha   90.000
_cell.angle_beta   90.000
_cell.angle_gamma   90.000
#
_symmetry.space_group_name_H-M   'P 43 21 2'
#
loop_
_entity.id
_entity.type
_entity.pdbx_description
1 polymer 'GTP-binding nuclear protein Ran'
2 polymer 'YRB1 isoform 1'
3 polymer 'CRM1 isoform 1'
4 non-polymer 'MAGNESIUM ION'
5 non-polymer "GUANOSINE-5'-TRIPHOSPHATE"
6 non-polymer 'DIMETHYL SULFOXIDE'
7 non-polymer 'CHLORIDE ION'
8 non-polymer ~{N}-[(~{E})-3-[3,5-bis(trifluoromethyl)phenyl]sulfinylprop-2-enyl]-3-methyl-butan-1-amine
9 non-polymer GLYCEROL
10 non-polymer '3[N-MORPHOLINO]PROPANE SULFONIC ACID'
11 water water
#
loop_
_entity_poly.entity_id
_entity_poly.type
_entity_poly.pdbx_seq_one_letter_code
_entity_poly.pdbx_strand_id
1 'polypeptide(L)'
;MAAQGEPQVQFKLVLVGDGGTGKTTFVKRHLTGEFEKKYVATLGVEVHPLVFHTNRGPIKFNVWDTAGLEKFGGLRDGYY
IQAQCAIIMFDVTSRVTYKNVPNWHRDLVRVCENIPIVLCGNKVDIKDRKVKAKSIVFHRKKNLQYYDISAKSNYNFEKP
FLWLARKLIGDPNLEFVAMPAAAPPEVVMDPALAAQYEHDLEVAQTTALPDEDDDL
;
A
2 'polypeptide(L)'
;DIHFEPVVHLEKVDVKTMEEDEEVLYKVRAKLFRFDADAKEWKERGTGDCKFLKNKKTNKVRILMRRDKTLKICANHIIA
PEYTLKPNVGSDRSWVYACTADIAEGEAEAFTFAIRFGSKENADKFKEEFEKAQEINKKA
;
B
3 'polypeptide(L)'
;GGSMEGILDFSNDLDIALLDQVVSTFYQGEGVQQKQAQEILTKFQDNPDAWEKVDQILQFSTNPQSKFIALSILDKLITR
KWKLLPNDHRIGIRNFVVGMIISMCQDDEVFKTQKNLINKSDLTLVQILKQEWPQNWPEFIPELIGSSSSSVNVCENNMI
VLKLLSEEVFDFSAEQMTQAKALHLKNSMSKEFEQIFKLCFQVLEQGSSSSLIVATLESLLRYLHWIPYRYIYETNILEL
LSTKFMTSPDTRAITLKCLTEVSNLKIPQDNDLIKRQTVLFFQNTLQQIATSVMPVTADLKATYANANGNDQSFLQDLAM
FLTTYLARNRALLESDESLRELLLNAHQYLIQLSKIEERELFKTTLDYWHNLVADLFYEPLKKHIYEEICSQLRLVIIEN
MVRPEEIQLYKSEREVLVYLTHLNVIDTEEIMISKLARQIDGSEWSWHNINTLSWAIGSISGTMSEDTEKRFVVTVIKDL
LGLTEQKRGKDNKAVVARDIMYVVGEYPRFLKAHWNFLRTVILKLFEFMHETHEGVQDMACDTFIKIVQKCKYHFVIQQP
RESEPFIQTIIRDIQKTTADLQPQQVHTFYKACGIIISEERSVAERNRLLSDLMQLPNMAWDTIVEQSTANPTLLLDSET
VKIIANIIKTNVAVCTSMGADFYPQLGHIYYNMLQLYRAVSSMISTQVAAEGLIATKTPKVRGLRTIKKEILKLVETYIS
KARNLDDVVKVLVEPLLNAVLEDYMNNVPDARDAEVLNCMTTVVEKVGHMIPQGVILILQSVFECTLDMINKDFTEYPEH
RVEFYKLLKVINEKSFAAFLELPPAAFKLFVDAICWAFKHNNRDVEVNGLQIALDLVKNIERMGNVPFANEFHKNYFFIF
VSETFFVLTDSDHKSGFSKQALLLMKLISLVYDNKISVPLYQEAEVPQGTSNQVYLSQYLANMLSNAFPHLTSEQIASFL
SALTKQCKDLVVFKGTLRDFLVQIKEVGGDPTDYLFAEDKENA
;
C
#
loop_
_chem_comp.id
_chem_comp.type
_chem_comp.name
_chem_comp.formula
CL non-polymer 'CHLORIDE ION' 'Cl -1'
DMS non-polymer 'DIMETHYL SULFOXIDE' 'C2 H6 O S'
G6U non-polymer ~{N}-[(~{E})-3-[3,5-bis(trifluoromethyl)phenyl]sulfinylprop-2-enyl]-3-methyl-butan-1-amine 'C16 H19 F6 N O S'
GOL non-polymer GLYCEROL 'C3 H8 O3'
GTP non-polymer GUANOSINE-5'-TRIPHOSPHATE 'C10 H16 N5 O14 P3'
MG non-polymer 'MAGNESIUM ION' 'Mg 2'
MPO non-polymer '3[N-MORPHOLINO]PROPANE SULFONIC ACID' 'C7 H15 N O4 S'
#
# COMPACT_ATOMS: atom_id res chain seq x y z
N VAL A 9 24.85 16.27 -15.04
CA VAL A 9 23.93 16.46 -13.86
C VAL A 9 23.15 15.15 -13.61
N GLN A 10 23.84 14.07 -13.21
CA GLN A 10 23.22 12.74 -12.94
C GLN A 10 23.40 12.33 -11.47
N PHE A 11 22.39 11.67 -10.91
CA PHE A 11 22.35 11.23 -9.49
C PHE A 11 22.00 9.75 -9.45
N LYS A 12 22.76 8.98 -8.67
CA LYS A 12 22.49 7.54 -8.46
C LYS A 12 21.34 7.43 -7.46
N LEU A 13 20.26 6.79 -7.87
CA LEU A 13 19.07 6.54 -7.03
C LEU A 13 18.92 5.03 -6.86
N VAL A 14 18.81 4.57 -5.62
CA VAL A 14 18.64 3.14 -5.32
C VAL A 14 17.19 2.92 -4.87
N LEU A 15 16.54 1.92 -5.48
CA LEU A 15 15.15 1.50 -5.18
C LEU A 15 15.22 0.18 -4.41
N VAL A 16 14.72 0.14 -3.18
CA VAL A 16 14.73 -1.09 -2.34
C VAL A 16 13.33 -1.32 -1.79
N GLY A 17 13.07 -2.56 -1.38
CA GLY A 17 11.80 -2.97 -0.77
C GLY A 17 11.46 -4.40 -1.13
N ASP A 18 10.46 -4.97 -0.44
CA ASP A 18 10.07 -6.39 -0.58
C ASP A 18 9.74 -6.71 -2.05
N GLY A 19 9.93 -7.97 -2.43
CA GLY A 19 9.47 -8.48 -3.73
C GLY A 19 8.00 -8.20 -3.93
N GLY A 20 7.61 -7.82 -5.14
CA GLY A 20 6.21 -7.65 -5.54
C GLY A 20 5.59 -6.36 -5.06
N THR A 21 6.36 -5.42 -4.48
CA THR A 21 5.84 -4.12 -3.95
C THR A 21 5.56 -3.15 -5.09
N GLY A 22 6.22 -3.34 -6.25
CA GLY A 22 5.95 -2.54 -7.46
C GLY A 22 7.11 -1.64 -7.86
N LYS A 23 8.33 -1.92 -7.39
CA LYS A 23 9.55 -1.13 -7.72
C LYS A 23 9.72 -1.07 -9.25
N THR A 24 9.82 -2.22 -9.91
CA THR A 24 10.13 -2.30 -11.36
C THR A 24 8.95 -1.69 -12.15
N THR A 25 7.72 -1.96 -11.73
CA THR A 25 6.49 -1.48 -12.41
C THR A 25 6.51 0.05 -12.38
N PHE A 26 6.81 0.62 -11.23
CA PHE A 26 6.89 2.09 -11.01
C PHE A 26 7.94 2.70 -11.95
N VAL A 27 9.16 2.14 -11.97
CA VAL A 27 10.28 2.65 -12.81
C VAL A 27 9.89 2.51 -14.29
N LYS A 28 9.38 1.34 -14.69
CA LYS A 28 9.01 1.05 -16.10
C LYS A 28 7.96 2.06 -16.56
N ARG A 29 6.97 2.35 -15.74
CA ARG A 29 5.92 3.35 -16.07
C ARG A 29 6.61 4.69 -16.35
N HIS A 30 7.58 5.08 -15.50
CA HIS A 30 8.33 6.36 -15.64
C HIS A 30 9.19 6.33 -16.90
N LEU A 31 9.79 5.19 -17.26
CA LEU A 31 10.69 5.05 -18.44
C LEU A 31 9.89 5.10 -19.75
N THR A 32 8.79 4.34 -19.87
CA THR A 32 8.11 4.05 -21.17
C THR A 32 6.64 4.47 -21.18
N GLY A 33 6.04 4.70 -20.02
CA GLY A 33 4.61 5.04 -19.89
C GLY A 33 3.74 3.80 -19.70
N GLU A 34 4.33 2.61 -19.86
CA GLU A 34 3.59 1.32 -19.85
C GLU A 34 3.29 0.91 -18.40
N PHE A 35 2.22 0.14 -18.20
CA PHE A 35 1.91 -0.53 -16.91
C PHE A 35 2.03 -2.04 -17.11
N GLU A 36 3.12 -2.62 -16.60
CA GLU A 36 3.37 -4.08 -16.63
C GLU A 36 2.49 -4.74 -15.56
N LYS A 37 1.52 -5.56 -15.97
CA LYS A 37 0.62 -6.30 -15.05
C LYS A 37 1.32 -7.55 -14.52
N LYS A 38 2.26 -8.13 -15.27
CA LYS A 38 2.93 -9.39 -14.87
C LYS A 38 3.94 -9.08 -13.76
N TYR A 39 4.14 -10.00 -12.85
CA TYR A 39 5.23 -9.97 -11.85
C TYR A 39 6.38 -10.83 -12.34
N VAL A 40 7.41 -10.20 -12.90
CA VAL A 40 8.71 -10.86 -13.23
C VAL A 40 9.75 -10.32 -12.26
N ALA A 41 10.11 -11.12 -11.26
CA ALA A 41 11.04 -10.75 -10.16
C ALA A 41 12.36 -10.26 -10.76
N THR A 42 12.88 -9.13 -10.25
CA THR A 42 14.19 -8.58 -10.66
C THR A 42 15.27 -9.54 -10.18
N LEU A 43 16.28 -9.78 -11.02
CA LEU A 43 17.47 -10.60 -10.67
C LEU A 43 18.61 -9.65 -10.30
N GLY A 44 18.88 -9.48 -9.01
CA GLY A 44 19.94 -8.59 -8.50
C GLY A 44 19.56 -7.13 -8.65
N VAL A 45 19.82 -6.53 -9.81
CA VAL A 45 19.53 -5.10 -10.09
C VAL A 45 19.32 -4.88 -11.59
N GLU A 46 18.48 -3.91 -11.93
CA GLU A 46 18.31 -3.35 -13.29
C GLU A 46 18.62 -1.85 -13.20
N VAL A 47 19.55 -1.38 -14.02
CA VAL A 47 19.98 0.05 -14.05
C VAL A 47 19.39 0.72 -15.29
N HIS A 48 18.62 1.79 -15.10
CA HIS A 48 18.03 2.61 -16.19
C HIS A 48 18.26 4.09 -15.91
N PRO A 49 18.76 4.86 -16.90
CA PRO A 49 18.73 6.31 -16.81
C PRO A 49 17.28 6.79 -16.92
N LEU A 50 16.91 7.77 -16.10
CA LEU A 50 15.58 8.42 -16.12
C LEU A 50 15.78 9.93 -16.04
N VAL A 51 15.34 10.68 -17.05
CA VAL A 51 15.58 12.15 -17.15
C VAL A 51 14.25 12.86 -16.88
N PHE A 52 14.27 13.91 -16.06
CA PHE A 52 13.13 14.85 -15.95
C PHE A 52 13.60 16.22 -16.41
N HIS A 53 12.69 16.96 -17.05
CA HIS A 53 12.87 18.36 -17.47
C HIS A 53 12.32 19.27 -16.36
N THR A 54 13.19 20.11 -15.79
CA THR A 54 12.84 21.05 -14.70
C THR A 54 13.03 22.49 -15.18
N ASN A 55 12.50 23.45 -14.41
CA ASN A 55 12.70 24.90 -14.66
C ASN A 55 14.16 25.30 -14.39
N ARG A 56 14.98 24.36 -13.90
CA ARG A 56 16.43 24.56 -13.65
C ARG A 56 17.26 23.67 -14.59
N GLY A 57 16.67 23.19 -15.70
CA GLY A 57 17.33 22.31 -16.68
C GLY A 57 17.09 20.84 -16.38
N PRO A 58 17.64 19.91 -17.19
CA PRO A 58 17.32 18.49 -17.07
C PRO A 58 18.03 17.93 -15.83
N ILE A 59 17.39 16.94 -15.18
CA ILE A 59 18.03 16.15 -14.10
C ILE A 59 17.93 14.68 -14.48
N LYS A 60 19.06 13.98 -14.42
CA LYS A 60 19.16 12.55 -14.78
C LYS A 60 19.36 11.74 -13.50
N PHE A 61 18.47 10.77 -13.27
CA PHE A 61 18.62 9.75 -12.21
C PHE A 61 19.17 8.47 -12.84
N ASN A 62 20.23 7.92 -12.29
CA ASN A 62 20.71 6.56 -12.65
C ASN A 62 20.03 5.63 -11.66
N VAL A 63 18.93 5.00 -12.12
CA VAL A 63 18.01 4.24 -11.22
C VAL A 63 18.53 2.82 -11.12
N TRP A 64 18.94 2.45 -9.91
CA TRP A 64 19.35 1.07 -9.55
C TRP A 64 18.16 0.38 -8.91
N ASP A 65 17.36 -0.28 -9.74
CA ASP A 65 16.12 -0.99 -9.33
C ASP A 65 16.55 -2.38 -8.84
N THR A 66 16.60 -2.58 -7.51
CA THR A 66 17.18 -3.79 -6.89
C THR A 66 16.11 -4.86 -6.62
N ALA A 67 16.56 -6.09 -6.46
CA ALA A 67 15.71 -7.27 -6.17
C ALA A 67 15.29 -7.23 -4.70
N GLY A 68 14.00 -7.43 -4.46
CA GLY A 68 13.41 -7.53 -3.11
C GLY A 68 13.41 -8.95 -2.58
N LEU A 69 13.40 -9.96 -3.46
CA LEU A 69 13.36 -11.38 -3.03
C LEU A 69 14.78 -11.80 -2.64
N GLU A 70 14.91 -12.44 -1.48
CA GLU A 70 16.23 -12.83 -0.92
C GLU A 70 16.95 -13.75 -1.91
N LYS A 71 16.27 -14.72 -2.50
CA LYS A 71 16.88 -15.69 -3.45
C LYS A 71 17.35 -14.97 -4.72
N PHE A 72 16.90 -13.75 -5.01
CA PHE A 72 17.36 -13.00 -6.20
C PHE A 72 18.14 -11.74 -5.79
N GLY A 73 18.59 -11.66 -4.53
CA GLY A 73 19.16 -10.45 -3.91
C GLY A 73 20.45 -9.97 -4.58
N GLY A 74 21.20 -10.90 -5.21
CA GLY A 74 22.49 -10.62 -5.86
C GLY A 74 23.50 -10.02 -4.89
N LEU A 75 24.00 -8.82 -5.21
CA LEU A 75 25.04 -8.11 -4.41
C LEU A 75 24.40 -7.42 -3.21
N ARG A 76 23.06 -7.31 -3.17
CA ARG A 76 22.33 -6.70 -2.03
C ARG A 76 22.89 -5.30 -1.76
N ASP A 77 23.47 -5.05 -0.58
CA ASP A 77 23.87 -3.70 -0.14
C ASP A 77 25.04 -3.19 -0.99
N GLY A 78 25.75 -4.09 -1.67
CA GLY A 78 26.74 -3.76 -2.71
C GLY A 78 26.18 -2.79 -3.75
N TYR A 79 24.85 -2.82 -3.97
CA TYR A 79 24.17 -1.93 -4.94
C TYR A 79 24.09 -0.50 -4.41
N TYR A 80 24.21 -0.30 -3.10
CA TYR A 80 23.88 1.01 -2.47
C TYR A 80 25.11 1.94 -2.53
N ILE A 81 26.28 1.41 -2.86
CA ILE A 81 27.58 2.15 -2.78
C ILE A 81 27.47 3.42 -3.64
N GLN A 82 27.69 4.59 -3.02
CA GLN A 82 27.75 5.93 -3.65
C GLN A 82 26.38 6.32 -4.23
N ALA A 83 25.29 5.72 -3.74
CA ALA A 83 23.92 6.24 -4.01
C ALA A 83 23.81 7.65 -3.43
N GLN A 84 23.18 8.56 -4.16
CA GLN A 84 22.97 9.96 -3.73
C GLN A 84 21.54 10.13 -3.21
N CYS A 85 20.66 9.16 -3.47
CA CYS A 85 19.25 9.21 -3.02
C CYS A 85 18.65 7.82 -3.11
N ALA A 86 17.45 7.64 -2.58
CA ALA A 86 16.82 6.32 -2.47
C ALA A 86 15.31 6.45 -2.35
N ILE A 87 14.64 5.42 -2.85
CA ILE A 87 13.20 5.15 -2.60
C ILE A 87 13.13 3.79 -1.88
N ILE A 88 12.44 3.75 -0.74
CA ILE A 88 12.06 2.49 -0.05
C ILE A 88 10.58 2.28 -0.35
N MET A 89 10.26 1.14 -0.95
CA MET A 89 8.89 0.81 -1.41
C MET A 89 8.29 -0.27 -0.51
N PHE A 90 7.02 -0.12 -0.15
CA PHE A 90 6.20 -1.23 0.37
C PHE A 90 4.85 -1.19 -0.33
N ASP A 91 4.02 -2.17 -0.01
CA ASP A 91 2.72 -2.40 -0.64
C ASP A 91 1.66 -2.24 0.45
N VAL A 92 0.77 -1.25 0.32
CA VAL A 92 -0.25 -0.97 1.36
C VAL A 92 -1.28 -2.11 1.42
N THR A 93 -1.23 -3.07 0.49
CA THR A 93 -2.11 -4.27 0.55
C THR A 93 -1.39 -5.43 1.26
N SER A 94 -0.12 -5.29 1.65
CA SER A 94 0.66 -6.39 2.27
C SER A 94 1.40 -5.88 3.52
N ARG A 95 0.88 -6.19 4.70
CA ARG A 95 1.39 -5.72 6.00
C ARG A 95 2.88 -6.06 6.17
N VAL A 96 3.27 -7.28 5.79
CA VAL A 96 4.66 -7.78 5.98
C VAL A 96 5.63 -6.81 5.28
N THR A 97 5.23 -6.23 4.15
CA THR A 97 6.10 -5.35 3.33
C THR A 97 6.38 -4.07 4.13
N TYR A 98 5.41 -3.61 4.95
CA TYR A 98 5.65 -2.43 5.83
C TYR A 98 6.53 -2.85 7.02
N LYS A 99 6.27 -4.03 7.60
CA LYS A 99 7.07 -4.58 8.73
C LYS A 99 8.54 -4.66 8.33
N ASN A 100 8.84 -4.87 7.06
CA ASN A 100 10.23 -5.03 6.56
C ASN A 100 10.87 -3.68 6.23
N VAL A 101 10.13 -2.58 6.21
CA VAL A 101 10.67 -1.24 5.85
C VAL A 101 11.87 -0.91 6.76
N PRO A 102 11.81 -1.10 8.11
CA PRO A 102 12.97 -0.79 8.95
C PRO A 102 14.21 -1.60 8.60
N ASN A 103 14.04 -2.83 8.09
CA ASN A 103 15.15 -3.72 7.67
C ASN A 103 15.81 -3.14 6.40
N TRP A 104 15.01 -2.74 5.40
CA TRP A 104 15.57 -2.12 4.17
C TRP A 104 16.29 -0.82 4.55
N HIS A 105 15.66 0.01 5.37
CA HIS A 105 16.23 1.31 5.81
C HIS A 105 17.57 1.07 6.51
N ARG A 106 17.60 0.12 7.43
CA ARG A 106 18.84 -0.27 8.16
C ARG A 106 19.96 -0.56 7.15
N ASP A 107 19.72 -1.47 6.21
CA ASP A 107 20.75 -1.93 5.25
C ASP A 107 21.19 -0.76 4.38
N LEU A 108 20.24 0.10 4.00
CA LEU A 108 20.49 1.28 3.14
C LEU A 108 21.37 2.30 3.88
N VAL A 109 20.98 2.78 5.06
CA VAL A 109 21.67 3.94 5.70
C VAL A 109 23.04 3.51 6.25
N ARG A 110 23.27 2.21 6.46
CA ARG A 110 24.60 1.72 6.87
C ARG A 110 25.60 2.00 5.74
N VAL A 111 25.15 1.98 4.48
CA VAL A 111 26.01 2.23 3.29
C VAL A 111 25.91 3.72 2.90
N CYS A 112 24.73 4.32 2.96
CA CYS A 112 24.44 5.72 2.54
C CYS A 112 23.97 6.55 3.75
N GLU A 113 24.90 7.18 4.45
CA GLU A 113 24.64 7.75 5.80
C GLU A 113 23.82 9.04 5.70
N ASN A 114 23.97 9.81 4.64
CA ASN A 114 23.39 11.19 4.59
C ASN A 114 22.79 11.46 3.21
N ILE A 115 21.74 10.72 2.85
CA ILE A 115 21.08 10.90 1.53
C ILE A 115 19.60 11.13 1.73
N PRO A 116 18.96 11.89 0.82
CA PRO A 116 17.51 12.06 0.86
C PRO A 116 16.86 10.73 0.46
N ILE A 117 15.85 10.32 1.22
CA ILE A 117 15.14 9.02 1.05
C ILE A 117 13.63 9.28 1.10
N VAL A 118 12.91 8.71 0.14
CA VAL A 118 11.42 8.71 0.12
C VAL A 118 10.96 7.30 0.44
N LEU A 119 10.04 7.20 1.40
CA LEU A 119 9.26 5.99 1.68
C LEU A 119 7.97 6.09 0.86
N CYS A 120 7.69 5.06 0.05
CA CYS A 120 6.50 5.01 -0.84
C CYS A 120 5.62 3.80 -0.50
N GLY A 121 4.38 4.08 -0.09
CA GLY A 121 3.34 3.06 0.09
C GLY A 121 2.60 2.92 -1.23
N ASN A 122 2.91 1.86 -1.96
CA ASN A 122 2.39 1.64 -3.34
C ASN A 122 1.07 0.86 -3.28
N LYS A 123 0.34 0.86 -4.40
CA LYS A 123 -0.92 0.12 -4.64
C LYS A 123 -2.06 0.72 -3.83
N VAL A 124 -2.10 2.04 -3.64
CA VAL A 124 -3.24 2.70 -2.95
C VAL A 124 -4.49 2.66 -3.84
N ASP A 125 -4.39 2.25 -5.11
CA ASP A 125 -5.57 2.08 -6.01
C ASP A 125 -6.47 0.94 -5.53
N ILE A 126 -5.93 -0.01 -4.78
CA ILE A 126 -6.65 -1.25 -4.38
C ILE A 126 -7.54 -0.92 -3.17
N LYS A 127 -8.83 -1.26 -3.27
CA LYS A 127 -9.88 -0.88 -2.29
C LYS A 127 -9.55 -1.45 -0.90
N ASP A 128 -9.14 -2.71 -0.84
CA ASP A 128 -8.91 -3.45 0.43
C ASP A 128 -7.50 -3.13 0.92
N ARG A 129 -7.30 -1.94 1.47
CA ARG A 129 -5.99 -1.46 1.97
C ARG A 129 -5.73 -2.07 3.35
N LYS A 130 -4.54 -2.65 3.57
CA LYS A 130 -4.19 -3.38 4.81
C LYS A 130 -3.27 -2.54 5.70
N VAL A 131 -2.35 -1.76 5.12
CA VAL A 131 -1.47 -0.85 5.91
C VAL A 131 -2.15 0.52 5.96
N LYS A 132 -2.84 0.76 7.07
CA LYS A 132 -3.66 1.97 7.33
C LYS A 132 -2.72 3.17 7.48
N ALA A 133 -3.16 4.35 7.03
CA ALA A 133 -2.46 5.65 7.19
C ALA A 133 -1.89 5.76 8.61
N LYS A 134 -2.72 5.49 9.61
CA LYS A 134 -2.38 5.69 11.05
C LYS A 134 -1.20 4.80 11.47
N SER A 135 -0.96 3.68 10.80
CA SER A 135 0.14 2.74 11.10
C SER A 135 1.47 3.27 10.55
N ILE A 136 1.44 4.14 9.55
CA ILE A 136 2.66 4.50 8.75
C ILE A 136 3.33 5.69 9.45
N VAL A 137 4.29 5.42 10.32
CA VAL A 137 4.96 6.45 11.18
C VAL A 137 6.48 6.28 11.11
N PHE A 138 7.01 5.24 10.46
CA PHE A 138 8.45 4.91 10.54
C PHE A 138 9.31 6.06 10.01
N HIS A 139 8.81 6.76 8.99
CA HIS A 139 9.51 7.86 8.28
C HIS A 139 9.86 9.02 9.23
N ARG A 140 9.06 9.26 10.27
CA ARG A 140 9.13 10.53 11.04
C ARG A 140 10.51 10.65 11.72
N LYS A 141 10.90 9.66 12.52
CA LYS A 141 12.17 9.74 13.28
C LYS A 141 13.34 9.58 12.32
N LYS A 142 13.12 9.02 11.13
CA LYS A 142 14.22 8.77 10.17
C LYS A 142 14.30 9.88 9.14
N ASN A 143 13.45 10.91 9.24
CA ASN A 143 13.49 12.10 8.36
C ASN A 143 13.30 11.68 6.90
N LEU A 144 12.49 10.65 6.65
CA LEU A 144 12.15 10.24 5.25
C LEU A 144 10.91 11.03 4.82
N GLN A 145 10.87 11.45 3.56
CA GLN A 145 9.61 11.89 2.94
C GLN A 145 8.73 10.65 2.79
N TYR A 146 7.42 10.80 2.95
CA TYR A 146 6.44 9.71 2.71
C TYR A 146 5.41 10.14 1.65
N TYR A 147 5.13 9.24 0.70
CA TYR A 147 4.00 9.37 -0.25
C TYR A 147 3.22 8.06 -0.36
N ASP A 148 1.90 8.13 -0.26
CA ASP A 148 0.97 7.16 -0.88
C ASP A 148 1.15 7.29 -2.38
N ILE A 149 1.39 6.17 -3.07
CA ILE A 149 1.53 6.17 -4.56
C ILE A 149 0.76 4.99 -5.15
N SER A 150 0.45 5.10 -6.44
CA SER A 150 -0.06 3.99 -7.27
C SER A 150 0.61 4.04 -8.63
N ALA A 151 1.47 3.06 -8.91
CA ALA A 151 2.04 2.88 -10.26
C ALA A 151 0.91 2.58 -11.26
N LYS A 152 -0.25 2.11 -10.80
CA LYS A 152 -1.39 1.69 -11.68
C LYS A 152 -2.27 2.90 -12.01
N SER A 153 -2.68 3.68 -11.00
CA SER A 153 -3.57 4.86 -11.18
C SER A 153 -2.75 6.13 -11.44
N ASN A 154 -1.42 6.09 -11.23
CA ASN A 154 -0.49 7.24 -11.32
C ASN A 154 -0.70 8.22 -10.16
N TYR A 155 -1.42 7.83 -9.12
CA TYR A 155 -1.58 8.65 -7.89
C TYR A 155 -0.20 9.04 -7.35
N ASN A 156 0.10 10.33 -7.24
CA ASN A 156 1.38 10.88 -6.67
C ASN A 156 2.60 10.30 -7.40
N PHE A 157 2.42 9.96 -8.67
CA PHE A 157 3.36 9.16 -9.50
C PHE A 157 4.73 9.85 -9.57
N GLU A 158 4.72 11.17 -9.73
CA GLU A 158 5.92 12.01 -9.97
C GLU A 158 6.51 12.52 -8.64
N LYS A 159 5.76 12.45 -7.55
CA LYS A 159 6.09 13.11 -6.25
C LYS A 159 7.46 12.64 -5.74
N PRO A 160 7.78 11.33 -5.70
CA PRO A 160 9.06 10.87 -5.15
C PRO A 160 10.24 11.53 -5.88
N PHE A 161 10.18 11.61 -7.20
CA PHE A 161 11.27 12.17 -8.05
C PHE A 161 11.31 13.70 -7.93
N LEU A 162 10.15 14.36 -7.84
CA LEU A 162 10.09 15.84 -7.66
C LEU A 162 10.77 16.20 -6.32
N TRP A 163 10.46 15.44 -5.26
CA TRP A 163 11.00 15.69 -3.91
C TRP A 163 12.52 15.51 -3.93
N LEU A 164 13.00 14.38 -4.46
CA LEU A 164 14.45 14.08 -4.53
C LEU A 164 15.18 15.14 -5.39
N ALA A 165 14.61 15.56 -6.51
CA ALA A 165 15.20 16.59 -7.39
C ALA A 165 15.39 17.90 -6.61
N ARG A 166 14.38 18.29 -5.83
CA ARG A 166 14.45 19.51 -4.98
C ARG A 166 15.59 19.36 -3.95
N LYS A 167 15.72 18.19 -3.34
CA LYS A 167 16.76 17.95 -2.30
C LYS A 167 18.15 17.93 -2.96
N LEU A 168 18.31 17.27 -4.10
CA LEU A 168 19.64 17.08 -4.76
C LEU A 168 20.15 18.37 -5.40
N ILE A 169 19.28 19.15 -6.04
CA ILE A 169 19.66 20.46 -6.67
C ILE A 169 19.74 21.53 -5.57
N GLY A 170 19.07 21.31 -4.43
CA GLY A 170 19.01 22.28 -3.30
C GLY A 170 18.19 23.50 -3.69
N ASP A 171 17.12 23.31 -4.46
CA ASP A 171 16.17 24.38 -4.88
C ASP A 171 14.77 23.89 -4.55
N PRO A 172 14.13 24.44 -3.49
CA PRO A 172 12.79 23.97 -3.08
C PRO A 172 11.68 24.40 -4.06
N ASN A 173 11.97 25.33 -4.97
CA ASN A 173 11.01 25.87 -5.98
C ASN A 173 11.24 25.22 -7.35
N LEU A 174 12.07 24.18 -7.43
CA LEU A 174 12.26 23.39 -8.69
C LEU A 174 10.90 22.79 -9.07
N GLU A 175 10.53 22.89 -10.35
CA GLU A 175 9.27 22.30 -10.88
C GLU A 175 9.64 21.43 -12.08
N PHE A 176 8.90 20.35 -12.31
CA PHE A 176 8.89 19.65 -13.62
C PHE A 176 8.19 20.58 -14.61
N VAL A 177 8.74 20.67 -15.82
CA VAL A 177 8.17 21.53 -16.90
C VAL A 177 8.00 20.66 -18.16
N ALA A 178 7.14 21.13 -19.06
CA ALA A 178 6.92 20.52 -20.40
C ALA A 178 8.15 20.76 -21.28
N MET A 179 8.90 19.69 -21.61
CA MET A 179 9.86 19.62 -22.75
C MET A 179 9.22 20.22 -24.00
N PRO A 180 9.61 21.43 -24.51
CA PRO A 180 9.03 21.99 -25.73
C PRO A 180 9.13 21.01 -26.91
N ALA A 181 8.12 21.00 -27.79
CA ALA A 181 7.83 19.89 -28.74
C ALA A 181 8.23 20.30 -30.16
N ALA A 182 9.31 19.72 -30.69
CA ALA A 182 9.82 19.99 -32.05
C ALA A 182 8.74 19.63 -33.07
N ALA A 183 8.66 20.38 -34.16
CA ALA A 183 7.76 20.11 -35.31
C ALA A 183 8.10 18.71 -35.83
N PRO A 184 7.11 17.79 -35.90
CA PRO A 184 7.37 16.43 -36.37
C PRO A 184 7.52 16.39 -37.89
N PRO A 185 8.32 15.45 -38.44
CA PRO A 185 8.60 15.40 -39.87
C PRO A 185 7.40 14.92 -40.68
N GLU A 186 7.18 15.51 -41.85
CA GLU A 186 6.16 15.03 -42.83
C GLU A 186 6.74 13.80 -43.53
N VAL A 187 5.88 12.83 -43.85
CA VAL A 187 6.29 11.49 -44.34
C VAL A 187 5.61 11.21 -45.68
N VAL A 188 6.23 10.34 -46.48
CA VAL A 188 5.62 9.66 -47.66
C VAL A 188 5.67 8.15 -47.39
N MET A 189 4.56 7.47 -47.62
CA MET A 189 4.50 6.00 -47.41
C MET A 189 5.44 5.32 -48.40
N ASP A 190 6.16 4.31 -47.92
CA ASP A 190 7.06 3.49 -48.78
C ASP A 190 6.21 2.38 -49.41
N PRO A 191 5.97 2.40 -50.74
CA PRO A 191 5.06 1.44 -51.37
C PRO A 191 5.54 -0.03 -51.28
N ALA A 192 6.81 -0.26 -50.97
CA ALA A 192 7.42 -1.59 -50.77
C ALA A 192 6.96 -2.21 -49.44
N LEU A 193 6.63 -1.39 -48.44
CA LEU A 193 6.19 -1.84 -47.09
C LEU A 193 4.68 -1.61 -46.88
N ALA A 194 3.93 -1.38 -47.97
CA ALA A 194 2.45 -1.28 -47.97
C ALA A 194 1.85 -2.59 -47.44
N ALA A 195 2.23 -3.72 -48.06
CA ALA A 195 1.79 -5.09 -47.73
C ALA A 195 2.15 -5.44 -46.27
N GLN A 196 3.33 -5.02 -45.81
CA GLN A 196 3.82 -5.27 -44.43
C GLN A 196 2.90 -4.58 -43.42
N TYR A 197 2.46 -3.35 -43.71
CA TYR A 197 1.67 -2.51 -42.79
C TYR A 197 0.25 -3.07 -42.68
N GLU A 198 -0.32 -3.55 -43.79
CA GLU A 198 -1.63 -4.24 -43.80
C GLU A 198 -1.61 -5.38 -42.77
N HIS A 199 -0.55 -6.18 -42.78
CA HIS A 199 -0.44 -7.32 -41.84
C HIS A 199 -0.38 -6.86 -40.39
N ASP A 200 0.56 -5.98 -40.06
CA ASP A 200 0.80 -5.51 -38.67
C ASP A 200 -0.48 -4.85 -38.12
N LEU A 201 -1.25 -4.18 -38.98
CA LEU A 201 -2.49 -3.46 -38.58
C LEU A 201 -3.61 -4.46 -38.34
N GLU A 202 -3.70 -5.52 -39.16
CA GLU A 202 -4.67 -6.64 -38.98
C GLU A 202 -4.45 -7.24 -37.59
N VAL A 203 -3.19 -7.57 -37.25
CA VAL A 203 -2.79 -8.23 -35.97
C VAL A 203 -3.16 -7.33 -34.78
N ALA A 204 -3.01 -6.01 -34.93
CA ALA A 204 -3.18 -5.01 -33.85
C ALA A 204 -4.67 -4.72 -33.64
N GLN A 205 -5.45 -4.59 -34.71
CA GLN A 205 -6.93 -4.38 -34.66
C GLN A 205 -7.62 -5.56 -33.95
N THR A 206 -7.12 -6.78 -34.08
CA THR A 206 -7.75 -8.04 -33.58
C THR A 206 -7.12 -8.47 -32.24
N THR A 207 -6.17 -7.70 -31.71
CA THR A 207 -5.65 -7.85 -30.33
C THR A 207 -6.31 -6.80 -29.44
N ALA A 208 -7.08 -7.23 -28.43
CA ALA A 208 -7.89 -6.37 -27.54
C ALA A 208 -6.97 -5.42 -26.76
N LEU A 209 -7.39 -4.17 -26.60
CA LEU A 209 -6.73 -3.21 -25.70
C LEU A 209 -6.98 -3.65 -24.26
N PRO A 210 -5.98 -3.54 -23.35
CA PRO A 210 -6.18 -3.93 -21.97
C PRO A 210 -7.08 -2.96 -21.18
N ASP A 211 -7.73 -3.47 -20.13
CA ASP A 211 -8.45 -2.68 -19.09
C ASP A 211 -9.58 -1.85 -19.70
N GLU A 212 -10.42 -2.47 -20.51
CA GLU A 212 -11.51 -1.78 -21.27
C GLU A 212 -12.56 -1.22 -20.29
N ASP A 213 -12.47 -1.56 -19.00
CA ASP A 213 -13.39 -1.10 -17.92
C ASP A 213 -12.85 0.14 -17.20
N ASP A 214 -11.61 0.56 -17.45
CA ASP A 214 -11.00 1.78 -16.85
C ASP A 214 -11.69 3.04 -17.41
N ASP A 215 -11.42 4.20 -16.81
CA ASP A 215 -12.02 5.51 -17.18
C ASP A 215 -11.35 6.04 -18.45
N LEU A 216 -10.10 5.64 -18.71
CA LEU A 216 -9.40 5.78 -20.01
C LEU A 216 -8.57 4.52 -20.25
N GLU B 19 4.98 24.85 -28.69
CA GLU B 19 3.49 24.92 -28.85
C GLU B 19 2.99 26.37 -28.88
N GLU B 20 3.87 27.36 -28.65
CA GLU B 20 3.50 28.80 -28.59
C GLU B 20 3.19 29.34 -30.00
N ASP B 21 3.73 28.69 -31.05
CA ASP B 21 3.53 29.09 -32.47
C ASP B 21 2.33 28.33 -33.07
N GLU B 22 1.44 27.75 -32.25
CA GLU B 22 0.39 26.82 -32.73
C GLU B 22 -0.97 27.18 -32.13
N GLU B 23 -2.04 26.97 -32.91
CA GLU B 23 -3.47 27.12 -32.52
C GLU B 23 -3.97 25.75 -32.05
N VAL B 24 -4.71 25.69 -30.93
CA VAL B 24 -5.30 24.44 -30.37
C VAL B 24 -6.67 24.20 -31.02
N LEU B 25 -6.74 23.31 -32.01
CA LEU B 25 -7.96 23.00 -32.80
C LEU B 25 -8.90 22.10 -32.00
N TYR B 26 -8.35 21.17 -31.23
CA TYR B 26 -9.12 20.14 -30.49
C TYR B 26 -8.26 19.65 -29.33
N LYS B 27 -8.91 19.39 -28.19
CA LYS B 27 -8.27 18.89 -26.95
C LYS B 27 -9.19 17.86 -26.32
N VAL B 28 -8.70 16.64 -26.11
CA VAL B 28 -9.49 15.56 -25.46
C VAL B 28 -8.55 14.68 -24.61
N ARG B 29 -9.02 14.29 -23.42
CA ARG B 29 -8.33 13.33 -22.53
C ARG B 29 -8.36 11.95 -23.22
N ALA B 30 -7.22 11.28 -23.25
CA ALA B 30 -7.05 9.99 -23.95
C ALA B 30 -5.98 9.16 -23.26
N LYS B 31 -6.01 7.85 -23.51
CA LYS B 31 -4.91 6.92 -23.19
C LYS B 31 -4.39 6.40 -24.53
N LEU B 32 -3.07 6.51 -24.74
CA LEU B 32 -2.37 6.08 -25.97
C LEU B 32 -1.64 4.78 -25.69
N PHE B 33 -1.77 3.82 -26.61
CA PHE B 33 -1.02 2.55 -26.63
C PHE B 33 -0.20 2.48 -27.92
N ARG B 34 0.90 1.76 -27.86
CA ARG B 34 1.70 1.36 -29.03
C ARG B 34 1.71 -0.17 -29.02
N PHE B 35 1.71 -0.79 -30.19
CA PHE B 35 1.67 -2.27 -30.33
C PHE B 35 3.10 -2.80 -30.35
N ASP B 36 3.38 -3.75 -29.46
CA ASP B 36 4.66 -4.50 -29.39
C ASP B 36 4.45 -5.82 -30.15
N ALA B 37 4.99 -5.91 -31.37
CA ALA B 37 4.92 -7.09 -32.26
C ALA B 37 5.67 -8.26 -31.62
N ASP B 38 6.85 -7.99 -31.04
CA ASP B 38 7.65 -8.98 -30.25
C ASP B 38 6.72 -9.67 -29.24
N ALA B 39 6.13 -8.90 -28.32
CA ALA B 39 5.35 -9.41 -27.16
C ALA B 39 3.88 -9.60 -27.54
N LYS B 40 3.50 -9.32 -28.79
CA LYS B 40 2.15 -9.58 -29.36
C LYS B 40 1.06 -8.85 -28.55
N GLU B 41 1.40 -7.75 -27.86
CA GLU B 41 0.47 -7.08 -26.90
C GLU B 41 0.54 -5.56 -27.05
N TRP B 42 -0.52 -4.90 -26.62
CA TRP B 42 -0.63 -3.42 -26.51
C TRP B 42 0.07 -2.96 -25.23
N LYS B 43 0.97 -2.00 -25.33
CA LYS B 43 1.66 -1.36 -24.19
C LYS B 43 1.26 0.12 -24.12
N GLU B 44 0.79 0.55 -22.96
CA GLU B 44 0.43 1.97 -22.72
C GLU B 44 1.67 2.83 -22.97
N ARG B 45 1.49 3.98 -23.61
CA ARG B 45 2.58 4.95 -23.85
C ARG B 45 2.35 6.23 -23.05
N GLY B 46 1.10 6.54 -22.71
CA GLY B 46 0.79 7.76 -21.94
C GLY B 46 -0.70 7.97 -21.75
N THR B 47 -1.05 8.72 -20.72
CA THR B 47 -2.42 9.22 -20.47
C THR B 47 -2.34 10.72 -20.26
N GLY B 48 -3.24 11.48 -20.88
CA GLY B 48 -3.31 12.94 -20.68
C GLY B 48 -4.03 13.61 -21.83
N ASP B 49 -3.80 14.91 -22.01
CA ASP B 49 -4.51 15.74 -23.02
C ASP B 49 -3.88 15.44 -24.38
N CYS B 50 -4.68 14.92 -25.30
CA CYS B 50 -4.33 14.81 -26.74
C CYS B 50 -4.78 16.10 -27.41
N LYS B 51 -3.85 16.79 -28.07
CA LYS B 51 -4.10 18.11 -28.71
C LYS B 51 -3.82 17.99 -30.21
N PHE B 52 -4.69 18.58 -31.01
CA PHE B 52 -4.48 18.83 -32.46
C PHE B 52 -3.99 20.27 -32.58
N LEU B 53 -2.71 20.45 -32.94
CA LEU B 53 -2.06 21.79 -32.97
C LEU B 53 -1.80 22.20 -34.41
N LYS B 54 -2.36 23.33 -34.82
CA LYS B 54 -2.13 23.90 -36.18
C LYS B 54 -1.00 24.93 -36.08
N ASN B 55 0.08 24.68 -36.82
CA ASN B 55 1.28 25.54 -36.90
C ASN B 55 0.89 26.83 -37.65
N LYS B 56 1.01 28.00 -37.01
CA LYS B 56 0.61 29.31 -37.57
C LYS B 56 1.43 29.62 -38.84
N LYS B 57 2.62 29.04 -38.99
CA LYS B 57 3.55 29.34 -40.11
C LYS B 57 3.24 28.47 -41.34
N THR B 58 3.01 27.17 -41.14
CA THR B 58 2.85 26.16 -42.24
C THR B 58 1.40 25.71 -42.38
N ASN B 59 0.54 25.99 -41.39
CA ASN B 59 -0.89 25.56 -41.32
C ASN B 59 -0.98 24.03 -41.30
N LYS B 60 0.09 23.35 -40.87
CA LYS B 60 0.15 21.87 -40.69
C LYS B 60 -0.37 21.53 -39.29
N VAL B 61 -1.23 20.52 -39.19
CA VAL B 61 -1.85 20.06 -37.92
C VAL B 61 -1.14 18.79 -37.46
N ARG B 62 -0.58 18.81 -36.25
CA ARG B 62 0.06 17.63 -35.62
C ARG B 62 -0.81 17.17 -34.47
N ILE B 63 -0.64 15.91 -34.07
CA ILE B 63 -1.06 15.42 -32.73
C ILE B 63 0.11 15.66 -31.78
N LEU B 64 -0.16 16.34 -30.67
CA LEU B 64 0.81 16.45 -29.54
C LEU B 64 0.10 16.05 -28.25
N MET B 65 0.61 14.99 -27.62
CA MET B 65 0.02 14.40 -26.39
C MET B 65 1.10 14.39 -25.31
N ARG B 66 0.76 14.87 -24.12
CA ARG B 66 1.65 14.90 -22.93
C ARG B 66 1.03 14.07 -21.81
N ARG B 67 1.86 13.38 -21.04
CA ARG B 67 1.45 12.53 -19.88
C ARG B 67 1.00 13.44 -18.73
N ASP B 68 -0.04 13.02 -18.01
CA ASP B 68 -0.41 13.59 -16.69
C ASP B 68 0.83 13.61 -15.80
N LYS B 69 0.93 14.61 -14.93
CA LYS B 69 1.92 14.71 -13.81
C LYS B 69 3.29 15.15 -14.36
N THR B 70 3.90 14.37 -15.28
CA THR B 70 5.31 14.56 -15.75
C THR B 70 5.37 15.50 -16.96
N LEU B 71 4.27 15.62 -17.72
CA LEU B 71 4.11 16.48 -18.93
C LEU B 71 5.03 15.99 -20.06
N LYS B 72 5.51 14.75 -20.00
CA LYS B 72 6.41 14.17 -21.03
C LYS B 72 5.60 13.82 -22.28
N ILE B 73 6.20 14.01 -23.45
CA ILE B 73 5.54 13.83 -24.78
C ILE B 73 5.37 12.32 -25.02
N CYS B 74 4.15 11.83 -25.25
CA CYS B 74 3.91 10.41 -25.63
C CYS B 74 3.44 10.31 -27.09
N ALA B 75 3.07 11.42 -27.73
CA ALA B 75 2.78 11.46 -29.18
C ALA B 75 3.13 12.83 -29.75
N ASN B 76 3.79 12.81 -30.91
CA ASN B 76 4.23 14.02 -31.65
C ASN B 76 4.40 13.61 -33.12
N HIS B 77 3.35 13.77 -33.91
CA HIS B 77 3.35 13.39 -35.35
C HIS B 77 2.35 14.23 -36.13
N ILE B 78 2.65 14.45 -37.41
CA ILE B 78 1.70 15.07 -38.38
C ILE B 78 0.53 14.10 -38.53
N ILE B 79 -0.69 14.63 -38.54
CA ILE B 79 -1.93 13.88 -38.91
C ILE B 79 -1.90 13.72 -40.43
N ALA B 80 -1.11 12.77 -40.92
CA ALA B 80 -0.89 12.51 -42.37
C ALA B 80 -2.21 12.20 -43.04
N PRO B 81 -2.52 12.83 -44.20
CA PRO B 81 -3.74 12.51 -44.96
C PRO B 81 -3.90 11.01 -45.27
N GLU B 82 -2.79 10.27 -45.35
CA GLU B 82 -2.75 8.83 -45.73
C GLU B 82 -3.20 7.93 -44.58
N TYR B 83 -3.26 8.43 -43.34
CA TYR B 83 -3.62 7.62 -42.15
C TYR B 83 -5.12 7.31 -42.16
N THR B 84 -5.47 6.15 -41.60
CA THR B 84 -6.86 5.65 -41.49
C THR B 84 -7.08 5.13 -40.07
N LEU B 85 -8.09 5.68 -39.38
CA LEU B 85 -8.55 5.21 -38.05
C LEU B 85 -9.40 3.95 -38.25
N LYS B 86 -9.00 2.84 -37.63
CA LYS B 86 -9.73 1.55 -37.66
C LYS B 86 -10.21 1.24 -36.26
N PRO B 87 -11.36 0.53 -36.11
CA PRO B 87 -11.82 0.11 -34.79
C PRO B 87 -10.87 -0.97 -34.24
N ASN B 88 -10.80 -1.06 -32.92
CA ASN B 88 -10.20 -2.21 -32.19
C ASN B 88 -11.34 -3.19 -31.82
N VAL B 89 -11.12 -4.49 -32.02
CA VAL B 89 -12.07 -5.57 -31.69
C VAL B 89 -12.60 -5.39 -30.25
N GLY B 90 -11.80 -4.86 -29.34
CA GLY B 90 -12.09 -4.83 -27.89
C GLY B 90 -12.93 -3.63 -27.46
N SER B 91 -13.10 -2.62 -28.32
CA SER B 91 -13.54 -1.27 -27.85
C SER B 91 -14.46 -0.60 -28.87
N ASP B 92 -15.45 0.15 -28.36
CA ASP B 92 -16.34 1.04 -29.15
C ASP B 92 -15.94 2.50 -28.90
N ARG B 93 -14.75 2.73 -28.31
CA ARG B 93 -14.29 4.09 -27.93
C ARG B 93 -12.79 4.26 -28.18
N SER B 94 -12.23 3.51 -29.14
CA SER B 94 -10.79 3.52 -29.48
C SER B 94 -10.59 3.51 -31.00
N TRP B 95 -9.47 4.07 -31.44
CA TRP B 95 -9.00 4.02 -32.85
C TRP B 95 -7.60 3.42 -32.90
N VAL B 96 -7.35 2.59 -33.90
CA VAL B 96 -6.02 2.02 -34.23
C VAL B 96 -5.59 2.64 -35.57
N TYR B 97 -4.37 3.20 -35.65
CA TYR B 97 -3.79 3.63 -36.93
C TYR B 97 -2.28 3.42 -36.93
N ALA B 98 -1.71 3.24 -38.13
CA ALA B 98 -0.26 3.24 -38.41
C ALA B 98 0.19 4.70 -38.45
N CYS B 99 1.29 5.00 -37.77
CA CYS B 99 2.02 6.28 -37.85
C CYS B 99 3.45 5.97 -38.31
N THR B 100 3.90 6.60 -39.38
CA THR B 100 5.21 6.24 -39.99
C THR B 100 6.34 7.08 -39.38
N ALA B 101 6.02 8.19 -38.69
CA ALA B 101 7.05 9.12 -38.15
C ALA B 101 6.53 9.87 -36.92
N ASP B 102 6.71 9.28 -35.74
CA ASP B 102 6.46 9.91 -34.42
C ASP B 102 7.80 10.22 -33.74
N ILE B 103 7.94 11.42 -33.16
CA ILE B 103 9.22 11.90 -32.55
C ILE B 103 9.06 12.16 -31.05
N ALA B 104 8.07 11.55 -30.39
CA ALA B 104 7.85 11.70 -28.93
C ALA B 104 9.16 11.43 -28.19
N GLU B 105 9.85 10.33 -28.53
CA GLU B 105 11.04 9.82 -27.80
C GLU B 105 12.34 10.15 -28.56
N GLY B 106 12.31 11.15 -29.46
CA GLY B 106 13.47 11.59 -30.25
C GLY B 106 13.36 11.16 -31.69
N GLU B 107 14.27 10.29 -32.14
CA GLU B 107 14.42 9.82 -33.55
C GLU B 107 13.06 9.37 -34.09
N ALA B 108 12.65 9.89 -35.26
CA ALA B 108 11.39 9.52 -35.95
C ALA B 108 11.30 7.99 -36.02
N GLU B 109 10.22 7.41 -35.51
CA GLU B 109 9.98 5.94 -35.54
C GLU B 109 8.56 5.69 -36.03
N ALA B 110 8.36 4.58 -36.73
CA ALA B 110 7.04 4.05 -37.13
C ALA B 110 6.43 3.31 -35.93
N PHE B 111 5.13 3.51 -35.69
CA PHE B 111 4.36 2.79 -34.63
C PHE B 111 2.98 2.40 -35.16
N THR B 112 2.45 1.30 -34.65
CA THR B 112 0.99 1.00 -34.64
C THR B 112 0.43 1.54 -33.33
N PHE B 113 -0.30 2.65 -33.40
CA PHE B 113 -0.93 3.32 -32.24
C PHE B 113 -2.37 2.83 -32.07
N ALA B 114 -2.80 2.78 -30.81
CA ALA B 114 -4.24 2.78 -30.43
C ALA B 114 -4.44 3.93 -29.45
N ILE B 115 -5.53 4.67 -29.62
CA ILE B 115 -5.90 5.77 -28.69
C ILE B 115 -7.34 5.52 -28.23
N ARG B 116 -7.54 5.55 -26.91
CA ARG B 116 -8.85 5.27 -26.25
C ARG B 116 -9.31 6.52 -25.51
N PHE B 117 -10.62 6.76 -25.48
CA PHE B 117 -11.25 7.99 -24.95
C PHE B 117 -12.19 7.63 -23.80
N GLY B 118 -12.75 8.64 -23.14
CA GLY B 118 -13.70 8.45 -22.01
C GLY B 118 -15.00 7.83 -22.44
N SER B 119 -15.36 7.93 -23.73
CA SER B 119 -16.68 7.49 -24.25
C SER B 119 -16.65 7.35 -25.77
N LYS B 120 -17.64 6.65 -26.32
CA LYS B 120 -17.86 6.51 -27.79
C LYS B 120 -17.98 7.90 -28.41
N GLU B 121 -18.74 8.80 -27.77
CA GLU B 121 -18.98 10.19 -28.25
C GLU B 121 -17.62 10.89 -28.46
N ASN B 122 -16.70 10.74 -27.50
CA ASN B 122 -15.35 11.37 -27.56
C ASN B 122 -14.58 10.75 -28.73
N ALA B 123 -14.63 9.43 -28.89
CA ALA B 123 -13.91 8.71 -29.96
C ALA B 123 -14.47 9.15 -31.33
N ASP B 124 -15.80 9.21 -31.47
CA ASP B 124 -16.49 9.65 -32.71
C ASP B 124 -16.05 11.09 -33.04
N LYS B 125 -16.11 11.98 -32.06
CA LYS B 125 -15.70 13.42 -32.18
C LYS B 125 -14.23 13.51 -32.60
N PHE B 126 -13.34 12.70 -32.00
CA PHE B 126 -11.91 12.62 -32.34
C PHE B 126 -11.75 12.33 -33.84
N LYS B 127 -12.43 11.27 -34.32
CA LYS B 127 -12.39 10.84 -35.74
C LYS B 127 -12.80 12.01 -36.63
N GLU B 128 -13.86 12.72 -36.25
CA GLU B 128 -14.39 13.91 -36.97
C GLU B 128 -13.29 14.97 -37.11
N GLU B 129 -12.66 15.35 -36.00
CA GLU B 129 -11.59 16.38 -35.97
C GLU B 129 -10.37 15.86 -36.74
N PHE B 130 -10.02 14.57 -36.59
CA PHE B 130 -8.82 13.95 -37.20
C PHE B 130 -8.91 14.02 -38.72
N GLU B 131 -10.11 13.82 -39.26
CA GLU B 131 -10.41 13.92 -40.71
C GLU B 131 -10.38 15.39 -41.13
N LYS B 132 -10.96 16.30 -40.33
CA LYS B 132 -10.88 17.77 -40.57
C LYS B 132 -9.40 18.19 -40.67
N ALA B 133 -8.55 17.70 -39.76
CA ALA B 133 -7.08 17.97 -39.74
C ALA B 133 -6.41 17.41 -41.00
N GLN B 134 -6.80 16.20 -41.42
CA GLN B 134 -6.26 15.52 -42.64
C GLN B 134 -6.53 16.41 -43.86
N GLU B 135 -7.71 17.02 -43.95
CA GLU B 135 -8.13 17.87 -45.10
C GLU B 135 -7.32 19.15 -45.07
N ILE B 136 -7.08 19.73 -43.90
CA ILE B 136 -6.22 20.92 -43.72
C ILE B 136 -4.80 20.56 -44.18
N ASN B 137 -4.29 19.39 -43.80
CA ASN B 137 -2.91 18.94 -44.16
C ASN B 137 -2.78 18.64 -45.65
N LYS B 138 -3.89 18.41 -46.38
CA LYS B 138 -3.88 18.08 -47.83
C LYS B 138 -3.51 19.32 -48.66
N LYS B 139 -3.95 20.52 -48.27
CA LYS B 139 -3.80 21.79 -49.03
C LYS B 139 -2.35 21.97 -49.48
N SER C 3 36.63 -11.84 -21.58
CA SER C 3 37.75 -11.84 -20.58
C SER C 3 37.17 -11.77 -19.16
N MET C 4 36.23 -10.85 -18.91
CA MET C 4 35.64 -10.55 -17.58
C MET C 4 35.21 -11.84 -16.87
N GLU C 5 34.79 -12.87 -17.62
CA GLU C 5 34.27 -14.16 -17.06
C GLU C 5 35.44 -15.00 -16.51
N GLY C 6 36.68 -14.50 -16.62
CA GLY C 6 37.89 -15.18 -16.14
C GLY C 6 37.82 -15.48 -14.65
N ILE C 7 37.22 -14.58 -13.86
CA ILE C 7 37.20 -14.65 -12.37
C ILE C 7 36.31 -15.81 -11.89
N LEU C 8 35.36 -16.25 -12.72
CA LEU C 8 34.44 -17.38 -12.39
C LEU C 8 35.17 -18.71 -12.53
N ASP C 9 36.33 -18.72 -13.19
CA ASP C 9 37.18 -19.92 -13.41
C ASP C 9 38.04 -20.16 -12.16
N PHE C 10 37.61 -21.06 -11.27
CA PHE C 10 38.23 -21.33 -9.95
C PHE C 10 39.33 -22.40 -10.06
N SER C 11 39.45 -23.08 -11.21
CA SER C 11 40.59 -23.99 -11.52
C SER C 11 41.89 -23.18 -11.65
N ASN C 12 41.76 -21.89 -11.95
CA ASN C 12 42.87 -20.89 -11.95
C ASN C 12 42.94 -20.18 -10.59
N ASP C 13 44.06 -19.50 -10.33
CA ASP C 13 44.20 -18.48 -9.26
C ASP C 13 43.50 -17.20 -9.72
N LEU C 14 42.93 -16.43 -8.80
CA LEU C 14 42.12 -15.22 -9.13
C LEU C 14 43.06 -14.07 -9.54
N ASP C 15 42.79 -13.47 -10.70
CA ASP C 15 43.44 -12.22 -11.19
C ASP C 15 42.69 -11.03 -10.59
N ILE C 16 43.31 -10.34 -9.63
CA ILE C 16 42.68 -9.23 -8.84
C ILE C 16 42.59 -7.97 -9.70
N ALA C 17 43.51 -7.78 -10.64
CA ALA C 17 43.47 -6.70 -11.65
C ALA C 17 42.18 -6.85 -12.46
N LEU C 18 41.79 -8.09 -12.78
CA LEU C 18 40.57 -8.41 -13.58
C LEU C 18 39.34 -8.13 -12.72
N LEU C 19 39.27 -8.73 -11.53
CA LEU C 19 38.16 -8.49 -10.55
C LEU C 19 37.92 -6.98 -10.42
N ASP C 20 39.00 -6.19 -10.30
CA ASP C 20 38.92 -4.71 -10.15
C ASP C 20 38.34 -4.08 -11.43
N GLN C 21 38.59 -4.70 -12.60
CA GLN C 21 38.03 -4.20 -13.89
C GLN C 21 36.52 -4.44 -13.89
N VAL C 22 36.11 -5.68 -13.66
CA VAL C 22 34.69 -6.14 -13.59
C VAL C 22 33.93 -5.20 -12.66
N VAL C 23 34.46 -4.99 -11.45
CA VAL C 23 33.82 -4.16 -10.38
C VAL C 23 33.69 -2.71 -10.89
N SER C 24 34.75 -2.16 -11.51
CA SER C 24 34.75 -0.76 -12.04
C SER C 24 33.71 -0.61 -13.14
N THR C 25 33.67 -1.55 -14.09
CA THR C 25 32.73 -1.53 -15.24
C THR C 25 31.29 -1.63 -14.71
N PHE C 26 31.08 -2.34 -13.58
CA PHE C 26 29.74 -2.45 -12.95
C PHE C 26 29.32 -1.11 -12.34
N TYR C 27 30.16 -0.52 -11.49
CA TYR C 27 29.80 0.70 -10.71
C TYR C 27 29.89 1.94 -11.60
N GLN C 28 30.87 2.00 -12.51
CA GLN C 28 31.21 3.22 -13.30
C GLN C 28 30.79 3.05 -14.77
N GLY C 29 30.65 1.82 -15.28
CA GLY C 29 30.35 1.54 -16.69
C GLY C 29 28.88 1.81 -17.02
N GLU C 30 28.45 1.39 -18.23
CA GLU C 30 27.13 1.74 -18.81
C GLU C 30 26.54 0.58 -19.62
N GLY C 31 25.21 0.54 -19.70
CA GLY C 31 24.39 -0.31 -20.58
C GLY C 31 24.82 -1.77 -20.59
N VAL C 32 25.19 -2.26 -21.78
CA VAL C 32 25.50 -3.69 -22.08
C VAL C 32 26.57 -4.22 -21.11
N GLN C 33 27.68 -3.50 -20.93
CA GLN C 33 28.88 -3.99 -20.20
C GLN C 33 28.66 -3.88 -18.69
N GLN C 34 28.01 -2.81 -18.21
CA GLN C 34 27.59 -2.69 -16.79
C GLN C 34 26.77 -3.93 -16.42
N LYS C 35 25.86 -4.36 -17.29
CA LYS C 35 24.93 -5.48 -17.02
C LYS C 35 25.70 -6.81 -16.98
N GLN C 36 26.61 -7.08 -17.92
CA GLN C 36 27.29 -8.40 -17.99
C GLN C 36 28.33 -8.50 -16.85
N ALA C 37 28.90 -7.38 -16.42
CA ALA C 37 29.80 -7.32 -15.24
C ALA C 37 28.97 -7.69 -13.99
N GLN C 38 27.76 -7.12 -13.89
CA GLN C 38 26.78 -7.36 -12.79
C GLN C 38 26.57 -8.86 -12.60
N GLU C 39 26.30 -9.59 -13.68
CA GLU C 39 25.97 -11.05 -13.67
C GLU C 39 27.21 -11.82 -13.24
N ILE C 40 28.39 -11.41 -13.71
CA ILE C 40 29.68 -12.08 -13.38
C ILE C 40 29.95 -11.94 -11.87
N LEU C 41 29.81 -10.72 -11.32
CA LEU C 41 30.06 -10.43 -9.88
C LEU C 41 29.10 -11.24 -9.01
N THR C 42 27.82 -11.30 -9.38
CA THR C 42 26.78 -12.07 -8.66
C THR C 42 27.23 -13.54 -8.58
N LYS C 43 27.59 -14.13 -9.72
CA LYS C 43 28.00 -15.57 -9.80
C LYS C 43 29.28 -15.78 -8.99
N PHE C 44 30.21 -14.83 -9.05
CA PHE C 44 31.47 -14.88 -8.26
C PHE C 44 31.10 -14.93 -6.78
N GLN C 45 30.37 -13.92 -6.31
CA GLN C 45 29.99 -13.75 -4.89
C GLN C 45 29.31 -15.02 -4.36
N ASP C 46 28.44 -15.64 -5.17
CA ASP C 46 27.55 -16.77 -4.76
C ASP C 46 28.29 -18.11 -4.88
N ASN C 47 29.47 -18.14 -5.50
CA ASN C 47 30.35 -19.34 -5.50
C ASN C 47 30.65 -19.69 -4.06
N PRO C 48 30.28 -20.89 -3.57
CA PRO C 48 30.42 -21.23 -2.15
C PRO C 48 31.87 -21.39 -1.68
N ASP C 49 32.85 -21.34 -2.59
CA ASP C 49 34.30 -21.35 -2.25
C ASP C 49 34.84 -19.91 -2.32
N ALA C 50 34.06 -18.94 -2.81
CA ALA C 50 34.50 -17.55 -3.04
C ALA C 50 35.12 -16.95 -1.76
N TRP C 51 34.61 -17.34 -0.59
CA TRP C 51 35.10 -16.84 0.73
C TRP C 51 36.59 -17.14 0.90
N GLU C 52 37.08 -18.25 0.33
CA GLU C 52 38.52 -18.62 0.40
C GLU C 52 39.37 -17.51 -0.23
N LYS C 53 38.81 -16.71 -1.14
CA LYS C 53 39.54 -15.70 -1.93
C LYS C 53 39.60 -14.35 -1.18
N VAL C 54 38.81 -14.19 -0.12
CA VAL C 54 38.56 -12.87 0.54
C VAL C 54 39.89 -12.29 1.05
N ASP C 55 40.65 -13.07 1.82
CA ASP C 55 41.92 -12.62 2.45
C ASP C 55 42.85 -12.06 1.35
N GLN C 56 42.96 -12.78 0.23
CA GLN C 56 43.76 -12.39 -0.95
C GLN C 56 43.23 -11.06 -1.51
N ILE C 57 41.92 -10.94 -1.75
CA ILE C 57 41.28 -9.71 -2.33
C ILE C 57 41.56 -8.51 -1.42
N LEU C 58 41.41 -8.67 -0.09
CA LEU C 58 41.54 -7.56 0.89
C LEU C 58 42.98 -7.04 0.90
N GLN C 59 43.95 -7.92 0.68
CA GLN C 59 45.40 -7.56 0.72
C GLN C 59 45.82 -6.84 -0.56
N PHE C 60 45.39 -7.34 -1.73
CA PHE C 60 46.04 -7.02 -3.04
C PHE C 60 45.11 -6.23 -3.98
N SER C 61 43.86 -5.96 -3.62
CA SER C 61 42.94 -5.13 -4.46
C SER C 61 43.25 -3.65 -4.24
N THR C 62 43.15 -2.84 -5.29
CA THR C 62 43.30 -1.36 -5.25
C THR C 62 41.92 -0.68 -5.33
N ASN C 63 40.85 -1.48 -5.37
CA ASN C 63 39.45 -1.04 -5.58
C ASN C 63 38.69 -1.29 -4.28
N PRO C 64 38.31 -0.23 -3.53
CA PRO C 64 37.54 -0.41 -2.30
C PRO C 64 36.17 -1.07 -2.52
N GLN C 65 35.64 -1.02 -3.75
CA GLN C 65 34.35 -1.69 -4.11
C GLN C 65 34.56 -3.21 -4.17
N SER C 66 35.69 -3.67 -4.70
CA SER C 66 36.07 -5.12 -4.70
C SER C 66 36.18 -5.60 -3.25
N LYS C 67 36.77 -4.78 -2.38
CA LYS C 67 36.99 -5.16 -0.95
C LYS C 67 35.64 -5.20 -0.24
N PHE C 68 34.72 -4.30 -0.61
CA PHE C 68 33.34 -4.27 -0.07
C PHE C 68 32.65 -5.60 -0.42
N ILE C 69 32.75 -6.02 -1.68
CA ILE C 69 32.09 -7.26 -2.17
C ILE C 69 32.75 -8.48 -1.50
N ALA C 70 34.08 -8.45 -1.31
CA ALA C 70 34.82 -9.48 -0.55
C ALA C 70 34.19 -9.67 0.83
N LEU C 71 33.90 -8.56 1.54
CA LEU C 71 33.33 -8.60 2.91
C LEU C 71 31.91 -9.16 2.86
N SER C 72 31.12 -8.81 1.84
CA SER C 72 29.79 -9.41 1.56
C SER C 72 29.92 -10.93 1.48
N ILE C 73 30.91 -11.42 0.73
CA ILE C 73 31.18 -12.87 0.58
C ILE C 73 31.51 -13.45 1.95
N LEU C 74 32.40 -12.79 2.70
CA LEU C 74 32.82 -13.25 4.05
C LEU C 74 31.61 -13.26 4.99
N ASP C 75 30.74 -12.26 4.90
CA ASP C 75 29.52 -12.14 5.74
C ASP C 75 28.61 -13.37 5.52
N LYS C 76 28.49 -13.85 4.28
CA LYS C 76 27.67 -15.06 3.95
C LYS C 76 28.27 -16.26 4.70
N LEU C 77 29.60 -16.43 4.66
CA LEU C 77 30.31 -17.50 5.41
C LEU C 77 30.02 -17.35 6.91
N ILE C 78 30.28 -16.16 7.47
CA ILE C 78 30.21 -15.91 8.94
C ILE C 78 28.80 -16.23 9.44
N THR C 79 27.76 -15.82 8.73
CA THR C 79 26.36 -15.88 9.23
C THR C 79 25.78 -17.28 9.00
N ARG C 80 26.34 -18.09 8.09
CA ARG C 80 25.69 -19.36 7.62
C ARG C 80 26.54 -20.59 7.93
N LYS C 81 27.86 -20.55 7.76
CA LYS C 81 28.71 -21.77 7.78
C LYS C 81 29.90 -21.64 8.74
N TRP C 82 29.94 -20.58 9.53
CA TRP C 82 31.08 -20.21 10.41
C TRP C 82 31.52 -21.41 11.26
N LYS C 83 30.56 -22.13 11.84
CA LYS C 83 30.83 -23.13 12.90
C LYS C 83 31.50 -24.39 12.32
N LEU C 84 31.51 -24.56 10.99
CA LEU C 84 32.23 -25.68 10.31
C LEU C 84 33.74 -25.41 10.27
N LEU C 85 34.18 -24.17 10.45
CA LEU C 85 35.63 -23.82 10.36
C LEU C 85 36.34 -24.26 11.63
N PRO C 86 37.57 -24.83 11.52
CA PRO C 86 38.41 -25.07 12.69
C PRO C 86 38.64 -23.77 13.48
N ASN C 87 38.86 -23.89 14.78
CA ASN C 87 39.03 -22.72 15.67
C ASN C 87 40.16 -21.83 15.13
N ASP C 88 41.28 -22.42 14.74
CA ASP C 88 42.48 -21.68 14.25
C ASP C 88 42.11 -20.80 13.05
N HIS C 89 41.26 -21.30 12.16
CA HIS C 89 40.82 -20.57 10.94
C HIS C 89 39.91 -19.40 11.35
N ARG C 90 38.98 -19.63 12.27
CA ARG C 90 38.05 -18.60 12.79
C ARG C 90 38.87 -17.47 13.44
N ILE C 91 39.89 -17.83 14.21
CA ILE C 91 40.83 -16.86 14.85
C ILE C 91 41.63 -16.15 13.74
N GLY C 92 42.09 -16.89 12.73
CA GLY C 92 42.74 -16.33 11.52
C GLY C 92 41.90 -15.22 10.91
N ILE C 93 40.63 -15.49 10.66
CA ILE C 93 39.70 -14.54 9.96
C ILE C 93 39.44 -13.34 10.87
N ARG C 94 39.06 -13.59 12.12
CA ARG C 94 38.85 -12.55 13.17
C ARG C 94 40.05 -11.58 13.15
N ASN C 95 41.27 -12.10 13.20
CA ASN C 95 42.51 -11.29 13.27
C ASN C 95 42.68 -10.46 12.00
N PHE C 96 42.46 -11.01 10.79
CA PHE C 96 42.69 -10.25 9.53
C PHE C 96 41.62 -9.18 9.36
N VAL C 97 40.42 -9.35 9.95
CA VAL C 97 39.35 -8.30 9.92
C VAL C 97 39.73 -7.16 10.86
N VAL C 98 40.05 -7.48 12.12
CA VAL C 98 40.50 -6.48 13.14
C VAL C 98 41.72 -5.71 12.61
N GLY C 99 42.76 -6.42 12.18
CA GLY C 99 43.99 -5.85 11.58
C GLY C 99 43.67 -4.88 10.45
N MET C 100 42.76 -5.23 9.55
CA MET C 100 42.38 -4.37 8.39
C MET C 100 41.70 -3.09 8.93
N ILE C 101 40.81 -3.23 9.91
CA ILE C 101 40.06 -2.09 10.53
C ILE C 101 41.07 -1.12 11.14
N ILE C 102 41.98 -1.60 11.98
CA ILE C 102 42.99 -0.76 12.70
C ILE C 102 43.87 -0.05 11.67
N SER C 103 44.39 -0.78 10.70
CA SER C 103 45.25 -0.24 9.60
C SER C 103 44.52 0.89 8.86
N MET C 104 43.24 0.71 8.51
CA MET C 104 42.45 1.74 7.77
C MET C 104 42.23 2.98 8.65
N CYS C 105 42.11 2.79 9.97
CA CYS C 105 41.88 3.87 10.96
C CYS C 105 43.19 4.64 11.21
N GLN C 106 44.34 3.97 11.15
CA GLN C 106 45.66 4.57 11.47
C GLN C 106 46.15 5.43 10.31
N ASP C 107 45.69 5.16 9.09
CA ASP C 107 45.92 6.02 7.89
C ASP C 107 44.81 7.08 7.85
N ASP C 108 45.16 8.35 8.08
CA ASP C 108 44.20 9.49 8.12
C ASP C 108 43.46 9.64 6.79
N GLU C 109 44.19 9.57 5.67
CA GLU C 109 43.66 9.74 4.29
C GLU C 109 42.60 8.67 4.02
N VAL C 110 42.91 7.41 4.35
CA VAL C 110 42.01 6.24 4.14
C VAL C 110 40.79 6.41 5.05
N PHE C 111 41.00 6.68 6.33
CA PHE C 111 39.94 6.92 7.34
C PHE C 111 38.94 7.96 6.83
N LYS C 112 39.42 9.01 6.15
CA LYS C 112 38.56 10.13 5.67
C LYS C 112 37.80 9.71 4.41
N THR C 113 38.46 9.05 3.46
CA THR C 113 37.98 8.86 2.07
C THR C 113 37.28 7.51 1.88
N GLN C 114 37.45 6.55 2.79
CA GLN C 114 36.93 5.16 2.61
C GLN C 114 35.97 4.75 3.74
N LYS C 115 35.09 5.65 4.18
CA LYS C 115 34.11 5.35 5.27
C LYS C 115 33.23 4.16 4.88
N ASN C 116 32.92 3.99 3.59
CA ASN C 116 32.07 2.88 3.07
C ASN C 116 32.70 1.55 3.47
N LEU C 117 33.98 1.35 3.14
CA LEU C 117 34.70 0.08 3.36
C LEU C 117 34.93 -0.13 4.85
N ILE C 118 35.21 0.94 5.60
CA ILE C 118 35.43 0.86 7.08
C ILE C 118 34.15 0.41 7.76
N ASN C 119 33.02 1.07 7.47
CA ASN C 119 31.69 0.77 8.05
C ASN C 119 31.31 -0.69 7.73
N LYS C 120 31.54 -1.12 6.49
CA LYS C 120 31.27 -2.51 6.04
C LYS C 120 32.15 -3.47 6.86
N SER C 121 33.42 -3.13 7.04
CA SER C 121 34.40 -3.89 7.87
C SER C 121 33.88 -4.02 9.29
N ASP C 122 33.44 -2.90 9.86
CA ASP C 122 32.92 -2.85 11.25
C ASP C 122 31.71 -3.80 11.35
N LEU C 123 30.82 -3.79 10.36
CA LEU C 123 29.61 -4.65 10.42
C LEU C 123 30.05 -6.12 10.33
N THR C 124 31.02 -6.45 9.47
CA THR C 124 31.61 -7.80 9.35
C THR C 124 32.15 -8.22 10.73
N LEU C 125 32.90 -7.34 11.39
CA LEU C 125 33.41 -7.61 12.76
C LEU C 125 32.25 -7.96 13.70
N VAL C 126 31.16 -7.19 13.65
CA VAL C 126 29.98 -7.42 14.53
C VAL C 126 29.35 -8.79 14.22
N GLN C 127 29.35 -9.23 12.96
CA GLN C 127 28.85 -10.58 12.59
C GLN C 127 29.73 -11.63 13.29
N ILE C 128 31.05 -11.41 13.34
CA ILE C 128 31.99 -12.35 14.01
C ILE C 128 31.70 -12.37 15.51
N LEU C 129 31.50 -11.19 16.13
CA LEU C 129 31.13 -11.07 17.57
C LEU C 129 29.84 -11.85 17.86
N LYS C 130 28.85 -11.77 17.00
CA LYS C 130 27.57 -12.50 17.20
C LYS C 130 27.84 -14.00 17.28
N GLN C 131 28.86 -14.50 16.57
CA GLN C 131 29.26 -15.94 16.55
C GLN C 131 30.18 -16.28 17.73
N GLU C 132 31.14 -15.40 18.05
CA GLU C 132 32.35 -15.71 18.85
C GLU C 132 32.25 -15.14 20.27
N TRP C 133 31.46 -14.08 20.48
CA TRP C 133 31.56 -13.21 21.68
C TRP C 133 30.34 -13.39 22.58
N PRO C 134 30.53 -13.41 23.93
CA PRO C 134 31.86 -13.37 24.55
C PRO C 134 32.55 -14.73 24.74
N GLN C 135 31.81 -15.83 24.71
CA GLN C 135 32.29 -17.19 25.12
C GLN C 135 33.68 -17.50 24.53
N ASN C 136 33.97 -17.15 23.27
CA ASN C 136 35.26 -17.48 22.60
C ASN C 136 36.07 -16.19 22.32
N TRP C 137 35.81 -15.12 23.06
CA TRP C 137 36.47 -13.79 22.87
C TRP C 137 36.18 -12.89 24.07
N PRO C 138 36.47 -13.33 25.31
CA PRO C 138 36.09 -12.60 26.52
C PRO C 138 36.75 -11.23 26.71
N GLU C 139 37.91 -11.00 26.07
N GLU C 139 37.88 -11.02 26.02
CA GLU C 139 38.65 -9.72 26.24
CA GLU C 139 38.75 -9.83 26.14
C GLU C 139 38.39 -8.77 25.07
C GLU C 139 38.37 -8.77 25.10
N PHE C 140 37.35 -9.01 24.26
CA PHE C 140 37.01 -8.11 23.13
C PHE C 140 36.77 -6.68 23.64
N ILE C 141 35.87 -6.52 24.62
CA ILE C 141 35.42 -5.18 25.07
C ILE C 141 36.57 -4.46 25.80
N PRO C 142 37.28 -5.11 26.77
CA PRO C 142 38.48 -4.51 27.36
C PRO C 142 39.51 -4.00 26.34
N GLU C 143 39.84 -4.81 25.34
CA GLU C 143 40.84 -4.47 24.28
C GLU C 143 40.33 -3.29 23.44
N LEU C 144 39.02 -3.25 23.12
CA LEU C 144 38.39 -2.12 22.37
C LEU C 144 38.53 -0.85 23.21
N ILE C 145 38.18 -0.94 24.50
CA ILE C 145 38.27 0.19 25.47
C ILE C 145 39.74 0.65 25.52
N GLY C 146 40.68 -0.29 25.65
CA GLY C 146 42.13 -0.02 25.69
C GLY C 146 42.61 0.68 24.42
N SER C 147 42.28 0.12 23.25
CA SER C 147 42.69 0.63 21.90
C SER C 147 42.09 2.02 21.64
N SER C 148 41.06 2.43 22.38
CA SER C 148 40.36 3.74 22.20
C SER C 148 41.27 4.91 22.63
N SER C 149 42.12 4.71 23.65
CA SER C 149 43.08 5.74 24.13
C SER C 149 44.22 5.92 23.11
N SER C 150 44.54 4.87 22.36
CA SER C 150 45.66 4.79 21.39
C SER C 150 45.56 5.88 20.32
N SER C 151 44.34 6.22 19.86
CA SER C 151 44.09 7.01 18.63
C SER C 151 42.66 7.55 18.60
N VAL C 152 42.47 8.78 18.09
CA VAL C 152 41.13 9.42 17.98
C VAL C 152 40.32 8.72 16.87
N ASN C 153 40.98 8.32 15.77
CA ASN C 153 40.33 7.59 14.64
C ASN C 153 39.86 6.21 15.10
N VAL C 154 40.69 5.48 15.85
CA VAL C 154 40.33 4.13 16.37
C VAL C 154 39.19 4.30 17.39
N CYS C 155 39.31 5.27 18.29
CA CYS C 155 38.26 5.56 19.29
C CYS C 155 36.93 5.87 18.57
N GLU C 156 36.98 6.70 17.52
CA GLU C 156 35.76 7.07 16.74
C GLU C 156 35.16 5.82 16.10
N ASN C 157 36.00 5.01 15.45
CA ASN C 157 35.57 3.76 14.77
C ASN C 157 35.03 2.76 15.78
N ASN C 158 35.65 2.66 16.97
CA ASN C 158 35.17 1.76 18.06
C ASN C 158 33.74 2.12 18.44
N MET C 159 33.35 3.41 18.35
CA MET C 159 31.99 3.88 18.69
C MET C 159 31.01 3.39 17.60
N ILE C 160 31.46 3.29 16.36
CA ILE C 160 30.65 2.77 15.22
C ILE C 160 30.44 1.26 15.44
N VAL C 161 31.48 0.55 15.87
CA VAL C 161 31.40 -0.91 16.16
C VAL C 161 30.38 -1.14 17.27
N LEU C 162 30.44 -0.35 18.35
CA LEU C 162 29.55 -0.50 19.54
C LEU C 162 28.11 -0.16 19.15
N LYS C 163 27.92 0.85 18.30
CA LYS C 163 26.57 1.23 17.80
C LYS C 163 25.98 0.03 17.03
N LEU C 164 26.74 -0.54 16.10
CA LEU C 164 26.28 -1.68 15.25
C LEU C 164 26.03 -2.90 16.15
N LEU C 165 26.89 -3.16 17.13
CA LEU C 165 26.69 -4.28 18.08
C LEU C 165 25.35 -4.12 18.81
N SER C 166 25.11 -2.94 19.39
CA SER C 166 23.85 -2.61 20.12
C SER C 166 22.63 -2.83 19.20
N GLU C 167 22.69 -2.34 17.96
CA GLU C 167 21.64 -2.52 16.94
C GLU C 167 21.41 -4.01 16.70
N GLU C 168 22.47 -4.80 16.46
CA GLU C 168 22.34 -6.22 16.06
C GLU C 168 21.78 -7.03 17.24
N VAL C 169 22.09 -6.64 18.47
CA VAL C 169 21.73 -7.42 19.69
C VAL C 169 20.34 -7.03 20.19
N PHE C 170 20.00 -5.74 20.21
CA PHE C 170 18.77 -5.22 20.86
C PHE C 170 17.72 -4.79 19.84
N ASP C 171 18.12 -4.24 18.68
CA ASP C 171 17.14 -3.60 17.75
C ASP C 171 16.70 -4.60 16.67
N PHE C 172 17.57 -5.52 16.23
CA PHE C 172 17.29 -6.35 15.02
C PHE C 172 17.50 -7.84 15.32
N SER C 173 17.58 -8.25 16.59
CA SER C 173 17.80 -9.66 16.97
C SER C 173 16.51 -10.48 16.82
N ALA C 174 15.34 -9.87 17.05
CA ALA C 174 14.04 -10.57 17.18
C ALA C 174 13.83 -11.56 16.03
N GLU C 175 14.13 -11.18 14.80
CA GLU C 175 13.82 -12.03 13.62
C GLU C 175 15.05 -12.84 13.19
N GLN C 176 16.24 -12.50 13.68
CA GLN C 176 17.53 -12.96 13.11
C GLN C 176 18.22 -14.00 14.00
N MET C 177 17.84 -14.12 15.27
CA MET C 177 18.49 -15.07 16.23
C MET C 177 17.42 -15.85 16.95
N THR C 178 17.80 -16.97 17.53
CA THR C 178 16.92 -17.72 18.45
C THR C 178 16.71 -16.87 19.70
N GLN C 179 15.60 -17.09 20.38
CA GLN C 179 15.28 -16.47 21.68
C GLN C 179 16.46 -16.65 22.64
N ALA C 180 17.03 -17.85 22.70
CA ALA C 180 18.16 -18.19 23.60
C ALA C 180 19.40 -17.35 23.25
N LYS C 181 19.75 -17.26 21.97
CA LYS C 181 21.00 -16.58 21.53
C LYS C 181 20.85 -15.06 21.71
N ALA C 182 19.66 -14.51 21.46
CA ALA C 182 19.32 -13.09 21.69
C ALA C 182 19.50 -12.76 23.17
N LEU C 183 18.94 -13.59 24.07
CA LEU C 183 19.07 -13.39 25.53
C LEU C 183 20.55 -13.45 25.93
N HIS C 184 21.30 -14.43 25.42
CA HIS C 184 22.75 -14.57 25.69
C HIS C 184 23.50 -13.28 25.31
N LEU C 185 23.28 -12.74 24.11
CA LEU C 185 24.03 -11.53 23.67
C LEU C 185 23.55 -10.28 24.42
N LYS C 186 22.25 -10.17 24.72
CA LYS C 186 21.69 -9.04 25.51
C LYS C 186 22.32 -9.02 26.91
N ASN C 187 22.32 -10.16 27.59
CA ASN C 187 22.94 -10.32 28.93
C ASN C 187 24.43 -10.00 28.83
N SER C 188 25.12 -10.44 27.78
CA SER C 188 26.58 -10.21 27.63
C SER C 188 26.86 -8.71 27.53
N MET C 189 26.09 -7.97 26.72
CA MET C 189 26.31 -6.50 26.53
C MET C 189 25.97 -5.77 27.85
N SER C 190 24.88 -6.19 28.50
CA SER C 190 24.42 -5.67 29.81
C SER C 190 25.54 -5.81 30.85
N LYS C 191 26.17 -6.99 30.91
CA LYS C 191 27.20 -7.31 31.94
C LYS C 191 28.44 -6.42 31.74
N GLU C 192 28.75 -5.99 30.52
CA GLU C 192 29.98 -5.20 30.23
C GLU C 192 29.65 -3.72 29.97
N PHE C 193 28.39 -3.27 30.11
CA PHE C 193 28.00 -1.90 29.70
C PHE C 193 28.64 -0.86 30.64
N GLU C 194 28.76 -1.16 31.94
CA GLU C 194 29.37 -0.24 32.93
C GLU C 194 30.66 0.33 32.32
N GLN C 195 31.53 -0.53 31.80
CA GLN C 195 32.85 -0.16 31.24
C GLN C 195 32.63 0.58 29.92
N ILE C 196 31.69 0.14 29.08
CA ILE C 196 31.39 0.82 27.79
C ILE C 196 30.91 2.25 28.10
N PHE C 197 30.06 2.41 29.10
CA PHE C 197 29.47 3.72 29.47
C PHE C 197 30.58 4.68 29.92
N LYS C 198 31.54 4.17 30.71
CA LYS C 198 32.66 5.00 31.23
C LYS C 198 33.47 5.56 30.06
N LEU C 199 33.78 4.75 29.04
CA LEU C 199 34.46 5.23 27.80
C LEU C 199 33.61 6.32 27.12
N CYS C 200 32.31 6.07 26.92
N CYS C 200 32.31 6.04 26.92
CA CYS C 200 31.39 7.01 26.23
CA CYS C 200 31.30 6.94 26.28
C CYS C 200 31.32 8.33 27.01
C CYS C 200 31.31 8.30 27.01
N PHE C 201 31.11 8.28 28.33
CA PHE C 201 31.03 9.47 29.20
C PHE C 201 32.34 10.29 29.15
N GLN C 202 33.50 9.63 29.27
CA GLN C 202 34.83 10.31 29.27
C GLN C 202 35.03 11.04 27.95
N VAL C 203 34.68 10.40 26.82
CA VAL C 203 34.81 11.01 25.46
C VAL C 203 33.91 12.23 25.38
N LEU C 204 32.66 12.15 25.87
CA LEU C 204 31.69 13.28 25.81
C LEU C 204 32.18 14.42 26.73
N GLU C 205 32.69 14.09 27.92
CA GLU C 205 33.22 15.08 28.89
C GLU C 205 34.43 15.82 28.33
N GLN C 206 35.43 15.07 27.84
CA GLN C 206 36.76 15.66 27.48
C GLN C 206 37.07 15.72 25.98
N GLY C 207 36.31 15.05 25.13
CA GLY C 207 36.63 15.02 23.69
C GLY C 207 36.54 16.36 22.98
N SER C 208 37.38 16.55 21.96
CA SER C 208 37.38 17.80 21.16
C SER C 208 37.09 17.48 19.69
N SER C 209 37.20 16.20 19.28
CA SER C 209 36.90 15.87 17.87
C SER C 209 35.39 15.91 17.67
N SER C 210 34.95 16.70 16.70
CA SER C 210 33.50 16.81 16.41
C SER C 210 33.03 15.44 15.91
N SER C 211 33.81 14.84 15.03
CA SER C 211 33.43 13.55 14.41
C SER C 211 33.43 12.45 15.48
N LEU C 212 34.36 12.48 16.43
CA LEU C 212 34.42 11.50 17.55
C LEU C 212 33.19 11.68 18.45
N ILE C 213 32.88 12.93 18.81
CA ILE C 213 31.73 13.27 19.69
C ILE C 213 30.43 12.78 19.03
N VAL C 214 30.27 13.04 17.73
CA VAL C 214 29.03 12.69 16.98
C VAL C 214 28.87 11.17 16.99
N ALA C 215 29.92 10.41 16.66
CA ALA C 215 29.88 8.93 16.65
C ALA C 215 29.54 8.39 18.04
N THR C 216 30.09 8.98 19.11
CA THR C 216 29.79 8.63 20.52
C THR C 216 28.30 8.85 20.81
N LEU C 217 27.76 9.99 20.40
CA LEU C 217 26.31 10.31 20.60
C LEU C 217 25.44 9.38 19.74
N GLU C 218 25.89 9.02 18.53
CA GLU C 218 25.14 8.05 17.68
C GLU C 218 25.04 6.71 18.44
N SER C 219 26.13 6.25 19.08
CA SER C 219 26.12 4.99 19.87
C SER C 219 25.18 5.16 21.06
N LEU C 220 25.21 6.32 21.72
CA LEU C 220 24.33 6.61 22.88
C LEU C 220 22.85 6.48 22.47
N LEU C 221 22.46 7.02 21.32
CA LEU C 221 21.06 6.93 20.83
C LEU C 221 20.61 5.46 20.86
N ARG C 222 21.47 4.54 20.41
CA ARG C 222 21.18 3.08 20.37
C ARG C 222 21.12 2.54 21.81
N TYR C 223 22.07 2.93 22.67
CA TYR C 223 22.10 2.47 24.09
C TYR C 223 20.79 2.84 24.78
N LEU C 224 20.22 3.99 24.44
CA LEU C 224 19.00 4.52 25.14
C LEU C 224 17.79 3.61 24.91
N HIS C 225 17.79 2.77 23.88
CA HIS C 225 16.70 1.77 23.62
C HIS C 225 16.60 0.78 24.78
N TRP C 226 17.68 0.50 25.53
CA TRP C 226 17.69 -0.64 26.48
C TRP C 226 18.31 -0.34 27.85
N ILE C 227 19.21 0.64 27.98
CA ILE C 227 19.99 0.81 29.25
C ILE C 227 19.08 1.33 30.36
N PRO C 228 19.40 1.03 31.65
CA PRO C 228 18.66 1.57 32.79
C PRO C 228 18.81 3.10 32.88
N TYR C 229 17.77 3.77 33.36
CA TYR C 229 17.70 5.26 33.42
C TYR C 229 18.87 5.82 34.24
N ARG C 230 19.39 5.07 35.22
CA ARG C 230 20.40 5.61 36.18
C ARG C 230 21.64 6.12 35.42
N TYR C 231 22.02 5.50 34.30
CA TYR C 231 23.17 5.95 33.47
C TYR C 231 22.94 7.37 32.95
N ILE C 232 21.67 7.81 32.85
CA ILE C 232 21.30 9.16 32.34
C ILE C 232 21.05 10.13 33.48
N TYR C 233 20.29 9.71 34.50
CA TYR C 233 19.82 10.58 35.63
C TYR C 233 20.85 10.64 36.78
N GLU C 234 21.74 9.66 36.93
CA GLU C 234 22.69 9.61 38.07
C GLU C 234 24.12 9.94 37.60
N THR C 235 24.27 10.51 36.41
CA THR C 235 25.55 11.04 35.87
C THR C 235 25.30 12.48 35.37
N ASN C 236 26.34 13.14 34.89
CA ASN C 236 26.24 14.54 34.37
C ASN C 236 25.66 14.51 32.95
N ILE C 237 25.39 13.32 32.39
CA ILE C 237 25.13 13.19 30.92
C ILE C 237 23.90 14.01 30.52
N LEU C 238 22.83 14.06 31.33
CA LEU C 238 21.64 14.89 31.01
C LEU C 238 22.06 16.35 30.79
N GLU C 239 22.85 16.88 31.72
CA GLU C 239 23.32 18.30 31.67
C GLU C 239 24.06 18.50 30.35
N LEU C 240 24.99 17.61 30.00
CA LEU C 240 25.84 17.77 28.78
C LEU C 240 24.95 17.76 27.54
N LEU C 241 24.05 16.79 27.41
CA LEU C 241 23.15 16.67 26.23
C LEU C 241 22.32 17.95 26.09
N SER C 242 21.73 18.44 27.19
CA SER C 242 20.74 19.54 27.16
C SER C 242 21.39 20.92 27.17
N THR C 243 22.72 21.04 27.30
CA THR C 243 23.43 22.35 27.27
C THR C 243 24.48 22.34 26.15
N LYS C 244 25.69 21.90 26.49
CA LYS C 244 26.88 21.83 25.61
C LYS C 244 26.50 21.30 24.21
N PHE C 245 25.91 20.11 24.11
CA PHE C 245 25.75 19.43 22.79
C PHE C 245 24.60 20.05 21.98
N MET C 246 23.72 20.81 22.62
CA MET C 246 22.65 21.55 21.89
C MET C 246 23.21 22.85 21.27
N THR C 247 24.32 23.39 21.79
CA THR C 247 24.92 24.68 21.32
C THR C 247 25.66 24.47 19.99
N SER C 248 26.34 23.33 19.81
CA SER C 248 27.11 22.97 18.58
C SER C 248 26.16 22.38 17.54
N PRO C 249 26.09 22.93 16.31
CA PRO C 249 25.20 22.37 15.29
C PRO C 249 25.60 20.96 14.85
N ASP C 250 26.90 20.68 14.82
CA ASP C 250 27.49 19.33 14.54
C ASP C 250 26.78 18.27 15.40
N THR C 251 26.63 18.51 16.72
CA THR C 251 26.11 17.52 17.70
C THR C 251 24.59 17.68 17.93
N ARG C 252 24.00 18.77 17.45
CA ARG C 252 22.62 19.20 17.84
C ARG C 252 21.60 18.17 17.35
N ALA C 253 21.71 17.74 16.09
CA ALA C 253 20.77 16.79 15.46
C ALA C 253 20.72 15.49 16.29
N ILE C 254 21.88 14.89 16.53
CA ILE C 254 21.94 13.58 17.26
C ILE C 254 21.54 13.81 18.71
N THR C 255 21.85 14.97 19.28
CA THR C 255 21.57 15.26 20.71
C THR C 255 20.05 15.33 20.90
N LEU C 256 19.37 16.04 20.01
CA LEU C 256 17.89 16.16 20.06
C LEU C 256 17.29 14.74 20.00
N LYS C 257 17.81 13.86 19.14
CA LYS C 257 17.29 12.48 18.96
C LYS C 257 17.52 11.69 20.24
N CYS C 258 18.69 11.87 20.89
CA CYS C 258 19.01 11.24 22.21
C CYS C 258 17.98 11.71 23.26
N LEU C 259 17.72 13.02 23.34
CA LEU C 259 16.84 13.61 24.38
C LEU C 259 15.39 13.15 24.14
N THR C 260 15.01 12.92 22.88
CA THR C 260 13.70 12.33 22.57
C THR C 260 13.63 10.93 23.20
N GLU C 261 14.68 10.13 23.04
CA GLU C 261 14.71 8.75 23.59
C GLU C 261 14.85 8.81 25.12
N VAL C 262 15.59 9.80 25.64
CA VAL C 262 15.69 10.03 27.12
C VAL C 262 14.28 10.22 27.67
N SER C 263 13.45 11.00 26.96
CA SER C 263 12.05 11.30 27.32
C SER C 263 11.21 10.01 27.38
N ASN C 264 11.63 8.94 26.68
CA ASN C 264 10.92 7.63 26.66
C ASN C 264 11.53 6.62 27.67
N LEU C 265 12.57 6.97 28.45
CA LEU C 265 13.18 6.01 29.40
C LEU C 265 12.12 5.59 30.43
N LYS C 266 12.19 4.36 30.92
CA LYS C 266 11.38 3.91 32.08
C LYS C 266 12.04 4.50 33.33
N ILE C 267 11.26 5.31 34.07
CA ILE C 267 11.72 6.25 35.13
C ILE C 267 10.81 6.08 36.36
N PRO C 268 11.34 6.12 37.60
CA PRO C 268 10.49 6.17 38.80
C PRO C 268 9.48 7.34 38.77
N GLN C 269 8.28 7.14 39.30
CA GLN C 269 7.10 8.04 39.12
C GLN C 269 6.80 8.86 40.39
N ASP C 270 7.44 8.55 41.52
CA ASP C 270 7.10 9.14 42.85
C ASP C 270 8.38 9.75 43.44
N ASN C 271 9.22 10.34 42.60
CA ASN C 271 10.56 10.86 42.98
C ASN C 271 10.68 12.33 42.53
N ASP C 272 10.68 13.26 43.48
CA ASP C 272 10.69 14.73 43.23
C ASP C 272 12.02 15.17 42.59
N LEU C 273 13.15 14.56 42.96
CA LEU C 273 14.47 14.90 42.38
C LEU C 273 14.47 14.55 40.88
N ILE C 274 14.03 13.34 40.54
CA ILE C 274 13.97 12.86 39.13
C ILE C 274 13.03 13.78 38.34
N LYS C 275 11.88 14.15 38.92
CA LYS C 275 10.94 15.08 38.27
C LYS C 275 11.66 16.40 37.97
N ARG C 276 12.45 16.93 38.91
CA ARG C 276 13.17 18.21 38.74
C ARG C 276 14.23 18.07 37.63
N GLN C 277 14.92 16.93 37.56
CA GLN C 277 15.90 16.65 36.48
C GLN C 277 15.19 16.60 35.11
N THR C 278 13.98 16.04 35.06
CA THR C 278 13.20 15.89 33.81
C THR C 278 12.76 17.28 33.32
N VAL C 279 12.30 18.12 34.24
CA VAL C 279 11.98 19.54 33.97
C VAL C 279 13.25 20.26 33.50
N LEU C 280 14.38 20.07 34.18
CA LEU C 280 15.61 20.87 33.98
C LEU C 280 16.17 20.63 32.58
N PHE C 281 16.27 19.37 32.11
CA PHE C 281 16.86 19.06 30.78
C PHE C 281 15.96 19.69 29.70
N PHE C 282 14.66 19.75 29.93
CA PHE C 282 13.69 20.36 28.98
C PHE C 282 13.94 21.86 28.92
N GLN C 283 14.04 22.50 30.09
CA GLN C 283 14.36 23.96 30.24
C GLN C 283 15.69 24.27 29.53
N ASN C 284 16.73 23.49 29.81
CA ASN C 284 18.08 23.65 29.21
C ASN C 284 17.95 23.55 27.69
N THR C 285 17.25 22.53 27.20
CA THR C 285 17.17 22.26 25.74
C THR C 285 16.48 23.45 25.05
N LEU C 286 15.31 23.86 25.55
CA LEU C 286 14.54 24.98 24.96
C LEU C 286 15.34 26.29 25.10
N GLN C 287 16.07 26.49 26.20
CA GLN C 287 16.90 27.72 26.35
C GLN C 287 17.96 27.72 25.25
N GLN C 288 18.60 26.57 24.96
CA GLN C 288 19.68 26.51 23.92
C GLN C 288 19.06 26.80 22.56
N ILE C 289 17.85 26.31 22.29
CA ILE C 289 17.16 26.53 20.99
C ILE C 289 16.94 28.03 20.80
N ALA C 290 16.31 28.68 21.79
CA ALA C 290 15.91 30.10 21.78
C ALA C 290 17.12 31.02 21.64
N THR C 291 18.29 30.61 22.16
CA THR C 291 19.51 31.46 22.20
C THR C 291 20.43 31.14 21.02
N SER C 292 20.51 29.88 20.59
CA SER C 292 21.50 29.40 19.57
C SER C 292 20.86 29.13 18.20
N VAL C 293 19.54 28.95 18.10
CA VAL C 293 18.94 28.52 16.80
C VAL C 293 17.90 29.55 16.34
N MET C 294 16.78 29.67 17.03
CA MET C 294 15.76 30.68 16.65
C MET C 294 14.88 30.97 17.86
N PRO C 295 14.40 32.22 18.01
CA PRO C 295 13.45 32.55 19.07
C PRO C 295 12.06 31.96 18.81
N VAL C 296 11.23 32.02 19.85
CA VAL C 296 9.86 31.45 19.89
C VAL C 296 9.02 32.08 18.75
N THR C 297 9.31 33.33 18.40
CA THR C 297 8.54 34.12 17.39
C THR C 297 8.94 33.76 15.96
N ALA C 298 10.02 33.00 15.75
CA ALA C 298 10.62 32.77 14.41
C ALA C 298 9.58 32.11 13.48
N ASP C 299 9.61 32.51 12.21
CA ASP C 299 8.72 31.99 11.14
C ASP C 299 9.30 30.65 10.65
N LEU C 300 8.91 29.54 11.25
CA LEU C 300 9.48 28.20 10.91
C LEU C 300 8.91 27.75 9.55
N LYS C 301 7.72 28.22 9.18
CA LYS C 301 7.10 27.92 7.87
C LYS C 301 8.05 28.42 6.79
N ALA C 302 8.52 29.66 6.93
CA ALA C 302 9.48 30.32 6.01
C ALA C 302 10.82 29.58 6.02
N THR C 303 11.41 29.33 7.19
CA THR C 303 12.73 28.63 7.32
C THR C 303 12.63 27.25 6.63
N TYR C 304 11.61 26.46 6.98
CA TYR C 304 11.44 25.08 6.46
C TYR C 304 11.36 25.14 4.93
N ALA C 305 10.54 26.05 4.38
CA ALA C 305 10.31 26.21 2.93
C ALA C 305 11.64 26.47 2.24
N ASN C 306 12.53 27.25 2.89
CA ASN C 306 13.82 27.71 2.33
C ASN C 306 14.81 26.55 2.24
N ALA C 307 14.69 25.56 3.13
CA ALA C 307 15.36 24.23 3.02
C ALA C 307 16.89 24.40 3.03
N ASN C 308 17.41 25.41 3.72
CA ASN C 308 18.88 25.61 3.88
C ASN C 308 19.45 24.46 4.71
N GLY C 309 20.60 23.93 4.30
CA GLY C 309 21.33 22.86 5.01
C GLY C 309 20.38 21.86 5.64
N ASN C 310 20.55 21.55 6.93
CA ASN C 310 19.84 20.45 7.63
C ASN C 310 18.65 21.01 8.41
N ASP C 311 18.15 22.18 8.03
CA ASP C 311 17.08 22.91 8.76
C ASP C 311 15.81 22.06 8.80
N GLN C 312 15.44 21.42 7.69
CA GLN C 312 14.19 20.63 7.62
C GLN C 312 14.26 19.47 8.62
N SER C 313 15.33 18.66 8.59
CA SER C 313 15.54 17.53 9.52
C SER C 313 15.55 18.03 10.96
N PHE C 314 16.20 19.16 11.22
CA PHE C 314 16.29 19.71 12.60
C PHE C 314 14.88 20.07 13.10
N LEU C 315 14.07 20.74 12.27
CA LEU C 315 12.70 21.17 12.65
C LEU C 315 11.80 19.93 12.83
N GLN C 316 11.95 18.92 11.97
CA GLN C 316 11.28 17.60 12.15
C GLN C 316 11.66 17.03 13.53
N ASP C 317 12.96 16.99 13.83
CA ASP C 317 13.45 16.41 15.10
C ASP C 317 12.94 17.25 16.29
N LEU C 318 12.81 18.55 16.13
CA LEU C 318 12.32 19.42 17.24
C LEU C 318 10.86 19.09 17.51
N ALA C 319 10.05 18.93 16.46
CA ALA C 319 8.63 18.54 16.59
C ALA C 319 8.55 17.20 17.32
N MET C 320 9.37 16.23 16.93
CA MET C 320 9.38 14.89 17.56
C MET C 320 9.75 15.04 19.04
N PHE C 321 10.75 15.85 19.34
CA PHE C 321 11.22 16.02 20.74
C PHE C 321 10.12 16.67 21.58
N LEU C 322 9.62 17.83 21.16
CA LEU C 322 8.57 18.55 21.93
C LEU C 322 7.33 17.67 22.12
N THR C 323 6.81 17.06 21.05
CA THR C 323 5.56 16.25 21.16
C THR C 323 5.80 15.06 22.10
N THR C 324 6.94 14.36 21.94
CA THR C 324 7.27 13.18 22.79
C THR C 324 7.34 13.63 24.24
N TYR C 325 8.14 14.66 24.52
CA TYR C 325 8.34 15.12 25.90
C TYR C 325 7.00 15.57 26.48
N LEU C 326 6.27 16.44 25.78
CA LEU C 326 5.06 17.09 26.36
C LEU C 326 3.94 16.03 26.53
N ALA C 327 3.83 15.06 25.62
CA ALA C 327 2.81 13.99 25.73
C ALA C 327 3.00 13.25 27.06
N ARG C 328 4.24 13.10 27.51
CA ARG C 328 4.54 12.37 28.77
C ARG C 328 4.60 13.30 29.99
N ASN C 329 5.10 14.53 29.85
CA ASN C 329 5.61 15.32 31.01
C ASN C 329 4.92 16.68 31.19
N ARG C 330 3.97 17.08 30.34
CA ARG C 330 3.51 18.49 30.43
C ARG C 330 2.87 18.73 31.80
N ALA C 331 2.28 17.72 32.44
CA ALA C 331 1.70 17.83 33.80
C ALA C 331 2.76 18.31 34.80
N LEU C 332 4.04 17.94 34.62
CA LEU C 332 5.17 18.43 35.46
C LEU C 332 5.25 19.95 35.39
N LEU C 333 4.90 20.54 34.24
CA LEU C 333 5.08 21.99 33.97
C LEU C 333 3.84 22.82 34.30
N GLU C 334 2.72 22.20 34.65
CA GLU C 334 1.39 22.88 34.63
C GLU C 334 1.01 23.55 35.96
N SER C 335 1.50 23.09 37.10
CA SER C 335 1.02 23.57 38.43
C SER C 335 2.00 24.59 39.05
N ASP C 336 3.28 24.54 38.69
CA ASP C 336 4.32 25.46 39.19
C ASP C 336 4.31 26.74 38.33
N GLU C 337 3.98 27.90 38.92
CA GLU C 337 3.82 29.17 38.17
C GLU C 337 5.15 29.59 37.53
N SER C 338 6.27 29.13 38.09
CA SER C 338 7.64 29.45 37.60
C SER C 338 7.95 28.64 36.32
N LEU C 339 7.18 27.60 36.00
CA LEU C 339 7.41 26.79 34.78
C LEU C 339 6.38 27.12 33.71
N ARG C 340 5.49 28.09 33.97
CA ARG C 340 4.39 28.44 33.04
C ARG C 340 4.98 28.95 31.72
N GLU C 341 5.99 29.83 31.77
CA GLU C 341 6.61 30.43 30.56
C GLU C 341 7.24 29.32 29.72
N LEU C 342 7.96 28.39 30.34
CA LEU C 342 8.56 27.20 29.66
C LEU C 342 7.45 26.41 28.95
N LEU C 343 6.39 26.10 29.68
CA LEU C 343 5.27 25.29 29.15
C LEU C 343 4.70 25.97 27.90
N LEU C 344 4.40 27.27 27.98
CA LEU C 344 3.73 27.98 26.88
C LEU C 344 4.72 28.24 25.74
N ASN C 345 6.00 28.44 26.03
CA ASN C 345 7.02 28.64 24.97
C ASN C 345 7.17 27.35 24.15
N ALA C 346 7.24 26.20 24.83
CA ALA C 346 7.32 24.88 24.16
C ALA C 346 6.11 24.68 23.22
N HIS C 347 4.92 25.02 23.69
CA HIS C 347 3.66 24.91 22.90
C HIS C 347 3.66 25.95 21.79
N GLN C 348 4.24 27.13 22.02
CA GLN C 348 4.36 28.18 20.97
C GLN C 348 5.29 27.69 19.86
N TYR C 349 6.39 27.02 20.18
CA TYR C 349 7.28 26.40 19.15
C TYR C 349 6.43 25.41 18.33
N LEU C 350 5.60 24.61 18.99
CA LEU C 350 4.73 23.62 18.31
C LEU C 350 3.69 24.30 17.41
N ILE C 351 3.10 25.42 17.83
CA ILE C 351 2.20 26.24 16.98
C ILE C 351 2.97 26.66 15.72
N GLN C 352 4.20 27.16 15.87
CA GLN C 352 5.01 27.61 14.71
C GLN C 352 5.35 26.40 13.81
N LEU C 353 5.68 25.25 14.38
CA LEU C 353 6.01 24.04 13.58
C LEU C 353 4.76 23.58 12.81
N SER C 354 3.57 23.76 13.41
CA SER C 354 2.28 23.32 12.84
C SER C 354 1.97 24.14 11.58
N LYS C 355 2.60 25.29 11.38
CA LYS C 355 2.34 26.16 10.22
C LYS C 355 3.22 25.77 9.03
N ILE C 356 4.19 24.88 9.23
CA ILE C 356 5.07 24.40 8.13
C ILE C 356 4.21 23.68 7.08
N GLU C 357 4.43 23.97 5.80
CA GLU C 357 3.74 23.26 4.68
C GLU C 357 4.50 21.96 4.42
N GLU C 358 4.18 20.94 5.19
CA GLU C 358 4.80 19.60 5.10
C GLU C 358 3.81 18.63 5.70
N ARG C 359 3.11 17.89 4.86
CA ARG C 359 1.96 17.07 5.28
C ARG C 359 2.37 16.15 6.44
N GLU C 360 3.50 15.45 6.32
CA GLU C 360 3.86 14.37 7.27
C GLU C 360 4.29 14.96 8.61
N LEU C 361 4.93 16.14 8.59
CA LEU C 361 5.27 16.89 9.81
C LEU C 361 3.97 17.40 10.47
N PHE C 362 3.04 17.94 9.68
CA PHE C 362 1.73 18.40 10.18
C PHE C 362 1.01 17.28 10.93
N LYS C 363 1.03 16.06 10.39
CA LYS C 363 0.37 14.89 11.04
C LYS C 363 1.02 14.61 12.40
N THR C 364 2.34 14.75 12.48
CA THR C 364 3.08 14.50 13.74
C THR C 364 2.60 15.51 14.78
N THR C 365 2.53 16.79 14.43
CA THR C 365 2.08 17.83 15.40
C THR C 365 0.59 17.62 15.68
N LEU C 366 -0.21 17.20 14.70
CA LEU C 366 -1.67 17.02 14.90
C LEU C 366 -1.97 15.93 15.93
N ASP C 367 -1.23 14.82 15.87
CA ASP C 367 -1.33 13.71 16.85
C ASP C 367 -1.14 14.29 18.26
N TYR C 368 -0.17 15.20 18.43
CA TYR C 368 0.09 15.81 19.75
C TYR C 368 -1.09 16.71 20.11
N TRP C 369 -1.51 17.58 19.20
CA TRP C 369 -2.64 18.50 19.47
C TRP C 369 -3.88 17.69 19.88
N HIS C 370 -4.11 16.53 19.26
CA HIS C 370 -5.25 15.63 19.59
C HIS C 370 -5.12 15.18 21.06
N ASN C 371 -3.94 14.71 21.45
CA ASN C 371 -3.61 14.34 22.85
C ASN C 371 -3.94 15.54 23.77
N LEU C 372 -3.47 16.75 23.43
CA LEU C 372 -3.63 17.93 24.32
C LEU C 372 -5.12 18.26 24.45
N VAL C 373 -5.82 18.47 23.34
CA VAL C 373 -7.19 19.06 23.40
C VAL C 373 -8.15 18.03 24.01
N ALA C 374 -7.89 16.73 23.81
CA ALA C 374 -8.68 15.64 24.43
C ALA C 374 -8.52 15.74 25.96
N ASP C 375 -7.30 16.00 26.42
CA ASP C 375 -6.98 16.15 27.86
C ASP C 375 -7.66 17.42 28.42
N LEU C 376 -7.64 18.54 27.68
CA LEU C 376 -8.29 19.79 28.11
C LEU C 376 -9.81 19.62 28.17
N PHE C 377 -10.36 18.73 27.33
CA PHE C 377 -11.80 18.43 27.30
C PHE C 377 -12.23 17.71 28.58
N TYR C 378 -11.39 16.83 29.12
CA TYR C 378 -11.77 16.00 30.29
C TYR C 378 -11.09 16.41 31.61
N GLU C 379 -9.82 16.80 31.57
CA GLU C 379 -9.07 17.07 32.84
C GLU C 379 -9.49 18.39 33.46
N PRO C 380 -9.85 18.39 34.77
CA PRO C 380 -10.26 19.61 35.48
C PRO C 380 -9.13 20.63 35.67
N LEU C 381 -9.49 21.92 35.58
CA LEU C 381 -8.61 23.10 35.78
C LEU C 381 -7.41 23.12 34.82
N LYS C 382 -7.56 22.71 33.57
CA LYS C 382 -6.40 22.72 32.63
C LYS C 382 -6.63 23.66 31.44
N LYS C 383 -7.83 23.73 30.87
CA LYS C 383 -8.05 24.45 29.59
C LYS C 383 -7.53 25.89 29.71
N HIS C 384 -7.76 26.59 30.83
CA HIS C 384 -7.43 28.03 31.01
C HIS C 384 -5.92 28.30 30.76
N ILE C 385 -5.04 27.36 31.09
CA ILE C 385 -3.57 27.47 30.85
C ILE C 385 -3.33 27.75 29.36
N TYR C 386 -4.11 27.12 28.48
CA TYR C 386 -3.77 26.94 27.06
C TYR C 386 -4.64 27.81 26.15
N GLU C 387 -5.34 28.81 26.69
CA GLU C 387 -6.39 29.55 25.93
C GLU C 387 -5.78 30.22 24.70
N GLU C 388 -4.62 30.86 24.83
CA GLU C 388 -3.97 31.56 23.67
C GLU C 388 -3.40 30.51 22.71
N ILE C 389 -2.85 29.39 23.21
CA ILE C 389 -2.36 28.29 22.35
C ILE C 389 -3.54 27.74 21.53
N CYS C 390 -4.67 27.51 22.18
CA CYS C 390 -5.87 26.90 21.54
C CYS C 390 -6.44 27.84 20.48
N SER C 391 -6.44 29.14 20.75
CA SER C 391 -6.98 30.17 19.83
C SER C 391 -6.15 30.17 18.55
N GLN C 392 -4.83 30.13 18.67
CA GLN C 392 -3.92 30.03 17.52
C GLN C 392 -4.18 28.72 16.78
N LEU C 393 -4.31 27.60 17.51
CA LEU C 393 -4.49 26.25 16.91
C LEU C 393 -5.81 26.20 16.11
N ARG C 394 -6.88 26.85 16.59
CA ARG C 394 -8.16 26.92 15.85
C ARG C 394 -7.87 27.42 14.43
N LEU C 395 -7.10 28.50 14.30
CA LEU C 395 -6.81 29.09 12.96
C LEU C 395 -5.98 28.10 12.14
N VAL C 396 -4.93 27.52 12.73
CA VAL C 396 -4.06 26.53 12.03
C VAL C 396 -4.92 25.39 11.48
N ILE C 397 -5.82 24.81 12.29
CA ILE C 397 -6.61 23.61 11.86
C ILE C 397 -7.57 24.03 10.74
N ILE C 398 -8.27 25.16 10.90
CA ILE C 398 -9.27 25.66 9.92
C ILE C 398 -8.57 25.91 8.59
N GLU C 399 -7.39 26.56 8.61
CA GLU C 399 -6.61 26.86 7.38
C GLU C 399 -6.02 25.59 6.77
N ASN C 400 -5.93 24.48 7.51
CA ASN C 400 -5.31 23.23 7.01
C ASN C 400 -6.34 22.12 6.81
N MET C 401 -7.64 22.43 6.86
CA MET C 401 -8.71 21.41 6.78
C MET C 401 -8.62 20.75 5.40
N VAL C 402 -8.63 19.42 5.36
CA VAL C 402 -8.64 18.64 4.08
C VAL C 402 -10.06 18.12 3.82
N ARG C 403 -10.32 17.75 2.57
CA ARG C 403 -11.59 17.10 2.13
C ARG C 403 -11.80 15.82 2.95
N PRO C 404 -13.05 15.43 3.26
CA PRO C 404 -13.31 14.19 4.00
C PRO C 404 -12.89 12.88 3.30
N GLU C 405 -12.55 12.99 2.01
CA GLU C 405 -12.04 11.87 1.18
C GLU C 405 -10.71 11.39 1.76
N GLU C 406 -9.92 12.32 2.31
CA GLU C 406 -8.65 11.96 3.01
C GLU C 406 -9.13 11.59 4.42
N ILE C 407 -9.53 10.33 4.57
CA ILE C 407 -10.27 9.78 5.75
C ILE C 407 -9.51 9.89 7.08
N GLN C 408 -8.24 9.49 7.14
CA GLN C 408 -7.52 9.57 8.43
C GLN C 408 -7.21 11.02 8.81
N LEU C 409 -6.70 11.82 7.86
CA LEU C 409 -6.30 13.21 8.16
C LEU C 409 -7.56 14.03 8.46
N TYR C 410 -8.63 13.86 7.68
CA TYR C 410 -9.88 14.61 7.92
C TYR C 410 -10.40 14.24 9.31
N LYS C 411 -10.42 12.95 9.65
CA LYS C 411 -10.91 12.47 10.96
C LYS C 411 -10.11 13.12 12.11
N SER C 412 -8.79 13.11 12.01
CA SER C 412 -7.87 13.65 13.05
C SER C 412 -8.16 15.15 13.20
N GLU C 413 -8.22 15.87 12.08
CA GLU C 413 -8.43 17.33 12.04
C GLU C 413 -9.82 17.64 12.63
N ARG C 414 -10.85 16.92 12.21
CA ARG C 414 -12.23 17.15 12.72
C ARG C 414 -12.24 16.97 14.24
N GLU C 415 -11.68 15.88 14.74
CA GLU C 415 -11.70 15.57 16.20
C GLU C 415 -11.01 16.71 16.96
N VAL C 416 -9.90 17.22 16.43
CA VAL C 416 -9.15 18.30 17.12
C VAL C 416 -10.02 19.55 17.09
N LEU C 417 -10.61 19.87 15.94
CA LEU C 417 -11.42 21.11 15.80
C LEU C 417 -12.68 20.99 16.66
N VAL C 418 -13.27 19.79 16.77
CA VAL C 418 -14.49 19.59 17.60
C VAL C 418 -14.16 19.88 19.06
N TYR C 419 -13.08 19.31 19.58
CA TYR C 419 -12.60 19.57 20.95
C TYR C 419 -12.40 21.08 21.14
N LEU C 420 -11.73 21.73 20.19
CA LEU C 420 -11.38 23.18 20.27
C LEU C 420 -12.65 24.02 20.27
N THR C 421 -13.67 23.58 19.53
CA THR C 421 -14.95 24.32 19.38
C THR C 421 -15.70 24.23 20.70
N HIS C 422 -15.73 23.05 21.31
CA HIS C 422 -16.33 22.83 22.65
C HIS C 422 -15.66 23.76 23.66
N LEU C 423 -14.33 23.81 23.64
CA LEU C 423 -13.53 24.62 24.61
C LEU C 423 -13.84 26.11 24.46
N ASN C 424 -14.07 26.60 23.24
CA ASN C 424 -14.44 28.03 23.06
C ASN C 424 -15.20 28.18 21.74
N VAL C 425 -16.53 28.06 21.82
CA VAL C 425 -17.42 28.05 20.63
C VAL C 425 -17.44 29.46 20.03
N ILE C 426 -17.34 30.49 20.87
CA ILE C 426 -17.37 31.91 20.40
C ILE C 426 -16.13 32.16 19.53
N ASP C 427 -14.96 31.74 19.98
CA ASP C 427 -13.68 31.94 19.25
C ASP C 427 -13.76 31.19 17.90
N THR C 428 -14.23 29.95 17.91
CA THR C 428 -14.34 29.14 16.67
C THR C 428 -15.24 29.84 15.65
N GLU C 429 -16.44 30.23 16.07
CA GLU C 429 -17.42 30.93 15.20
C GLU C 429 -16.78 32.20 14.63
N GLU C 430 -16.18 33.05 15.49
CA GLU C 430 -15.58 34.34 15.07
C GLU C 430 -14.55 34.09 13.97
N ILE C 431 -13.67 33.10 14.15
CA ILE C 431 -12.60 32.79 13.16
C ILE C 431 -13.26 32.37 11.84
N MET C 432 -14.23 31.46 11.90
CA MET C 432 -14.88 30.92 10.68
C MET C 432 -15.63 32.03 9.95
N ILE C 433 -16.38 32.87 10.67
CA ILE C 433 -17.15 33.99 10.06
C ILE C 433 -16.20 35.05 9.47
N SER C 434 -15.11 35.40 10.15
CA SER C 434 -14.13 36.38 9.63
C SER C 434 -13.36 35.79 8.42
N LYS C 435 -13.10 34.48 8.42
CA LYS C 435 -12.48 33.81 7.24
C LYS C 435 -13.44 33.90 6.05
N LEU C 436 -14.75 33.73 6.30
CA LEU C 436 -15.82 33.84 5.27
C LEU C 436 -15.83 35.27 4.71
N ALA C 437 -15.67 36.27 5.57
CA ALA C 437 -15.65 37.71 5.20
C ALA C 437 -14.48 38.00 4.25
N ARG C 438 -13.34 37.32 4.43
CA ARG C 438 -12.12 37.48 3.59
C ARG C 438 -12.28 36.69 2.27
N GLN C 439 -13.22 35.75 2.20
CA GLN C 439 -13.67 35.15 0.91
C GLN C 439 -14.53 36.17 0.17
N ILE C 440 -15.47 36.81 0.88
CA ILE C 440 -16.45 37.76 0.32
C ILE C 440 -15.76 39.06 -0.14
N ASP C 441 -14.74 39.54 0.58
CA ASP C 441 -14.03 40.81 0.25
C ASP C 441 -12.91 40.53 -0.78
N GLY C 442 -12.71 39.29 -1.20
CA GLY C 442 -11.77 38.93 -2.28
C GLY C 442 -10.33 38.79 -1.81
N SER C 443 -10.00 39.22 -0.59
CA SER C 443 -8.61 39.27 -0.06
C SER C 443 -8.00 37.87 -0.02
N GLU C 444 -8.80 36.85 0.34
CA GLU C 444 -8.35 35.44 0.46
C GLU C 444 -9.12 34.52 -0.51
N TRP C 445 -9.98 35.07 -1.37
CA TRP C 445 -10.81 34.28 -2.32
C TRP C 445 -9.94 33.37 -3.17
N SER C 446 -10.27 32.08 -3.19
CA SER C 446 -9.84 31.07 -4.19
C SER C 446 -10.71 29.84 -3.99
N TRP C 447 -10.79 29.00 -5.01
CA TRP C 447 -11.55 27.73 -4.96
C TRP C 447 -11.03 26.91 -3.78
N HIS C 448 -9.71 26.74 -3.66
CA HIS C 448 -9.09 25.95 -2.57
C HIS C 448 -9.49 26.52 -1.21
N ASN C 449 -9.50 27.85 -1.07
CA ASN C 449 -9.72 28.55 0.23
C ASN C 449 -11.21 28.48 0.63
N ILE C 450 -12.15 28.67 -0.30
CA ILE C 450 -13.60 28.54 0.02
C ILE C 450 -13.92 27.07 0.31
N ASN C 451 -13.30 26.13 -0.44
CA ASN C 451 -13.45 24.67 -0.24
C ASN C 451 -12.96 24.32 1.18
N THR C 452 -11.75 24.74 1.54
CA THR C 452 -11.08 24.46 2.84
C THR C 452 -12.01 24.93 3.97
N LEU C 453 -12.50 26.16 3.86
CA LEU C 453 -13.34 26.78 4.92
C LEU C 453 -14.67 26.03 5.03
N SER C 454 -15.24 25.61 3.90
CA SER C 454 -16.51 24.85 3.86
C SER C 454 -16.33 23.52 4.60
N TRP C 455 -15.23 22.81 4.32
CA TRP C 455 -14.90 21.53 4.99
C TRP C 455 -14.75 21.74 6.51
N ALA C 456 -14.05 22.81 6.94
CA ALA C 456 -13.90 23.16 8.37
C ALA C 456 -15.27 23.46 8.99
N ILE C 457 -16.10 24.27 8.32
CA ILE C 457 -17.45 24.66 8.83
C ILE C 457 -18.30 23.39 9.00
N GLY C 458 -18.27 22.49 8.02
CA GLY C 458 -18.99 21.20 8.05
C GLY C 458 -18.51 20.31 9.18
N SER C 459 -17.21 20.34 9.50
CA SER C 459 -16.56 19.38 10.42
C SER C 459 -17.10 19.51 11.85
N ILE C 460 -17.57 20.69 12.26
CA ILE C 460 -17.91 20.98 13.68
C ILE C 460 -19.41 20.81 13.92
N SER C 461 -20.18 20.34 12.94
CA SER C 461 -21.62 20.04 13.10
C SER C 461 -21.82 19.18 14.35
N GLY C 462 -22.74 19.58 15.23
CA GLY C 462 -23.09 18.84 16.47
C GLY C 462 -22.39 19.36 17.71
N THR C 463 -21.47 20.29 17.54
CA THR C 463 -20.68 20.78 18.70
C THR C 463 -21.39 21.92 19.40
N MET C 464 -22.04 22.78 18.64
CA MET C 464 -22.78 23.96 19.17
C MET C 464 -24.13 23.47 19.72
N SER C 465 -24.72 24.24 20.62
CA SER C 465 -26.14 24.11 21.03
C SER C 465 -27.01 24.26 19.78
N GLU C 466 -28.20 23.69 19.79
CA GLU C 466 -29.11 23.75 18.61
C GLU C 466 -29.41 25.22 18.26
N ASP C 467 -29.65 26.07 19.28
CA ASP C 467 -29.93 27.52 19.09
C ASP C 467 -28.72 28.22 18.47
N THR C 468 -27.51 27.99 18.99
CA THR C 468 -26.27 28.63 18.47
C THR C 468 -26.00 28.13 17.05
N GLU C 469 -26.12 26.83 16.83
CA GLU C 469 -25.98 26.20 15.51
C GLU C 469 -26.94 26.85 14.50
N LYS C 470 -28.19 27.03 14.88
CA LYS C 470 -29.24 27.61 14.01
C LYS C 470 -28.76 28.99 13.53
N ARG C 471 -28.43 29.89 14.46
CA ARG C 471 -27.93 31.25 14.12
C ARG C 471 -26.70 31.12 13.22
N PHE C 472 -25.77 30.24 13.58
CA PHE C 472 -24.49 30.06 12.85
C PHE C 472 -24.76 29.59 11.41
N VAL C 473 -25.58 28.56 11.23
CA VAL C 473 -25.84 27.95 9.89
C VAL C 473 -26.53 28.99 9.01
N VAL C 474 -27.55 29.68 9.53
CA VAL C 474 -28.27 30.70 8.74
C VAL C 474 -27.25 31.75 8.29
N THR C 475 -26.38 32.22 9.20
CA THR C 475 -25.35 33.25 8.88
C THR C 475 -24.46 32.74 7.74
N VAL C 476 -23.93 31.53 7.86
CA VAL C 476 -23.03 30.91 6.84
C VAL C 476 -23.76 30.82 5.49
N ILE C 477 -24.98 30.27 5.49
CA ILE C 477 -25.77 30.06 4.23
C ILE C 477 -26.03 31.43 3.59
N LYS C 478 -26.46 32.44 4.35
CA LYS C 478 -26.67 33.84 3.86
C LYS C 478 -25.39 34.34 3.16
N ASP C 479 -24.25 34.19 3.82
CA ASP C 479 -22.94 34.69 3.35
C ASP C 479 -22.51 33.97 2.06
N LEU C 480 -22.66 32.64 2.00
CA LEU C 480 -22.30 31.83 0.80
C LEU C 480 -23.25 32.16 -0.36
N LEU C 481 -24.52 32.42 -0.07
CA LEU C 481 -25.54 32.83 -1.09
C LEU C 481 -25.17 34.19 -1.67
N GLY C 482 -24.76 35.15 -0.82
CA GLY C 482 -24.27 36.46 -1.26
C GLY C 482 -23.00 36.33 -2.08
N LEU C 483 -22.10 35.41 -1.69
CA LEU C 483 -20.83 35.15 -2.39
C LEU C 483 -21.12 34.63 -3.81
N THR C 484 -22.08 33.71 -3.95
CA THR C 484 -22.51 33.13 -5.25
C THR C 484 -23.01 34.23 -6.18
N GLU C 485 -23.96 35.06 -5.72
CA GLU C 485 -24.55 36.19 -6.51
C GLU C 485 -23.44 37.11 -7.01
N GLN C 486 -22.54 37.51 -6.09
CA GLN C 486 -21.40 38.43 -6.33
C GLN C 486 -20.52 37.86 -7.44
N LYS C 487 -20.22 36.57 -7.38
CA LYS C 487 -19.25 35.90 -8.29
C LYS C 487 -19.81 35.87 -9.72
N ARG C 488 -18.91 36.05 -10.69
CA ARG C 488 -19.22 36.04 -12.15
C ARG C 488 -18.63 34.78 -12.76
N GLY C 489 -19.34 34.16 -13.72
CA GLY C 489 -18.92 32.98 -14.47
C GLY C 489 -19.42 31.71 -13.84
N LYS C 490 -19.70 30.69 -14.65
CA LYS C 490 -20.29 29.39 -14.23
C LYS C 490 -19.33 28.67 -13.28
N ASP C 491 -18.02 28.70 -13.59
CA ASP C 491 -16.95 28.01 -12.81
C ASP C 491 -17.04 28.47 -11.35
N ASN C 492 -16.97 29.78 -11.12
CA ASN C 492 -17.02 30.43 -9.79
C ASN C 492 -18.33 30.07 -9.07
N LYS C 493 -19.47 30.25 -9.73
CA LYS C 493 -20.81 30.02 -9.13
C LYS C 493 -20.94 28.55 -8.72
N ALA C 494 -20.40 27.61 -9.50
CA ALA C 494 -20.54 26.16 -9.27
C ALA C 494 -19.70 25.74 -8.06
N VAL C 495 -18.53 26.35 -7.91
CA VAL C 495 -17.63 26.09 -6.73
C VAL C 495 -18.40 26.43 -5.45
N VAL C 496 -19.03 27.60 -5.39
CA VAL C 496 -19.69 28.08 -4.15
C VAL C 496 -20.98 27.26 -3.94
N ALA C 497 -21.71 26.96 -5.02
CA ALA C 497 -22.95 26.16 -4.96
C ALA C 497 -22.64 24.76 -4.38
N ARG C 498 -21.55 24.11 -4.83
CA ARG C 498 -21.08 22.81 -4.26
C ARG C 498 -20.85 22.97 -2.75
N ASP C 499 -20.25 24.09 -2.35
CA ASP C 499 -19.86 24.34 -0.93
C ASP C 499 -21.11 24.59 -0.08
N ILE C 500 -22.10 25.30 -0.63
CA ILE C 500 -23.42 25.46 0.06
C ILE C 500 -24.02 24.06 0.27
N MET C 501 -24.10 23.28 -0.83
N MET C 501 -24.07 23.23 -0.77
CA MET C 501 -24.59 21.87 -0.85
CA MET C 501 -24.71 21.89 -0.64
C MET C 501 -23.87 21.09 0.26
C MET C 501 -23.86 21.01 0.28
N TYR C 502 -22.54 21.19 0.29
CA TYR C 502 -21.68 20.44 1.24
C TYR C 502 -22.04 20.82 2.68
N VAL C 503 -22.10 22.12 2.96
CA VAL C 503 -22.36 22.61 4.35
C VAL C 503 -23.74 22.12 4.81
N VAL C 504 -24.77 22.32 3.99
CA VAL C 504 -26.17 21.93 4.30
C VAL C 504 -26.21 20.42 4.59
N GLY C 505 -25.51 19.63 3.77
CA GLY C 505 -25.45 18.17 3.94
C GLY C 505 -24.86 17.76 5.28
N GLU C 506 -24.05 18.62 5.91
CA GLU C 506 -23.37 18.28 7.19
C GLU C 506 -24.18 18.76 8.39
N TYR C 507 -25.33 19.43 8.19
CA TYR C 507 -26.15 19.94 9.31
C TYR C 507 -27.57 19.35 9.27
N PRO C 508 -27.71 18.01 9.38
CA PRO C 508 -29.04 17.40 9.36
C PRO C 508 -29.89 17.84 10.55
N ARG C 509 -29.27 18.09 11.72
CA ARG C 509 -30.08 18.53 12.89
C ARG C 509 -30.88 19.78 12.50
N PHE C 510 -30.24 20.71 11.80
CA PHE C 510 -30.83 21.99 11.30
C PHE C 510 -31.94 21.68 10.29
N LEU C 511 -31.65 20.81 9.30
CA LEU C 511 -32.63 20.44 8.25
C LEU C 511 -33.88 19.82 8.89
N LYS C 512 -33.71 18.93 9.88
CA LYS C 512 -34.81 18.20 10.53
C LYS C 512 -35.75 19.14 11.31
N ALA C 513 -35.25 20.31 11.72
CA ALA C 513 -36.00 21.32 12.51
C ALA C 513 -36.67 22.34 11.58
N HIS C 514 -36.24 22.40 10.31
CA HIS C 514 -36.69 23.44 9.33
C HIS C 514 -37.16 22.75 8.04
N TRP C 515 -38.33 22.08 8.09
CA TRP C 515 -38.88 21.32 6.93
C TRP C 515 -38.92 22.20 5.68
N ASN C 516 -39.43 23.43 5.80
CA ASN C 516 -39.54 24.38 4.66
C ASN C 516 -38.18 24.50 3.96
N PHE C 517 -37.11 24.69 4.75
CA PHE C 517 -35.74 24.85 4.20
C PHE C 517 -35.28 23.53 3.57
N LEU C 518 -35.50 22.39 4.23
CA LEU C 518 -35.10 21.05 3.71
C LEU C 518 -35.73 20.83 2.33
N ARG C 519 -37.03 21.10 2.21
CA ARG C 519 -37.82 20.95 0.96
C ARG C 519 -37.18 21.81 -0.15
N THR C 520 -36.92 23.08 0.15
CA THR C 520 -36.23 24.05 -0.74
C THR C 520 -34.89 23.48 -1.20
N VAL C 521 -34.10 22.94 -0.28
CA VAL C 521 -32.76 22.40 -0.62
C VAL C 521 -32.94 21.25 -1.61
N ILE C 522 -33.84 20.32 -1.31
CA ILE C 522 -34.05 19.13 -2.18
C ILE C 522 -34.48 19.62 -3.57
N LEU C 523 -35.41 20.55 -3.65
CA LEU C 523 -35.94 21.04 -4.96
C LEU C 523 -34.83 21.73 -5.74
N LYS C 524 -33.92 22.43 -5.05
CA LYS C 524 -32.77 23.09 -5.72
C LYS C 524 -31.80 22.01 -6.21
N LEU C 525 -31.59 20.96 -5.43
CA LEU C 525 -30.75 19.80 -5.87
C LEU C 525 -31.34 19.20 -7.15
N PHE C 526 -32.67 19.07 -7.22
CA PHE C 526 -33.36 18.56 -8.43
C PHE C 526 -33.07 19.50 -9.60
N GLU C 527 -33.18 20.82 -9.41
CA GLU C 527 -32.84 21.82 -10.47
C GLU C 527 -31.40 21.56 -10.94
N PHE C 528 -30.47 21.35 -9.99
CA PHE C 528 -29.04 21.10 -10.29
C PHE C 528 -28.84 19.79 -11.08
N MET C 529 -29.77 18.85 -10.99
CA MET C 529 -29.66 17.56 -11.73
C MET C 529 -29.91 17.77 -13.23
N HIS C 530 -30.26 18.98 -13.68
CA HIS C 530 -30.35 19.37 -15.11
C HIS C 530 -29.14 20.21 -15.54
N GLU C 531 -28.30 20.62 -14.60
CA GLU C 531 -27.10 21.48 -14.85
C GLU C 531 -25.97 20.61 -15.42
N THR C 532 -25.60 20.82 -16.69
CA THR C 532 -24.59 20.01 -17.42
C THR C 532 -23.16 20.44 -17.07
N HIS C 533 -22.97 21.60 -16.41
CA HIS C 533 -21.64 22.07 -15.92
C HIS C 533 -21.00 20.93 -15.12
N GLU C 534 -19.75 20.56 -15.48
CA GLU C 534 -19.05 19.38 -14.91
C GLU C 534 -19.10 19.46 -13.38
N GLY C 535 -19.41 18.33 -12.73
CA GLY C 535 -19.35 18.18 -11.26
C GLY C 535 -20.67 18.48 -10.56
N VAL C 536 -21.56 19.25 -11.19
CA VAL C 536 -22.78 19.79 -10.53
C VAL C 536 -23.81 18.65 -10.32
N GLN C 537 -24.11 17.89 -11.38
CA GLN C 537 -25.04 16.73 -11.33
C GLN C 537 -24.54 15.74 -10.26
N ASP C 538 -23.24 15.42 -10.27
CA ASP C 538 -22.61 14.48 -9.29
C ASP C 538 -22.83 14.98 -7.85
N MET C 539 -22.55 16.26 -7.59
N MET C 539 -22.56 16.27 -7.58
CA MET C 539 -22.67 16.82 -6.21
CA MET C 539 -22.66 16.83 -6.22
C MET C 539 -24.15 16.89 -5.82
C MET C 539 -24.14 16.92 -5.82
N ALA C 540 -25.03 17.23 -6.76
CA ALA C 540 -26.51 17.21 -6.54
C ALA C 540 -26.93 15.81 -6.07
N CYS C 541 -26.52 14.76 -6.79
CA CYS C 541 -26.93 13.37 -6.48
C CYS C 541 -26.28 12.92 -5.17
N ASP C 542 -25.00 13.25 -4.98
CA ASP C 542 -24.22 12.92 -3.76
C ASP C 542 -24.86 13.61 -2.55
N THR C 543 -25.25 14.87 -2.67
CA THR C 543 -25.88 15.64 -1.57
C THR C 543 -27.27 15.08 -1.29
N PHE C 544 -28.01 14.73 -2.35
CA PHE C 544 -29.36 14.15 -2.23
C PHE C 544 -29.28 12.91 -1.33
N ILE C 545 -28.47 11.92 -1.68
CA ILE C 545 -28.43 10.64 -0.93
C ILE C 545 -27.88 10.89 0.48
N LYS C 546 -26.89 11.77 0.62
CA LYS C 546 -26.35 12.11 1.97
C LYS C 546 -27.46 12.69 2.84
N ILE C 547 -28.23 13.66 2.34
CA ILE C 547 -29.31 14.29 3.16
C ILE C 547 -30.35 13.22 3.48
N VAL C 548 -30.70 12.39 2.50
CA VAL C 548 -31.70 11.30 2.67
C VAL C 548 -31.23 10.34 3.77
N GLN C 549 -29.98 9.88 3.71
CA GLN C 549 -29.40 8.96 4.74
C GLN C 549 -29.62 9.56 6.14
N LYS C 550 -29.40 10.86 6.29
CA LYS C 550 -29.46 11.54 7.61
C LYS C 550 -30.89 11.94 7.98
N CYS C 551 -31.79 12.25 7.02
CA CYS C 551 -33.10 12.89 7.29
C CYS C 551 -34.28 12.07 6.72
N LYS C 552 -34.05 10.81 6.36
CA LYS C 552 -35.02 9.91 5.66
C LYS C 552 -36.42 10.03 6.28
N TYR C 553 -36.54 9.98 7.61
CA TYR C 553 -37.84 9.99 8.34
C TYR C 553 -38.67 11.20 7.88
N HIS C 554 -38.05 12.35 7.61
CA HIS C 554 -38.78 13.60 7.27
C HIS C 554 -39.40 13.51 5.86
N PHE C 555 -39.03 12.49 5.07
CA PHE C 555 -39.53 12.27 3.68
C PHE C 555 -40.71 11.27 3.70
N VAL C 556 -40.83 10.44 4.75
CA VAL C 556 -41.79 9.30 4.77
C VAL C 556 -43.07 9.72 5.53
N ILE C 557 -42.99 10.67 6.47
CA ILE C 557 -44.18 11.23 7.19
C ILE C 557 -44.78 12.34 6.33
N GLN C 558 -46.04 12.68 6.59
CA GLN C 558 -46.73 13.84 6.01
C GLN C 558 -46.38 15.06 6.88
N GLN C 559 -45.64 16.02 6.33
CA GLN C 559 -45.23 17.25 7.05
C GLN C 559 -46.46 18.14 7.19
N PRO C 560 -46.61 18.87 8.32
CA PRO C 560 -47.63 19.90 8.43
C PRO C 560 -47.65 20.78 7.17
N ARG C 561 -48.85 20.99 6.60
CA ARG C 561 -49.12 21.91 5.44
C ARG C 561 -48.59 21.31 4.12
N GLU C 562 -48.31 20.01 4.06
CA GLU C 562 -48.07 19.24 2.81
C GLU C 562 -49.27 18.33 2.59
N SER C 563 -49.57 17.96 1.35
CA SER C 563 -50.75 17.10 1.08
C SER C 563 -50.41 15.62 1.18
N GLU C 564 -49.11 15.27 1.10
CA GLU C 564 -48.71 13.85 1.18
C GLU C 564 -47.24 13.74 1.56
N PRO C 565 -46.73 12.56 1.99
CA PRO C 565 -45.30 12.36 2.26
C PRO C 565 -44.46 12.79 1.05
N PHE C 566 -43.33 13.44 1.32
CA PHE C 566 -42.53 14.03 0.23
C PHE C 566 -41.98 12.93 -0.70
N ILE C 567 -41.82 11.70 -0.19
CA ILE C 567 -41.38 10.54 -1.01
C ILE C 567 -42.36 10.36 -2.19
N GLN C 568 -43.66 10.62 -1.98
CA GLN C 568 -44.69 10.48 -3.05
C GLN C 568 -44.42 11.57 -4.09
N THR C 569 -44.12 12.79 -3.64
CA THR C 569 -43.83 13.95 -4.52
C THR C 569 -42.60 13.66 -5.38
N ILE C 570 -41.54 13.11 -4.79
CA ILE C 570 -40.29 12.71 -5.52
C ILE C 570 -40.64 11.65 -6.57
N ILE C 571 -41.32 10.59 -6.17
CA ILE C 571 -41.63 9.44 -7.10
C ILE C 571 -42.50 9.97 -8.24
N ARG C 572 -43.52 10.79 -7.94
CA ARG C 572 -44.49 11.29 -8.95
C ARG C 572 -43.81 12.12 -10.06
N ASP C 573 -42.64 12.71 -9.79
CA ASP C 573 -41.95 13.57 -10.78
C ASP C 573 -40.59 12.98 -11.20
N ILE C 574 -40.32 11.70 -10.89
CA ILE C 574 -38.96 11.09 -10.99
C ILE C 574 -38.45 11.11 -12.44
N GLN C 575 -39.31 10.87 -13.43
CA GLN C 575 -38.90 10.86 -14.86
C GLN C 575 -38.25 12.21 -15.21
N LYS C 576 -38.95 13.30 -14.90
CA LYS C 576 -38.51 14.69 -15.16
C LYS C 576 -37.23 14.95 -14.35
N THR C 577 -37.26 14.69 -13.04
CA THR C 577 -36.12 14.97 -12.12
C THR C 577 -34.84 14.33 -12.67
N THR C 578 -34.90 13.07 -13.14
CA THR C 578 -33.73 12.23 -13.49
C THR C 578 -33.42 12.27 -15.00
N ALA C 579 -34.22 13.02 -15.78
CA ALA C 579 -34.20 13.00 -17.27
C ALA C 579 -32.78 13.22 -17.81
N ASP C 580 -31.99 14.12 -17.21
CA ASP C 580 -30.70 14.56 -17.80
C ASP C 580 -29.52 13.86 -17.10
N LEU C 581 -29.77 12.94 -16.17
CA LEU C 581 -28.69 12.30 -15.39
C LEU C 581 -28.08 11.16 -16.21
N GLN C 582 -26.80 10.86 -15.97
CA GLN C 582 -26.12 9.64 -16.48
C GLN C 582 -26.65 8.44 -15.71
N PRO C 583 -26.56 7.22 -16.27
CA PRO C 583 -27.06 6.01 -15.58
C PRO C 583 -26.63 5.87 -14.11
N GLN C 584 -25.34 6.00 -13.78
CA GLN C 584 -24.83 5.83 -12.38
C GLN C 584 -25.50 6.85 -11.46
N GLN C 585 -25.77 8.06 -11.96
CA GLN C 585 -26.47 9.14 -11.20
C GLN C 585 -27.93 8.71 -10.98
N VAL C 586 -28.60 8.19 -12.00
CA VAL C 586 -29.99 7.68 -11.88
C VAL C 586 -29.99 6.61 -10.78
N HIS C 587 -29.01 5.69 -10.78
CA HIS C 587 -28.95 4.55 -9.82
C HIS C 587 -28.81 5.10 -8.40
N THR C 588 -27.97 6.10 -8.17
CA THR C 588 -27.81 6.77 -6.86
C THR C 588 -29.18 7.33 -6.44
N PHE C 589 -29.86 8.00 -7.36
CA PHE C 589 -31.16 8.65 -7.07
C PHE C 589 -32.16 7.59 -6.60
N TYR C 590 -32.27 6.47 -7.34
CA TYR C 590 -33.22 5.37 -7.01
C TYR C 590 -32.81 4.77 -5.67
N LYS C 591 -31.51 4.62 -5.45
CA LYS C 591 -30.96 4.09 -4.17
C LYS C 591 -31.43 4.97 -3.02
N ALA C 592 -31.31 6.29 -3.17
CA ALA C 592 -31.73 7.24 -2.13
C ALA C 592 -33.24 7.07 -1.88
N CYS C 593 -34.03 6.90 -2.94
CA CYS C 593 -35.49 6.67 -2.78
C CYS C 593 -35.75 5.39 -1.97
N GLY C 594 -35.02 4.32 -2.24
CA GLY C 594 -35.13 3.05 -1.48
C GLY C 594 -34.88 3.26 0.01
N ILE C 595 -33.89 4.07 0.36
CA ILE C 595 -33.57 4.41 1.78
C ILE C 595 -34.84 4.97 2.43
N ILE C 596 -35.48 5.95 1.78
CA ILE C 596 -36.72 6.60 2.31
C ILE C 596 -37.82 5.55 2.45
N ILE C 597 -38.07 4.76 1.40
CA ILE C 597 -39.22 3.81 1.35
C ILE C 597 -39.06 2.78 2.48
N SER C 598 -37.84 2.34 2.79
CA SER C 598 -37.58 1.34 3.85
C SER C 598 -37.91 1.93 5.24
N GLU C 599 -38.06 3.24 5.36
CA GLU C 599 -38.56 3.88 6.61
C GLU C 599 -40.05 3.61 6.81
N GLU C 600 -40.81 3.36 5.74
CA GLU C 600 -42.27 3.10 5.81
C GLU C 600 -42.47 1.68 6.32
N ARG C 601 -42.97 1.51 7.56
CA ARG C 601 -43.07 0.16 8.20
C ARG C 601 -44.47 -0.43 8.02
N SER C 602 -45.45 0.32 7.49
CA SER C 602 -46.72 -0.24 6.97
C SER C 602 -46.43 -1.01 5.67
N VAL C 603 -46.69 -2.31 5.63
CA VAL C 603 -46.26 -3.22 4.51
C VAL C 603 -46.99 -2.80 3.22
N ALA C 604 -48.30 -2.60 3.26
CA ALA C 604 -49.13 -2.23 2.09
C ALA C 604 -48.57 -0.95 1.47
N GLU C 605 -48.33 0.07 2.30
CA GLU C 605 -47.87 1.40 1.84
C GLU C 605 -46.43 1.29 1.35
N ARG C 606 -45.59 0.50 2.01
CA ARG C 606 -44.18 0.33 1.59
C ARG C 606 -44.16 -0.34 0.22
N ASN C 607 -44.95 -1.40 0.05
CA ASN C 607 -44.97 -2.19 -1.21
C ASN C 607 -45.51 -1.30 -2.35
N ARG C 608 -46.44 -0.40 -2.06
CA ARG C 608 -47.00 0.53 -3.07
C ARG C 608 -45.93 1.55 -3.49
N LEU C 609 -45.23 2.17 -2.53
CA LEU C 609 -44.09 3.08 -2.84
C LEU C 609 -43.02 2.36 -3.68
N LEU C 610 -42.69 1.12 -3.32
CA LEU C 610 -41.68 0.33 -4.06
C LEU C 610 -42.19 0.10 -5.49
N SER C 611 -43.46 -0.28 -5.63
CA SER C 611 -44.15 -0.45 -6.93
C SER C 611 -44.02 0.83 -7.76
N ASP C 612 -44.33 1.96 -7.15
CA ASP C 612 -44.36 3.29 -7.81
C ASP C 612 -42.93 3.69 -8.19
N LEU C 613 -41.94 3.49 -7.30
CA LEU C 613 -40.53 3.84 -7.60
C LEU C 613 -40.04 3.02 -8.81
N MET C 614 -40.38 1.74 -8.88
CA MET C 614 -39.86 0.82 -9.92
C MET C 614 -40.73 0.86 -11.19
N GLN C 615 -41.70 1.79 -11.27
CA GLN C 615 -42.64 1.89 -12.42
C GLN C 615 -41.86 2.02 -13.74
N LEU C 616 -40.93 2.98 -13.86
CA LEU C 616 -40.28 3.23 -15.17
C LEU C 616 -39.41 2.03 -15.56
N PRO C 617 -38.46 1.54 -14.72
CA PRO C 617 -37.71 0.34 -15.07
C PRO C 617 -38.61 -0.88 -15.33
N ASN C 618 -39.70 -1.05 -14.57
CA ASN C 618 -40.61 -2.22 -14.74
C ASN C 618 -41.30 -2.14 -16.11
N MET C 619 -41.73 -0.94 -16.53
CA MET C 619 -42.44 -0.77 -17.81
C MET C 619 -41.46 -0.96 -18.99
N ALA C 620 -40.24 -0.42 -18.89
CA ALA C 620 -39.16 -0.65 -19.88
C ALA C 620 -38.83 -2.14 -19.97
N TRP C 621 -38.79 -2.82 -18.82
CA TRP C 621 -38.55 -4.29 -18.71
C TRP C 621 -39.68 -5.05 -19.45
N ASP C 622 -40.93 -4.73 -19.11
CA ASP C 622 -42.13 -5.37 -19.70
C ASP C 622 -42.10 -5.21 -21.23
N THR C 623 -41.83 -4.00 -21.73
CA THR C 623 -41.76 -3.71 -23.19
C THR C 623 -40.71 -4.62 -23.83
N ILE C 624 -39.53 -4.74 -23.23
CA ILE C 624 -38.40 -5.56 -23.75
C ILE C 624 -38.82 -7.04 -23.73
N VAL C 625 -39.29 -7.55 -22.59
CA VAL C 625 -39.71 -8.97 -22.42
C VAL C 625 -40.74 -9.33 -23.50
N GLU C 626 -41.76 -8.50 -23.73
CA GLU C 626 -42.85 -8.75 -24.73
C GLU C 626 -42.24 -8.94 -26.12
N GLN C 627 -41.23 -8.13 -26.46
CA GLN C 627 -40.64 -8.07 -27.82
C GLN C 627 -39.44 -9.04 -27.90
N SER C 628 -38.74 -9.28 -26.78
CA SER C 628 -37.59 -10.21 -26.68
C SER C 628 -38.09 -11.66 -26.77
N THR C 629 -39.32 -11.94 -26.33
CA THR C 629 -39.96 -13.28 -26.40
C THR C 629 -40.60 -13.46 -27.79
N ALA C 630 -41.24 -12.41 -28.33
CA ALA C 630 -41.91 -12.41 -29.65
C ALA C 630 -40.87 -12.59 -30.78
N ASN C 631 -39.62 -12.21 -30.54
CA ASN C 631 -38.51 -12.30 -31.53
C ASN C 631 -37.17 -12.23 -30.79
N PRO C 632 -36.45 -13.38 -30.62
CA PRO C 632 -35.25 -13.41 -29.77
C PRO C 632 -34.04 -12.62 -30.31
N THR C 633 -34.14 -12.09 -31.53
CA THR C 633 -33.04 -11.39 -32.24
C THR C 633 -32.77 -10.02 -31.61
N LEU C 634 -33.79 -9.35 -31.06
CA LEU C 634 -33.74 -7.91 -30.65
C LEU C 634 -32.68 -7.68 -29.56
N LEU C 635 -32.26 -8.74 -28.85
CA LEU C 635 -31.13 -8.70 -27.90
C LEU C 635 -29.81 -8.45 -28.63
N LEU C 636 -29.73 -8.80 -29.93
CA LEU C 636 -28.57 -8.46 -30.80
C LEU C 636 -28.28 -6.96 -30.67
N ASP C 637 -29.32 -6.13 -30.53
CA ASP C 637 -29.19 -4.66 -30.50
C ASP C 637 -28.36 -4.27 -29.28
N SER C 638 -27.13 -3.79 -29.52
CA SER C 638 -26.20 -3.26 -28.48
C SER C 638 -26.95 -2.28 -27.57
N GLU C 639 -27.84 -1.46 -28.15
CA GLU C 639 -28.63 -0.43 -27.41
C GLU C 639 -29.57 -1.13 -26.40
N THR C 640 -30.23 -2.21 -26.80
CA THR C 640 -31.19 -2.96 -25.93
C THR C 640 -30.42 -3.60 -24.77
N VAL C 641 -29.24 -4.16 -25.04
CA VAL C 641 -28.37 -4.78 -24.00
C VAL C 641 -28.06 -3.72 -22.93
N LYS C 642 -27.74 -2.49 -23.35
CA LYS C 642 -27.37 -1.38 -22.43
C LYS C 642 -28.59 -1.02 -21.57
N ILE C 643 -29.77 -0.94 -22.17
CA ILE C 643 -31.05 -0.60 -21.47
C ILE C 643 -31.33 -1.69 -20.42
N ILE C 644 -31.21 -2.96 -20.80
CA ILE C 644 -31.43 -4.11 -19.87
C ILE C 644 -30.43 -4.02 -18.70
N ALA C 645 -29.13 -3.86 -19.00
CA ALA C 645 -28.08 -3.74 -17.95
C ALA C 645 -28.46 -2.63 -16.97
N ASN C 646 -28.89 -1.47 -17.47
CA ASN C 646 -29.24 -0.30 -16.61
C ASN C 646 -30.53 -0.59 -15.81
N ILE C 647 -31.50 -1.34 -16.37
CA ILE C 647 -32.70 -1.78 -15.59
C ILE C 647 -32.22 -2.64 -14.41
N ILE C 648 -31.36 -3.61 -14.67
CA ILE C 648 -30.92 -4.55 -13.60
C ILE C 648 -30.13 -3.74 -12.56
N LYS C 649 -29.24 -2.85 -12.99
CA LYS C 649 -28.42 -2.02 -12.07
C LYS C 649 -29.35 -1.15 -11.21
N THR C 650 -30.47 -0.67 -11.76
CA THR C 650 -31.47 0.15 -11.01
C THR C 650 -32.08 -0.74 -9.93
N ASN C 651 -32.37 -1.99 -10.26
CA ASN C 651 -32.88 -3.01 -9.29
C ASN C 651 -31.82 -3.25 -8.20
N VAL C 652 -30.55 -3.42 -8.57
CA VAL C 652 -29.45 -3.62 -7.58
C VAL C 652 -29.43 -2.42 -6.63
N ALA C 653 -29.44 -1.19 -7.16
CA ALA C 653 -29.31 0.04 -6.35
C ALA C 653 -30.43 0.07 -5.31
N VAL C 654 -31.66 -0.18 -5.73
CA VAL C 654 -32.82 -0.09 -4.79
C VAL C 654 -32.75 -1.26 -3.79
N CYS C 655 -32.34 -2.45 -4.24
CA CYS C 655 -32.19 -3.64 -3.37
C CYS C 655 -31.10 -3.37 -2.32
N THR C 656 -30.04 -2.67 -2.69
CA THR C 656 -28.90 -2.32 -1.79
C THR C 656 -29.48 -1.56 -0.59
N SER C 657 -30.37 -0.59 -0.81
CA SER C 657 -30.89 0.24 0.31
C SER C 657 -32.10 -0.40 0.98
N MET C 658 -32.85 -1.29 0.32
CA MET C 658 -34.11 -1.83 0.89
C MET C 658 -33.91 -3.23 1.46
N GLY C 659 -32.89 -3.97 1.01
CA GLY C 659 -32.60 -5.33 1.51
C GLY C 659 -33.83 -6.23 1.52
N ALA C 660 -34.19 -6.76 2.68
CA ALA C 660 -35.34 -7.67 2.91
C ALA C 660 -36.64 -7.09 2.30
N ASP C 661 -36.81 -5.78 2.38
CA ASP C 661 -38.05 -5.08 1.91
C ASP C 661 -38.16 -5.16 0.38
N PHE C 662 -37.09 -5.56 -0.32
CA PHE C 662 -37.05 -5.53 -1.80
C PHE C 662 -37.83 -6.71 -2.40
N TYR C 663 -38.14 -7.72 -1.59
CA TYR C 663 -38.65 -9.04 -2.06
C TYR C 663 -39.76 -8.91 -3.12
N PRO C 664 -40.82 -8.08 -2.92
CA PRO C 664 -41.93 -8.02 -3.86
C PRO C 664 -41.46 -7.60 -5.27
N GLN C 665 -40.46 -6.72 -5.35
CA GLN C 665 -39.92 -6.25 -6.66
C GLN C 665 -39.10 -7.38 -7.28
N LEU C 666 -38.26 -8.06 -6.50
CA LEU C 666 -37.49 -9.23 -7.00
C LEU C 666 -38.48 -10.28 -7.50
N GLY C 667 -39.58 -10.51 -6.77
CA GLY C 667 -40.63 -11.49 -7.11
C GLY C 667 -41.28 -11.14 -8.45
N HIS C 668 -41.50 -9.85 -8.70
CA HIS C 668 -42.13 -9.34 -9.95
C HIS C 668 -41.27 -9.70 -11.17
N ILE C 669 -39.94 -9.57 -11.09
CA ILE C 669 -39.06 -9.72 -12.29
C ILE C 669 -38.43 -11.11 -12.35
N TYR C 670 -38.52 -11.91 -11.28
CA TYR C 670 -37.59 -13.04 -11.03
C TYR C 670 -37.62 -14.03 -12.19
N TYR C 671 -38.80 -14.51 -12.58
CA TYR C 671 -38.94 -15.58 -13.62
C TYR C 671 -38.32 -15.10 -14.94
N ASN C 672 -38.70 -13.91 -15.41
CA ASN C 672 -38.22 -13.36 -16.70
C ASN C 672 -36.74 -12.97 -16.60
N MET C 673 -36.27 -12.58 -15.41
CA MET C 673 -34.85 -12.26 -15.20
C MET C 673 -34.01 -13.51 -15.47
N LEU C 674 -34.44 -14.67 -14.96
CA LEU C 674 -33.69 -15.93 -15.11
C LEU C 674 -33.82 -16.43 -16.55
N GLN C 675 -34.96 -16.21 -17.20
CA GLN C 675 -35.12 -16.51 -18.66
C GLN C 675 -34.11 -15.68 -19.46
N LEU C 676 -34.00 -14.37 -19.14
CA LEU C 676 -33.04 -13.44 -19.78
C LEU C 676 -31.60 -13.93 -19.55
N TYR C 677 -31.28 -14.41 -18.34
CA TYR C 677 -29.94 -14.97 -18.00
C TYR C 677 -29.62 -16.12 -18.97
N ARG C 678 -30.58 -17.04 -19.18
CA ARG C 678 -30.43 -18.20 -20.09
C ARG C 678 -30.27 -17.73 -21.55
N ALA C 679 -31.06 -16.74 -21.98
CA ALA C 679 -31.05 -16.25 -23.39
C ALA C 679 -29.69 -15.59 -23.68
N VAL C 680 -29.25 -14.71 -22.78
CA VAL C 680 -27.94 -14.00 -22.86
C VAL C 680 -26.81 -15.03 -22.84
N SER C 681 -26.91 -16.05 -21.98
CA SER C 681 -25.93 -17.15 -21.86
C SER C 681 -25.76 -17.89 -23.20
N SER C 682 -26.87 -18.20 -23.90
CA SER C 682 -26.86 -18.87 -25.22
C SER C 682 -26.07 -18.01 -26.22
N MET C 683 -26.39 -16.71 -26.26
CA MET C 683 -25.75 -15.74 -27.19
C MET C 683 -24.23 -15.70 -26.93
N ILE C 684 -23.82 -15.64 -25.67
CA ILE C 684 -22.37 -15.62 -25.31
C ILE C 684 -21.70 -16.89 -25.85
N SER C 685 -22.19 -18.08 -25.49
CA SER C 685 -21.67 -19.42 -25.90
C SER C 685 -21.57 -19.47 -27.44
N THR C 686 -22.59 -18.97 -28.12
CA THR C 686 -22.74 -18.96 -29.60
C THR C 686 -21.68 -18.03 -30.21
N GLN C 687 -21.53 -16.85 -29.62
CA GLN C 687 -20.64 -15.78 -30.15
C GLN C 687 -19.19 -16.27 -30.05
N VAL C 688 -18.84 -16.91 -28.93
CA VAL C 688 -17.46 -17.43 -28.66
C VAL C 688 -17.15 -18.52 -29.68
N ALA C 689 -18.12 -19.38 -29.98
CA ALA C 689 -18.00 -20.46 -31.00
C ALA C 689 -17.77 -19.84 -32.39
N ALA C 690 -18.53 -18.81 -32.75
CA ALA C 690 -18.52 -18.17 -34.09
C ALA C 690 -17.30 -17.24 -34.28
N GLU C 691 -16.81 -16.60 -33.23
CA GLU C 691 -15.77 -15.53 -33.36
C GLU C 691 -14.44 -15.92 -32.72
N GLY C 692 -14.43 -16.84 -31.76
CA GLY C 692 -13.24 -17.24 -30.99
C GLY C 692 -13.23 -16.66 -29.58
N LEU C 693 -12.24 -17.02 -28.77
CA LEU C 693 -12.10 -16.46 -27.39
C LEU C 693 -12.09 -14.93 -27.44
N ILE C 694 -11.62 -14.33 -28.53
CA ILE C 694 -11.57 -12.84 -28.70
C ILE C 694 -12.97 -12.25 -28.47
N ALA C 695 -14.04 -13.00 -28.75
CA ALA C 695 -15.44 -12.53 -28.58
C ALA C 695 -15.64 -11.96 -27.17
N THR C 696 -15.01 -12.55 -26.16
CA THR C 696 -15.18 -12.15 -24.73
C THR C 696 -14.58 -10.75 -24.50
N LYS C 697 -13.81 -10.19 -25.45
CA LYS C 697 -13.27 -8.81 -25.34
C LYS C 697 -14.18 -7.80 -26.07
N THR C 698 -15.09 -8.27 -26.94
CA THR C 698 -15.96 -7.39 -27.78
C THR C 698 -16.93 -6.62 -26.89
N PRO C 699 -17.28 -5.36 -27.26
CA PRO C 699 -18.27 -4.60 -26.50
C PRO C 699 -19.59 -5.38 -26.34
N LYS C 700 -19.98 -6.13 -27.38
CA LYS C 700 -21.26 -6.89 -27.38
C LYS C 700 -21.27 -7.94 -26.27
N VAL C 701 -20.28 -8.84 -26.24
CA VAL C 701 -20.23 -9.96 -25.25
C VAL C 701 -20.01 -9.39 -23.85
N ARG C 702 -19.12 -8.39 -23.71
CA ARG C 702 -18.89 -7.72 -22.39
C ARG C 702 -20.24 -7.17 -21.90
N GLY C 703 -21.03 -6.53 -22.77
CA GLY C 703 -22.39 -6.06 -22.45
C GLY C 703 -23.33 -7.18 -22.02
N LEU C 704 -23.32 -8.30 -22.74
CA LEU C 704 -24.17 -9.47 -22.39
C LEU C 704 -23.73 -10.02 -21.02
N ARG C 705 -22.42 -10.12 -20.78
CA ARG C 705 -21.88 -10.64 -19.50
C ARG C 705 -22.20 -9.66 -18.37
N THR C 706 -22.22 -8.35 -18.65
CA THR C 706 -22.68 -7.34 -17.66
C THR C 706 -24.09 -7.73 -17.19
N ILE C 707 -24.99 -8.11 -18.12
CA ILE C 707 -26.37 -8.50 -17.73
C ILE C 707 -26.30 -9.66 -16.74
N LYS C 708 -25.51 -10.69 -17.04
CA LYS C 708 -25.38 -11.89 -16.18
C LYS C 708 -24.81 -11.48 -14.82
N LYS C 709 -23.74 -10.69 -14.81
CA LYS C 709 -23.07 -10.25 -13.56
C LYS C 709 -24.05 -9.43 -12.71
N GLU C 710 -24.79 -8.52 -13.31
CA GLU C 710 -25.75 -7.65 -12.56
C GLU C 710 -26.90 -8.50 -12.00
N ILE C 711 -27.40 -9.48 -12.76
CA ILE C 711 -28.44 -10.43 -12.24
C ILE C 711 -27.89 -11.17 -11.02
N LEU C 712 -26.67 -11.70 -11.11
CA LEU C 712 -26.03 -12.41 -9.96
C LEU C 712 -25.85 -11.45 -8.79
N LYS C 713 -25.46 -10.20 -9.05
CA LYS C 713 -25.28 -9.16 -7.99
C LYS C 713 -26.64 -8.89 -7.32
N LEU C 714 -27.71 -8.78 -8.11
CA LEU C 714 -29.05 -8.49 -7.55
C LEU C 714 -29.47 -9.61 -6.59
N VAL C 715 -29.32 -10.86 -7.01
CA VAL C 715 -29.73 -12.05 -6.23
C VAL C 715 -28.84 -12.16 -4.98
N GLU C 716 -27.53 -12.02 -5.13
CA GLU C 716 -26.56 -12.06 -4.00
C GLU C 716 -26.96 -10.98 -2.99
N THR C 717 -27.24 -9.76 -3.47
CA THR C 717 -27.57 -8.60 -2.61
C THR C 717 -28.83 -8.91 -1.82
N TYR C 718 -29.88 -9.41 -2.48
CA TYR C 718 -31.17 -9.69 -1.81
C TYR C 718 -30.97 -10.80 -0.78
N ILE C 719 -30.37 -11.93 -1.17
CA ILE C 719 -30.25 -13.12 -0.27
C ILE C 719 -29.36 -12.74 0.94
N SER C 720 -28.35 -11.90 0.76
CA SER C 720 -27.44 -11.49 1.86
C SER C 720 -28.21 -10.75 2.96
N LYS C 721 -29.37 -10.15 2.63
CA LYS C 721 -30.16 -9.33 3.58
C LYS C 721 -31.53 -9.94 3.86
N ALA C 722 -31.89 -11.06 3.24
CA ALA C 722 -33.25 -11.64 3.34
C ALA C 722 -33.54 -12.02 4.80
N ARG C 723 -34.75 -11.76 5.27
CA ARG C 723 -35.22 -12.16 6.63
C ARG C 723 -36.10 -13.41 6.49
N ASN C 724 -36.85 -13.53 5.40
CA ASN C 724 -37.68 -14.73 5.12
C ASN C 724 -36.85 -15.73 4.31
N LEU C 725 -36.19 -16.66 5.00
CA LEU C 725 -35.29 -17.66 4.36
C LEU C 725 -36.11 -18.82 3.78
N ASP C 726 -37.33 -19.04 4.29
CA ASP C 726 -38.25 -20.07 3.73
C ASP C 726 -38.54 -19.72 2.27
N ASP C 727 -38.86 -18.46 1.96
CA ASP C 727 -39.14 -18.00 0.58
C ASP C 727 -37.86 -18.12 -0.26
N VAL C 728 -36.70 -17.76 0.30
CA VAL C 728 -35.41 -17.86 -0.42
C VAL C 728 -35.27 -19.30 -0.92
N VAL C 729 -35.48 -20.28 -0.04
CA VAL C 729 -35.32 -21.73 -0.36
C VAL C 729 -36.45 -22.20 -1.28
N LYS C 730 -37.71 -21.83 -0.99
CA LYS C 730 -38.88 -22.41 -1.72
C LYS C 730 -39.09 -21.70 -3.06
N VAL C 731 -38.70 -20.44 -3.19
CA VAL C 731 -39.05 -19.62 -4.38
C VAL C 731 -37.79 -19.32 -5.21
N LEU C 732 -36.71 -18.86 -4.59
CA LEU C 732 -35.56 -18.28 -5.33
C LEU C 732 -34.53 -19.35 -5.73
N VAL C 733 -34.16 -20.28 -4.84
CA VAL C 733 -32.91 -21.09 -4.97
C VAL C 733 -33.01 -22.01 -6.19
N GLU C 734 -34.10 -22.76 -6.35
CA GLU C 734 -34.15 -23.84 -7.35
C GLU C 734 -34.03 -23.23 -8.76
N PRO C 735 -34.84 -22.22 -9.11
CA PRO C 735 -34.70 -21.55 -10.41
C PRO C 735 -33.30 -20.93 -10.59
N LEU C 736 -32.72 -20.38 -9.53
CA LEU C 736 -31.35 -19.80 -9.59
C LEU C 736 -30.36 -20.90 -9.97
N LEU C 737 -30.29 -22.00 -9.21
CA LEU C 737 -29.32 -23.08 -9.44
C LEU C 737 -29.50 -23.66 -10.84
N ASN C 738 -30.75 -23.81 -11.28
CA ASN C 738 -31.10 -24.36 -12.63
C ASN C 738 -30.58 -23.40 -13.72
N ALA C 739 -30.76 -22.10 -13.53
CA ALA C 739 -30.36 -21.07 -14.52
C ALA C 739 -28.84 -20.86 -14.55
N VAL C 740 -28.09 -21.04 -13.46
CA VAL C 740 -26.68 -20.55 -13.42
C VAL C 740 -25.65 -21.67 -13.38
N LEU C 741 -25.92 -22.84 -12.79
CA LEU C 741 -24.86 -23.84 -12.48
C LEU C 741 -24.39 -24.57 -13.74
N GLU C 742 -25.32 -25.16 -14.50
CA GLU C 742 -25.00 -25.92 -15.72
C GLU C 742 -24.38 -24.97 -16.75
N ASP C 743 -24.88 -23.74 -16.84
CA ASP C 743 -24.30 -22.70 -17.73
C ASP C 743 -22.82 -22.45 -17.37
N TYR C 744 -22.48 -22.39 -16.08
CA TYR C 744 -21.10 -22.14 -15.59
C TYR C 744 -20.23 -23.34 -15.97
N MET C 745 -20.67 -24.54 -15.60
CA MET C 745 -19.94 -25.81 -15.84
C MET C 745 -19.66 -25.99 -17.34
N ASN C 746 -20.61 -25.61 -18.20
CA ASN C 746 -20.61 -25.98 -19.63
C ASN C 746 -20.09 -24.83 -20.51
N ASN C 747 -19.68 -23.70 -19.94
CA ASN C 747 -18.94 -22.65 -20.68
C ASN C 747 -17.45 -22.99 -20.66
N VAL C 748 -16.71 -22.56 -21.68
CA VAL C 748 -15.23 -22.63 -21.70
C VAL C 748 -14.71 -21.75 -20.55
N PRO C 749 -13.55 -22.05 -19.95
CA PRO C 749 -13.05 -21.27 -18.81
C PRO C 749 -13.15 -19.74 -18.97
N ASP C 750 -12.83 -19.19 -20.16
CA ASP C 750 -12.77 -17.72 -20.40
C ASP C 750 -14.17 -17.09 -20.39
N ALA C 751 -15.24 -17.89 -20.42
CA ALA C 751 -16.64 -17.42 -20.45
C ALA C 751 -17.34 -17.65 -19.11
N ARG C 752 -16.67 -18.27 -18.14
CA ARG C 752 -17.22 -18.53 -16.80
C ARG C 752 -17.13 -17.23 -15.97
N ASP C 753 -18.24 -16.82 -15.35
CA ASP C 753 -18.29 -15.63 -14.47
C ASP C 753 -17.90 -16.03 -13.05
N ALA C 754 -16.80 -15.45 -12.54
CA ALA C 754 -16.40 -15.59 -11.13
C ALA C 754 -17.57 -15.21 -10.23
N GLU C 755 -18.44 -14.30 -10.68
CA GLU C 755 -19.61 -13.81 -9.90
C GLU C 755 -20.58 -14.95 -9.55
N VAL C 756 -20.60 -16.04 -10.33
CA VAL C 756 -21.43 -17.23 -10.00
C VAL C 756 -20.94 -17.77 -8.65
N LEU C 757 -19.63 -17.92 -8.49
CA LEU C 757 -19.04 -18.48 -7.26
C LEU C 757 -19.40 -17.58 -6.08
N ASN C 758 -19.30 -16.25 -6.27
CA ASN C 758 -19.59 -15.21 -5.24
C ASN C 758 -21.06 -15.31 -4.84
N CYS C 759 -21.96 -15.36 -5.82
CA CYS C 759 -23.41 -15.52 -5.56
C CYS C 759 -23.67 -16.81 -4.74
N MET C 760 -23.04 -17.91 -5.12
CA MET C 760 -23.26 -19.23 -4.46
C MET C 760 -22.70 -19.18 -3.03
N THR C 761 -21.64 -18.42 -2.77
CA THR C 761 -21.07 -18.28 -1.40
C THR C 761 -22.16 -17.70 -0.48
N THR C 762 -22.85 -16.65 -0.92
CA THR C 762 -23.93 -16.01 -0.14
C THR C 762 -25.06 -17.01 0.05
N VAL C 763 -25.44 -17.74 -1.01
CA VAL C 763 -26.54 -18.72 -0.93
C VAL C 763 -26.19 -19.74 0.15
N VAL C 764 -24.99 -20.32 0.12
CA VAL C 764 -24.61 -21.38 1.10
C VAL C 764 -24.52 -20.74 2.49
N GLU C 765 -23.96 -19.54 2.59
CA GLU C 765 -23.81 -18.81 3.87
C GLU C 765 -25.18 -18.64 4.53
N LYS C 766 -26.20 -18.18 3.79
CA LYS C 766 -27.51 -17.79 4.36
C LYS C 766 -28.44 -18.99 4.50
N VAL C 767 -28.49 -19.91 3.52
CA VAL C 767 -29.52 -20.99 3.56
C VAL C 767 -28.89 -22.38 3.31
N GLY C 768 -27.56 -22.50 3.33
CA GLY C 768 -26.84 -23.77 3.09
C GLY C 768 -27.37 -24.89 3.97
N HIS C 769 -27.64 -24.58 5.23
CA HIS C 769 -28.19 -25.53 6.25
C HIS C 769 -29.55 -26.08 5.79
N MET C 770 -30.28 -25.38 4.91
CA MET C 770 -31.66 -25.77 4.49
C MET C 770 -31.68 -26.45 3.11
N ILE C 771 -30.56 -26.47 2.37
CA ILE C 771 -30.52 -27.00 0.97
C ILE C 771 -29.36 -27.98 0.82
N PRO C 772 -29.30 -29.09 1.59
CA PRO C 772 -28.16 -30.01 1.49
C PRO C 772 -27.98 -30.55 0.07
N GLN C 773 -29.08 -30.82 -0.64
CA GLN C 773 -29.02 -31.34 -2.04
C GLN C 773 -28.56 -30.21 -2.97
N GLY C 774 -29.02 -28.98 -2.73
CA GLY C 774 -28.57 -27.80 -3.50
C GLY C 774 -27.05 -27.56 -3.36
N VAL C 775 -26.50 -27.77 -2.17
CA VAL C 775 -25.05 -27.54 -1.90
C VAL C 775 -24.25 -28.59 -2.68
N ILE C 776 -24.71 -29.84 -2.67
CA ILE C 776 -24.09 -30.95 -3.45
C ILE C 776 -24.11 -30.57 -4.95
N LEU C 777 -25.23 -30.05 -5.47
CA LEU C 777 -25.36 -29.62 -6.89
C LEU C 777 -24.36 -28.47 -7.18
N ILE C 778 -24.22 -27.52 -6.25
CA ILE C 778 -23.24 -26.40 -6.41
C ILE C 778 -21.84 -26.99 -6.55
N LEU C 779 -21.42 -27.86 -5.63
CA LEU C 779 -20.08 -28.51 -5.68
C LEU C 779 -19.91 -29.25 -7.00
N GLN C 780 -20.90 -30.06 -7.38
CA GLN C 780 -20.85 -30.89 -8.61
C GLN C 780 -20.59 -29.98 -9.81
N SER C 781 -21.20 -28.80 -9.84
CA SER C 781 -21.18 -27.90 -11.02
C SER C 781 -19.89 -27.10 -11.10
N VAL C 782 -19.32 -26.68 -9.96
CA VAL C 782 -18.22 -25.65 -9.96
C VAL C 782 -16.90 -26.26 -9.51
N PHE C 783 -16.88 -27.36 -8.76
CA PHE C 783 -15.65 -27.74 -8.00
C PHE C 783 -14.52 -28.12 -8.97
N GLU C 784 -14.67 -29.22 -9.69
CA GLU C 784 -13.58 -29.78 -10.53
C GLU C 784 -13.24 -28.83 -11.68
N CYS C 785 -14.22 -28.19 -12.32
CA CYS C 785 -13.95 -27.31 -13.48
C CYS C 785 -13.22 -26.05 -13.00
N THR C 786 -13.59 -25.49 -11.85
CA THR C 786 -12.89 -24.29 -11.30
C THR C 786 -11.48 -24.69 -10.85
N LEU C 787 -11.32 -25.81 -10.14
CA LEU C 787 -9.99 -26.29 -9.68
C LEU C 787 -9.04 -26.41 -10.88
N ASP C 788 -9.54 -26.96 -12.00
CA ASP C 788 -8.72 -27.20 -13.22
C ASP C 788 -8.32 -25.87 -13.88
N MET C 789 -9.10 -24.80 -13.67
CA MET C 789 -8.75 -23.43 -14.16
C MET C 789 -7.56 -22.87 -13.35
N ILE C 790 -7.43 -23.19 -12.07
CA ILE C 790 -6.53 -22.45 -11.15
C ILE C 790 -5.36 -23.32 -10.64
N ASN C 791 -5.22 -24.56 -11.09
CA ASN C 791 -4.18 -25.48 -10.52
C ASN C 791 -3.02 -25.67 -11.51
N LYS C 792 -2.89 -24.82 -12.52
CA LYS C 792 -1.75 -24.88 -13.49
C LYS C 792 -0.67 -23.86 -13.09
N ASP C 793 -1.02 -22.83 -12.33
CA ASP C 793 -0.13 -21.71 -11.93
C ASP C 793 -0.85 -20.91 -10.85
N PHE C 794 -0.21 -19.86 -10.32
CA PHE C 794 -0.78 -19.05 -9.21
C PHE C 794 -1.43 -17.77 -9.77
N THR C 795 -1.38 -17.53 -11.08
CA THR C 795 -1.68 -16.21 -11.70
C THR C 795 -3.02 -16.22 -12.45
N GLU C 796 -3.32 -17.27 -13.22
CA GLU C 796 -4.50 -17.29 -14.12
C GLU C 796 -5.80 -17.22 -13.30
N TYR C 797 -6.82 -16.53 -13.82
CA TYR C 797 -8.19 -16.48 -13.25
C TYR C 797 -8.13 -16.07 -11.79
N PRO C 798 -7.55 -14.88 -11.48
CA PRO C 798 -7.38 -14.43 -10.10
C PRO C 798 -8.69 -14.32 -9.31
N GLU C 799 -9.77 -13.84 -9.93
CA GLU C 799 -11.06 -13.69 -9.21
C GLU C 799 -11.68 -15.05 -8.92
N HIS C 800 -11.59 -15.96 -9.88
CA HIS C 800 -12.11 -17.35 -9.73
C HIS C 800 -11.40 -18.02 -8.54
N ARG C 801 -10.08 -17.90 -8.51
CA ARG C 801 -9.19 -18.40 -7.43
C ARG C 801 -9.70 -17.92 -6.08
N VAL C 802 -9.92 -16.62 -5.92
CA VAL C 802 -10.37 -16.04 -4.62
C VAL C 802 -11.78 -16.53 -4.30
N GLU C 803 -12.70 -16.43 -5.26
CA GLU C 803 -14.13 -16.79 -5.02
C GLU C 803 -14.21 -18.30 -4.75
N PHE C 804 -13.41 -19.10 -5.43
CA PHE C 804 -13.41 -20.58 -5.31
C PHE C 804 -13.17 -20.96 -3.84
N TYR C 805 -12.14 -20.38 -3.20
CA TYR C 805 -11.77 -20.79 -1.82
C TYR C 805 -12.73 -20.19 -0.80
N LYS C 806 -13.30 -19.03 -1.08
CA LYS C 806 -14.39 -18.46 -0.25
C LYS C 806 -15.60 -19.40 -0.26
N LEU C 807 -15.94 -19.97 -1.44
CA LEU C 807 -17.07 -20.92 -1.56
C LEU C 807 -16.77 -22.21 -0.79
N LEU C 808 -15.62 -22.83 -1.02
CA LEU C 808 -15.21 -24.08 -0.31
C LEU C 808 -15.22 -23.82 1.20
N LYS C 809 -14.76 -22.65 1.63
CA LYS C 809 -14.71 -22.29 3.07
C LYS C 809 -16.13 -22.32 3.65
N VAL C 810 -17.08 -21.66 3.00
CA VAL C 810 -18.46 -21.59 3.57
C VAL C 810 -19.11 -22.98 3.47
N ILE C 811 -18.90 -23.74 2.38
CA ILE C 811 -19.48 -25.11 2.27
C ILE C 811 -18.92 -25.97 3.41
N ASN C 812 -17.62 -25.87 3.70
CA ASN C 812 -16.96 -26.65 4.76
C ASN C 812 -17.52 -26.22 6.14
N GLU C 813 -17.94 -24.96 6.29
CA GLU C 813 -18.50 -24.41 7.57
C GLU C 813 -19.96 -24.83 7.76
N LYS C 814 -20.79 -24.72 6.71
CA LYS C 814 -22.27 -24.77 6.80
C LYS C 814 -22.82 -26.14 6.41
N SER C 815 -22.21 -26.82 5.44
CA SER C 815 -22.76 -28.06 4.84
C SER C 815 -21.62 -29.05 4.56
N PHE C 816 -20.87 -29.39 5.60
CA PHE C 816 -19.72 -30.34 5.54
C PHE C 816 -20.18 -31.66 4.91
N ALA C 817 -21.45 -32.05 5.13
CA ALA C 817 -22.05 -33.29 4.61
C ALA C 817 -21.85 -33.35 3.08
N ALA C 818 -21.82 -32.21 2.40
CA ALA C 818 -21.61 -32.18 0.92
C ALA C 818 -20.25 -32.80 0.57
N PHE C 819 -19.23 -32.61 1.41
CA PHE C 819 -17.87 -33.18 1.20
C PHE C 819 -17.87 -34.67 1.57
N LEU C 820 -18.66 -35.08 2.57
CA LEU C 820 -18.84 -36.52 2.93
C LEU C 820 -19.42 -37.30 1.76
N GLU C 821 -20.21 -36.64 0.89
CA GLU C 821 -20.94 -37.27 -0.24
C GLU C 821 -20.03 -37.39 -1.47
N LEU C 822 -18.94 -36.59 -1.54
CA LEU C 822 -17.98 -36.68 -2.68
C LEU C 822 -17.46 -38.11 -2.77
N PRO C 823 -17.25 -38.66 -3.99
CA PRO C 823 -16.54 -39.94 -4.14
C PRO C 823 -15.08 -39.75 -3.76
N PRO C 824 -14.39 -40.80 -3.23
CA PRO C 824 -13.01 -40.70 -2.78
C PRO C 824 -12.05 -39.88 -3.68
N ALA C 825 -12.13 -40.05 -5.00
CA ALA C 825 -11.24 -39.36 -5.98
C ALA C 825 -11.45 -37.84 -5.91
N ALA C 826 -12.68 -37.40 -5.71
CA ALA C 826 -13.06 -35.96 -5.64
C ALA C 826 -12.68 -35.42 -4.25
N PHE C 827 -12.83 -36.21 -3.19
CA PHE C 827 -12.42 -35.83 -1.82
C PHE C 827 -10.90 -35.64 -1.81
N LYS C 828 -10.15 -36.51 -2.49
CA LYS C 828 -8.68 -36.38 -2.69
C LYS C 828 -8.41 -35.01 -3.35
N LEU C 829 -9.13 -34.70 -4.43
CA LEU C 829 -8.98 -33.40 -5.15
C LEU C 829 -9.28 -32.26 -4.18
N PHE C 830 -10.19 -32.46 -3.22
CA PHE C 830 -10.53 -31.43 -2.20
C PHE C 830 -9.31 -31.16 -1.32
N VAL C 831 -8.67 -32.21 -0.81
CA VAL C 831 -7.43 -32.10 0.02
C VAL C 831 -6.34 -31.41 -0.82
N ASP C 832 -6.18 -31.84 -2.09
CA ASP C 832 -5.19 -31.27 -3.05
C ASP C 832 -5.44 -29.76 -3.18
N ALA C 833 -6.71 -29.36 -3.34
CA ALA C 833 -7.12 -27.94 -3.51
C ALA C 833 -6.76 -27.13 -2.26
N ILE C 834 -6.93 -27.70 -1.07
CA ILE C 834 -6.64 -26.98 0.22
C ILE C 834 -5.13 -26.75 0.31
N CYS C 835 -4.31 -27.76 0.05
CA CYS C 835 -2.82 -27.66 0.11
C CYS C 835 -2.32 -26.70 -0.98
N TRP C 836 -2.94 -26.72 -2.15
CA TRP C 836 -2.70 -25.75 -3.25
C TRP C 836 -2.94 -24.31 -2.74
N ALA C 837 -4.03 -24.07 -2.01
CA ALA C 837 -4.32 -22.73 -1.43
C ALA C 837 -3.18 -22.32 -0.47
N PHE C 838 -2.66 -23.25 0.35
CA PHE C 838 -1.49 -23.03 1.26
C PHE C 838 -0.33 -22.36 0.54
N LYS C 839 -0.04 -22.79 -0.70
CA LYS C 839 1.22 -22.46 -1.42
C LYS C 839 1.09 -21.13 -2.14
N HIS C 840 -0.09 -20.50 -2.13
CA HIS C 840 -0.30 -19.15 -2.69
C HIS C 840 0.45 -18.12 -1.84
N ASN C 841 0.97 -17.08 -2.50
CA ASN C 841 1.54 -15.84 -1.89
C ASN C 841 0.40 -14.85 -1.65
N ASN C 842 -0.57 -14.83 -2.57
CA ASN C 842 -1.87 -14.12 -2.48
C ASN C 842 -2.48 -14.38 -1.10
N ARG C 843 -2.54 -13.35 -0.25
CA ARG C 843 -2.99 -13.44 1.17
C ARG C 843 -4.46 -13.91 1.25
N ASP C 844 -5.34 -13.48 0.34
CA ASP C 844 -6.78 -13.87 0.39
C ASP C 844 -6.88 -15.40 0.31
N VAL C 845 -6.27 -16.01 -0.70
CA VAL C 845 -6.32 -17.49 -0.96
C VAL C 845 -5.58 -18.23 0.16
N GLU C 846 -4.36 -17.78 0.48
CA GLU C 846 -3.48 -18.44 1.48
C GLU C 846 -4.26 -18.63 2.79
N VAL C 847 -4.91 -17.56 3.25
CA VAL C 847 -5.55 -17.51 4.59
C VAL C 847 -6.80 -18.38 4.58
N ASN C 848 -7.57 -18.36 3.48
CA ASN C 848 -8.76 -19.24 3.33
C ASN C 848 -8.30 -20.69 3.30
N GLY C 849 -7.21 -21.00 2.59
CA GLY C 849 -6.61 -22.35 2.51
C GLY C 849 -6.36 -22.92 3.90
N LEU C 850 -5.69 -22.14 4.74
CA LEU C 850 -5.28 -22.58 6.10
C LEU C 850 -6.52 -22.72 6.99
N GLN C 851 -7.50 -21.81 6.85
CA GLN C 851 -8.77 -21.84 7.63
C GLN C 851 -9.58 -23.08 7.24
N ILE C 852 -9.72 -23.37 5.94
CA ILE C 852 -10.44 -24.59 5.49
C ILE C 852 -9.76 -25.80 6.14
N ALA C 853 -8.43 -25.86 6.14
CA ALA C 853 -7.68 -27.01 6.70
C ALA C 853 -8.05 -27.20 8.18
N LEU C 854 -8.02 -26.12 8.97
CA LEU C 854 -8.35 -26.14 10.43
C LEU C 854 -9.80 -26.60 10.60
N ASP C 855 -10.72 -25.98 9.86
CA ASP C 855 -12.17 -26.27 9.90
C ASP C 855 -12.43 -27.74 9.53
N LEU C 856 -11.78 -28.23 8.46
CA LEU C 856 -11.87 -29.64 8.03
C LEU C 856 -11.42 -30.57 9.17
N VAL C 857 -10.28 -30.29 9.79
CA VAL C 857 -9.76 -31.14 10.90
C VAL C 857 -10.80 -31.15 12.02
N LYS C 858 -11.34 -29.98 12.37
CA LYS C 858 -12.40 -29.85 13.40
C LYS C 858 -13.64 -30.64 12.96
N ASN C 859 -14.05 -30.52 11.69
CA ASN C 859 -15.22 -31.28 11.14
C ASN C 859 -14.97 -32.79 11.28
N ILE C 860 -13.76 -33.27 11.01
CA ILE C 860 -13.42 -34.71 11.14
C ILE C 860 -13.44 -35.10 12.63
N GLU C 861 -12.85 -34.28 13.49
CA GLU C 861 -12.79 -34.52 14.96
C GLU C 861 -14.20 -34.79 15.50
N ARG C 862 -15.19 -34.01 15.05
CA ARG C 862 -16.61 -34.04 15.54
C ARG C 862 -17.28 -35.37 15.24
N MET C 863 -16.84 -36.07 14.19
CA MET C 863 -17.47 -37.35 13.73
C MET C 863 -17.18 -38.46 14.74
N GLY C 864 -16.17 -38.25 15.60
CA GLY C 864 -15.77 -39.23 16.62
C GLY C 864 -15.15 -40.46 15.97
N ASN C 865 -15.22 -41.61 16.64
CA ASN C 865 -14.50 -42.84 16.22
C ASN C 865 -15.37 -43.61 15.22
N VAL C 866 -15.36 -43.19 13.94
CA VAL C 866 -16.12 -43.83 12.83
C VAL C 866 -15.19 -44.03 11.64
N PRO C 867 -15.45 -45.03 10.76
CA PRO C 867 -14.60 -45.30 9.61
C PRO C 867 -14.11 -44.08 8.81
N PHE C 868 -15.00 -43.11 8.54
CA PHE C 868 -14.66 -41.98 7.64
C PHE C 868 -13.55 -41.14 8.27
N ALA C 869 -13.65 -40.85 9.57
CA ALA C 869 -12.66 -40.08 10.37
C ALA C 869 -11.33 -40.85 10.41
N ASN C 870 -11.39 -42.17 10.64
CA ASN C 870 -10.19 -43.04 10.75
C ASN C 870 -9.51 -43.14 9.38
N GLU C 871 -10.28 -43.27 8.29
CA GLU C 871 -9.75 -43.30 6.90
C GLU C 871 -9.13 -41.94 6.58
N PHE C 872 -9.81 -40.85 6.96
CA PHE C 872 -9.34 -39.47 6.74
C PHE C 872 -7.90 -39.32 7.30
N HIS C 873 -7.71 -39.67 8.57
CA HIS C 873 -6.42 -39.59 9.28
C HIS C 873 -5.37 -40.47 8.57
N LYS C 874 -5.73 -41.72 8.27
CA LYS C 874 -4.79 -42.68 7.61
C LYS C 874 -4.38 -42.13 6.25
N ASN C 875 -5.27 -41.44 5.52
CA ASN C 875 -5.03 -40.97 4.13
C ASN C 875 -4.34 -39.59 4.12
N TYR C 876 -4.64 -38.71 5.08
CA TYR C 876 -4.36 -37.25 4.91
C TYR C 876 -3.62 -36.60 6.10
N PHE C 877 -3.52 -37.23 7.27
CA PHE C 877 -2.89 -36.58 8.46
C PHE C 877 -1.46 -36.14 8.09
N PHE C 878 -0.65 -37.07 7.59
CA PHE C 878 0.76 -36.81 7.21
C PHE C 878 0.82 -35.87 6.01
N ILE C 879 -0.13 -35.95 5.07
CA ILE C 879 -0.20 -34.94 3.96
C ILE C 879 -0.34 -33.54 4.57
N PHE C 880 -1.24 -33.32 5.54
CA PHE C 880 -1.44 -31.96 6.11
C PHE C 880 -0.21 -31.55 6.93
N VAL C 881 0.37 -32.48 7.70
CA VAL C 881 1.55 -32.18 8.55
C VAL C 881 2.71 -31.72 7.65
N SER C 882 3.02 -32.46 6.59
CA SER C 882 4.18 -32.23 5.69
C SER C 882 3.94 -31.00 4.82
N GLU C 883 2.73 -30.81 4.28
CA GLU C 883 2.41 -29.61 3.47
C GLU C 883 2.55 -28.35 4.33
N THR C 884 2.09 -28.39 5.59
CA THR C 884 2.12 -27.24 6.51
C THR C 884 3.58 -26.90 6.87
N PHE C 885 4.38 -27.92 7.19
CA PHE C 885 5.83 -27.76 7.46
C PHE C 885 6.52 -27.13 6.25
N PHE C 886 6.15 -27.56 5.04
CA PHE C 886 6.78 -27.08 3.79
C PHE C 886 6.61 -25.56 3.66
N VAL C 887 5.40 -25.04 3.86
CA VAL C 887 5.11 -23.59 3.67
C VAL C 887 5.66 -22.81 4.87
N LEU C 888 5.77 -23.45 6.03
CA LEU C 888 6.38 -22.84 7.23
C LEU C 888 7.86 -22.55 6.98
N THR C 889 8.59 -23.46 6.32
CA THR C 889 10.07 -23.51 6.32
C THR C 889 10.67 -23.07 4.98
N ASP C 890 9.86 -22.82 3.95
CA ASP C 890 10.44 -22.58 2.59
C ASP C 890 10.74 -21.09 2.40
N SER C 891 10.39 -20.22 3.36
CA SER C 891 10.70 -18.76 3.37
C SER C 891 9.83 -18.00 2.34
N ASP C 892 8.93 -18.69 1.62
CA ASP C 892 8.15 -18.07 0.52
C ASP C 892 6.71 -17.79 0.96
N HIS C 893 6.37 -17.99 2.25
CA HIS C 893 4.99 -17.93 2.76
C HIS C 893 4.95 -17.37 4.20
N LYS C 894 5.76 -16.35 4.48
CA LYS C 894 5.94 -15.78 5.84
C LYS C 894 4.62 -15.15 6.33
N SER C 895 3.82 -14.60 5.42
CA SER C 895 2.53 -13.91 5.71
C SER C 895 1.56 -14.85 6.43
N GLY C 896 1.60 -16.16 6.12
CA GLY C 896 0.68 -17.18 6.67
C GLY C 896 1.18 -17.86 7.94
N PHE C 897 2.27 -17.36 8.55
CA PHE C 897 2.96 -18.02 9.68
C PHE C 897 1.98 -18.39 10.81
N SER C 898 1.19 -17.42 11.25
CA SER C 898 0.23 -17.55 12.38
C SER C 898 -0.71 -18.75 12.19
N LYS C 899 -1.34 -18.85 11.02
CA LYS C 899 -2.38 -19.88 10.76
C LYS C 899 -1.69 -21.21 10.41
N GLN C 900 -0.51 -21.16 9.80
CA GLN C 900 0.35 -22.37 9.63
C GLN C 900 0.66 -22.94 11.01
N ALA C 901 1.06 -22.09 11.98
CA ALA C 901 1.44 -22.51 13.34
C ALA C 901 0.22 -23.11 14.05
N LEU C 902 -0.92 -22.44 13.93
CA LEU C 902 -2.22 -22.89 14.52
C LEU C 902 -2.57 -24.28 13.97
N LEU C 903 -2.49 -24.47 12.66
CA LEU C 903 -2.82 -25.77 12.01
C LEU C 903 -1.85 -26.83 12.52
N LEU C 904 -0.54 -26.55 12.51
CA LEU C 904 0.46 -27.55 12.94
C LEU C 904 0.20 -27.93 14.40
N MET C 905 -0.08 -26.94 15.26
CA MET C 905 -0.35 -27.18 16.70
C MET C 905 -1.57 -28.10 16.84
N LYS C 906 -2.61 -27.88 16.02
CA LYS C 906 -3.84 -28.73 16.08
C LYS C 906 -3.48 -30.17 15.71
N LEU C 907 -2.68 -30.35 14.65
CA LEU C 907 -2.32 -31.71 14.16
C LEU C 907 -1.48 -32.45 15.20
N ILE C 908 -0.49 -31.79 15.81
CA ILE C 908 0.42 -32.41 16.82
C ILE C 908 -0.36 -32.74 18.10
N SER C 909 -1.24 -31.84 18.55
CA SER C 909 -2.05 -32.03 19.79
C SER C 909 -3.01 -33.23 19.63
N LEU C 910 -3.55 -33.47 18.43
CA LEU C 910 -4.43 -34.66 18.15
C LEU C 910 -3.70 -35.95 18.54
N VAL C 911 -2.44 -36.08 18.14
CA VAL C 911 -1.61 -37.30 18.42
C VAL C 911 -1.18 -37.26 19.89
N TYR C 912 -0.78 -36.11 20.41
CA TYR C 912 -0.32 -35.97 21.82
C TYR C 912 -1.40 -36.44 22.79
N ASP C 913 -2.67 -36.11 22.50
CA ASP C 913 -3.84 -36.43 23.37
C ASP C 913 -4.36 -37.85 23.09
N ASN C 914 -3.93 -38.49 22.00
CA ASN C 914 -4.44 -39.80 21.52
C ASN C 914 -5.88 -39.66 21.07
N LYS C 915 -6.19 -38.64 20.26
CA LYS C 915 -7.55 -38.38 19.72
C LYS C 915 -7.69 -39.01 18.33
N ILE C 916 -6.68 -39.75 17.85
CA ILE C 916 -6.76 -40.56 16.60
C ILE C 916 -6.77 -42.02 17.02
N SER C 917 -7.81 -42.76 16.60
CA SER C 917 -8.19 -44.09 17.15
C SER C 917 -7.38 -45.21 16.49
N VAL C 918 -6.96 -45.03 15.23
CA VAL C 918 -6.21 -46.06 14.46
C VAL C 918 -4.72 -45.72 14.50
N PRO C 919 -3.83 -46.73 14.29
CA PRO C 919 -2.44 -46.44 13.97
C PRO C 919 -2.35 -45.65 12.65
N LEU C 920 -1.52 -44.61 12.63
CA LEU C 920 -1.26 -43.76 11.43
C LEU C 920 -0.25 -44.45 10.51
N TYR C 921 0.45 -45.46 11.02
CA TYR C 921 1.54 -46.19 10.31
C TYR C 921 0.96 -47.46 9.67
N GLN C 922 1.56 -47.90 8.55
CA GLN C 922 1.26 -49.20 7.87
C GLN C 922 1.79 -50.34 8.75
N GLU C 923 1.12 -51.48 8.80
CA GLU C 923 1.57 -52.62 9.66
C GLU C 923 2.91 -53.17 9.14
N ALA C 924 3.80 -53.56 10.06
CA ALA C 924 5.17 -54.07 9.84
C ALA C 924 6.17 -52.90 9.74
N GLU C 925 5.69 -51.66 9.56
CA GLU C 925 6.51 -50.43 9.48
C GLU C 925 7.22 -50.19 10.82
N VAL C 926 6.54 -50.46 11.93
CA VAL C 926 7.06 -50.35 13.33
C VAL C 926 6.46 -51.49 14.15
N PRO C 927 6.95 -51.80 15.37
CA PRO C 927 6.30 -52.76 16.25
C PRO C 927 4.80 -52.42 16.38
N GLN C 928 3.94 -53.42 16.34
CA GLN C 928 2.47 -53.28 16.13
C GLN C 928 1.79 -52.56 17.31
N GLY C 929 2.42 -52.54 18.49
CA GLY C 929 1.88 -51.88 19.70
C GLY C 929 2.11 -50.37 19.74
N THR C 930 2.99 -49.84 18.89
CA THR C 930 3.61 -48.49 19.06
C THR C 930 2.57 -47.38 18.94
N SER C 931 2.59 -46.44 19.89
CA SER C 931 1.68 -45.27 19.94
C SER C 931 1.94 -44.37 18.72
N ASN C 932 0.92 -43.63 18.29
CA ASN C 932 1.02 -42.62 17.21
C ASN C 932 2.01 -41.52 17.62
N GLN C 933 2.15 -41.22 18.91
CA GLN C 933 3.11 -40.19 19.43
C GLN C 933 4.53 -40.56 19.03
N VAL C 934 4.93 -41.82 19.27
CA VAL C 934 6.27 -42.37 18.93
C VAL C 934 6.44 -42.31 17.41
N TYR C 935 5.48 -42.81 16.63
CA TYR C 935 5.59 -42.84 15.16
C TYR C 935 5.67 -41.42 14.58
N LEU C 936 4.83 -40.50 15.06
CA LEU C 936 4.80 -39.08 14.60
C LEU C 936 6.20 -38.46 14.79
N SER C 937 6.77 -38.62 15.99
CA SER C 937 8.14 -38.22 16.36
C SER C 937 9.15 -38.77 15.33
N GLN C 938 9.11 -40.06 15.04
CA GLN C 938 10.02 -40.74 14.08
C GLN C 938 9.79 -40.16 12.68
N TYR C 939 8.54 -40.01 12.26
CA TYR C 939 8.19 -39.51 10.91
C TYR C 939 8.73 -38.10 10.72
N LEU C 940 8.52 -37.23 11.73
CA LEU C 940 8.95 -35.81 11.64
C LEU C 940 10.48 -35.73 11.64
N ALA C 941 11.15 -36.51 12.49
CA ALA C 941 12.62 -36.55 12.57
C ALA C 941 13.17 -36.90 11.18
N ASN C 942 12.59 -37.92 10.56
CA ASN C 942 13.05 -38.41 9.24
C ASN C 942 12.78 -37.33 8.19
N MET C 943 11.59 -36.75 8.18
CA MET C 943 11.18 -35.73 7.18
C MET C 943 12.11 -34.50 7.30
N LEU C 944 12.36 -34.02 8.53
CA LEU C 944 13.19 -32.79 8.72
C LEU C 944 14.64 -33.09 8.38
N SER C 945 15.14 -34.27 8.72
CA SER C 945 16.52 -34.71 8.39
C SER C 945 16.73 -34.74 6.87
N ASN C 946 15.74 -35.24 6.12
CA ASN C 946 15.82 -35.33 4.63
C ASN C 946 15.76 -33.92 4.05
N ALA C 947 14.89 -33.06 4.58
CA ALA C 947 14.64 -31.70 4.07
C ALA C 947 15.79 -30.77 4.44
N PHE C 948 16.42 -30.97 5.60
CA PHE C 948 17.45 -30.06 6.18
C PHE C 948 18.63 -30.91 6.63
N PRO C 949 19.39 -31.51 5.68
CA PRO C 949 20.41 -32.49 6.02
C PRO C 949 21.58 -31.92 6.84
N HIS C 950 21.76 -30.60 6.84
CA HIS C 950 22.85 -29.90 7.58
C HIS C 950 22.54 -29.82 9.08
N LEU C 951 21.28 -30.03 9.48
CA LEU C 951 20.92 -30.09 10.92
C LEU C 951 21.49 -31.36 11.52
N THR C 952 21.85 -31.35 12.80
CA THR C 952 22.23 -32.57 13.55
C THR C 952 20.96 -33.29 13.99
N SER C 953 21.07 -34.58 14.27
CA SER C 953 19.99 -35.41 14.85
C SER C 953 19.52 -34.76 16.16
N GLU C 954 20.47 -34.23 16.93
CA GLU C 954 20.19 -33.63 18.27
C GLU C 954 19.35 -32.36 18.09
N GLN C 955 19.68 -31.52 17.11
CA GLN C 955 18.90 -30.29 16.82
C GLN C 955 17.45 -30.67 16.52
N ILE C 956 17.24 -31.68 15.68
CA ILE C 956 15.87 -32.07 15.23
C ILE C 956 15.12 -32.66 16.42
N ALA C 957 15.76 -33.58 17.16
CA ALA C 957 15.17 -34.24 18.35
C ALA C 957 14.77 -33.19 19.40
N SER C 958 15.62 -32.19 19.67
CA SER C 958 15.37 -31.15 20.72
C SER C 958 14.21 -30.24 20.27
N PHE C 959 14.23 -29.82 19.01
CA PHE C 959 13.15 -29.05 18.35
C PHE C 959 11.80 -29.77 18.48
N LEU C 960 11.75 -31.06 18.14
CA LEU C 960 10.48 -31.85 18.09
C LEU C 960 10.00 -32.08 19.53
N SER C 961 10.93 -32.33 20.45
CA SER C 961 10.63 -32.50 21.89
C SER C 961 10.00 -31.21 22.43
N ALA C 962 10.51 -30.03 22.06
CA ALA C 962 9.93 -28.72 22.43
C ALA C 962 8.53 -28.54 21.79
N LEU C 963 8.42 -28.77 20.49
CA LEU C 963 7.14 -28.64 19.75
C LEU C 963 6.05 -29.47 20.45
N THR C 964 6.32 -30.74 20.74
CA THR C 964 5.42 -31.69 21.46
C THR C 964 4.93 -31.07 22.78
N LYS C 965 5.87 -30.61 23.62
CA LYS C 965 5.58 -30.09 24.99
C LYS C 965 4.75 -28.81 24.92
N GLN C 966 4.86 -28.05 23.83
CA GLN C 966 4.34 -26.67 23.71
C GLN C 966 3.10 -26.64 22.82
N CYS C 967 2.53 -27.80 22.47
CA CYS C 967 1.44 -27.92 21.46
C CYS C 967 0.07 -27.55 22.06
N LYS C 968 0.02 -27.04 23.30
CA LYS C 968 -1.18 -26.41 23.90
C LYS C 968 -0.87 -24.98 24.34
N ASP C 969 0.18 -24.35 23.79
CA ASP C 969 0.63 -22.98 24.16
C ASP C 969 1.11 -22.24 22.89
N LEU C 970 0.18 -21.60 22.18
CA LEU C 970 0.43 -21.08 20.80
C LEU C 970 1.64 -20.14 20.77
N VAL C 971 1.68 -19.12 21.64
CA VAL C 971 2.76 -18.09 21.60
C VAL C 971 4.12 -18.77 21.74
N VAL C 972 4.25 -19.77 22.60
CA VAL C 972 5.56 -20.44 22.90
C VAL C 972 5.91 -21.38 21.73
N PHE C 973 4.94 -22.18 21.29
CA PHE C 973 4.99 -23.03 20.07
C PHE C 973 5.52 -22.23 18.89
N LYS C 974 4.96 -21.03 18.66
CA LYS C 974 5.38 -20.10 17.59
C LYS C 974 6.83 -19.66 17.83
N GLY C 975 7.20 -19.36 19.08
CA GLY C 975 8.60 -19.03 19.42
C GLY C 975 9.54 -20.14 18.96
N THR C 976 9.18 -21.40 19.25
CA THR C 976 9.98 -22.60 18.90
C THR C 976 10.05 -22.71 17.36
N LEU C 977 8.93 -22.53 16.66
CA LEU C 977 8.93 -22.54 15.18
C LEU C 977 9.90 -21.47 14.66
N ARG C 978 9.84 -20.24 15.18
CA ARG C 978 10.72 -19.13 14.73
C ARG C 978 12.19 -19.48 15.01
N ASP C 979 12.47 -20.11 16.15
CA ASP C 979 13.83 -20.57 16.52
C ASP C 979 14.32 -21.54 15.44
N PHE C 980 13.47 -22.49 15.05
CA PHE C 980 13.80 -23.49 14.00
C PHE C 980 14.10 -22.79 12.67
N LEU C 981 13.29 -21.80 12.28
CA LEU C 981 13.47 -21.01 11.03
C LEU C 981 14.82 -20.30 11.04
N VAL C 982 15.29 -19.85 12.21
CA VAL C 982 16.66 -19.27 12.36
C VAL C 982 17.68 -20.38 12.17
N GLN C 983 17.55 -21.51 12.86
CA GLN C 983 18.61 -22.56 12.88
C GLN C 983 18.75 -23.21 11.49
N ILE C 984 17.68 -23.34 10.70
CA ILE C 984 17.77 -24.02 9.37
C ILE C 984 18.58 -23.14 8.41
N LYS C 985 18.79 -21.86 8.73
CA LYS C 985 19.48 -20.90 7.82
C LYS C 985 20.99 -20.91 8.09
N GLU C 986 21.45 -21.67 9.09
CA GLU C 986 22.88 -21.74 9.44
C GLU C 986 23.27 -23.17 9.82
N VAL C 987 24.57 -23.39 10.02
CA VAL C 987 25.13 -24.70 10.45
C VAL C 987 25.53 -24.57 11.91
N GLY C 988 25.26 -25.61 12.70
CA GLY C 988 25.79 -25.74 14.08
C GLY C 988 24.93 -24.99 15.08
N GLY C 989 23.66 -24.71 14.78
CA GLY C 989 22.68 -24.18 15.76
C GLY C 989 22.70 -25.00 17.05
N ASP C 990 22.64 -24.34 18.21
CA ASP C 990 22.74 -25.00 19.53
C ASP C 990 21.40 -25.68 19.82
N PRO C 991 21.36 -27.00 20.04
CA PRO C 991 20.10 -27.69 20.30
C PRO C 991 19.45 -27.30 21.63
N THR C 992 20.22 -26.77 22.59
CA THR C 992 19.67 -26.34 23.92
C THR C 992 18.81 -25.09 23.76
N ASP C 993 18.89 -24.39 22.62
CA ASP C 993 18.06 -23.22 22.30
C ASP C 993 16.57 -23.56 22.47
N TYR C 994 16.16 -24.80 22.21
CA TYR C 994 14.74 -25.24 22.24
C TYR C 994 14.25 -25.48 23.67
N LEU C 995 15.10 -25.29 24.69
CA LEU C 995 14.69 -25.32 26.12
C LEU C 995 14.39 -23.91 26.64
N PHE C 996 14.44 -22.89 25.77
CA PHE C 996 14.23 -21.48 26.19
C PHE C 996 12.87 -21.34 26.88
N ALA C 997 12.85 -20.67 28.05
CA ALA C 997 11.66 -20.55 28.94
C ALA C 997 11.42 -19.09 29.34
MG MG D . 11.60 -5.67 -9.65
PG GTP E . 11.07 -7.60 -7.12
O1G GTP E . 10.90 -9.08 -6.92
O2G GTP E . 11.72 -7.27 -8.46
O3G GTP E . 11.76 -6.95 -5.94
O3B GTP E . 9.59 -6.96 -7.15
PB GTP E . 9.03 -5.53 -7.62
O1B GTP E . 8.83 -4.73 -6.39
O2B GTP E . 9.90 -5.01 -8.71
O3A GTP E . 7.59 -5.96 -8.24
PA GTP E . 7.06 -5.61 -9.72
O1A GTP E . 7.19 -4.15 -9.95
O2A GTP E . 7.75 -6.50 -10.68
O5' GTP E . 5.49 -5.95 -9.75
C5' GTP E . 4.64 -6.20 -8.65
C4' GTP E . 3.26 -6.60 -9.15
O4' GTP E . 2.33 -5.61 -8.65
C3' GTP E . 3.02 -6.66 -10.67
O3' GTP E . 2.05 -7.64 -11.02
C2' GTP E . 2.48 -5.25 -10.98
O2' GTP E . 1.64 -5.17 -12.10
C1' GTP E . 1.68 -4.96 -9.71
N9 GTP E . 1.61 -3.55 -9.36
C8 GTP E . 2.65 -2.66 -9.29
N7 GTP E . 2.29 -1.46 -8.91
C5 GTP E . 0.92 -1.58 -8.68
C6 GTP E . -0.01 -0.61 -8.24
O6 GTP E . 0.19 0.57 -7.95
N1 GTP E . -1.28 -1.16 -8.14
C2 GTP E . -1.62 -2.46 -8.43
N2 GTP E . -2.92 -2.79 -8.29
N3 GTP E . -0.74 -3.37 -8.85
C4 GTP E . 0.50 -2.86 -8.95
S DMS F . -6.10 6.12 -6.63
O DMS F . -6.25 6.76 -5.26
C1 DMS F . -7.60 5.19 -6.90
C2 DMS F . -6.43 7.43 -7.79
S DMS G . 16.11 -7.15 4.01
O DMS G . 16.87 -6.16 4.86
C1 DMS G . 14.56 -7.47 4.83
C2 DMS G . 16.88 -8.73 4.32
CL CL H . 14.39 8.76 -19.65
CL CL I . -0.25 4.08 -43.19
O11 G6U J . -26.75 26.86 -4.87
S10 G6U J . -26.96 28.32 -4.67
C12 G6U J . -28.46 28.35 -3.95
C13 G6U J . -29.46 29.28 -4.32
C17 G6U J . -28.74 27.44 -2.92
C16 G6U J . -29.99 27.44 -2.28
C18 G6U J . -30.32 26.49 -1.16
F19 G6U J . -31.31 25.69 -1.52
F20 G6U J . -30.71 27.20 -0.12
F21 G6U J . -29.28 25.74 -0.87
C15 G6U J . -30.96 28.36 -2.65
C14 G6U J . -30.70 29.28 -3.68
C22 G6U J . -31.79 30.26 -4.05
F24 G6U J . -32.29 30.78 -2.93
F23 G6U J . -31.30 31.24 -4.79
F25 G6U J . -32.74 29.62 -4.71
C09 G6U J . -27.24 29.24 -5.98
C08 G6U J . -27.44 28.75 -7.20
C07 G6U J . -27.68 29.66 -8.40
N06 G6U J . -26.53 29.68 -9.33
C05 G6U J . -26.03 28.31 -9.61
C04 G6U J . -25.16 28.27 -10.87
C02 G6U J . -24.05 27.21 -10.80
C01 G6U J . -23.29 27.16 -12.13
C03 G6U J . -24.51 25.82 -10.39
S DMS K . 12.20 28.62 26.89
O DMS K . 11.04 29.24 27.62
C1 DMS K . 13.65 29.16 27.75
C2 DMS K . 12.46 29.57 25.41
S DMS L . 9.84 -30.21 4.73
O DMS L . 9.66 -28.77 5.13
C1 DMS L . 10.35 -30.18 3.02
C2 DMS L . 8.20 -30.85 4.47
C1 GOL M . 39.81 9.87 22.69
O1 GOL M . 40.95 9.50 21.90
C2 GOL M . 39.97 9.47 24.14
O2 GOL M . 39.36 10.45 24.98
C3 GOL M . 39.39 8.10 24.45
O3 GOL M . 39.51 7.77 25.83
S DMS N . -13.92 13.85 18.74
O DMS N . -14.87 14.02 17.58
C1 DMS N . -14.25 12.23 19.41
C2 DMS N . -14.60 14.82 20.06
CL CL O . 1.05 14.56 31.00
CL CL P . -9.07 30.06 -8.02
CL CL Q . -52.00 2.07 -0.34
S1 MPO R . 6.37 7.97 16.30
O1 MPO R . 5.80 9.08 15.59
O2 MPO R . 7.81 7.62 15.80
O4 MPO R . 2.42 13.05 20.32
N1 MPO R . 4.54 11.60 19.03
C1 MPO R . 6.57 8.49 17.99
O3 MPO R . 5.62 6.75 16.36
C2 MPO R . 6.28 9.95 18.22
C3 MPO R . 4.82 10.25 18.48
C4 MPO R . 4.23 11.45 20.45
C5 MPO R . 3.59 12.68 21.03
C6 MPO R . 2.75 13.35 18.98
C7 MPO R . 3.43 12.21 18.26
CL CL S . -35.48 12.19 12.52
CL CL T . 8.50 13.92 8.28
S DMS U . -2.93 -29.27 -7.57
O DMS U . -2.63 -29.60 -6.13
C1 DMS U . -2.42 -30.70 -8.50
C2 DMS U . -4.69 -29.42 -7.75
CL CL V . 22.75 -23.40 5.09
CL CL W . 8.01 -16.14 10.20
#